data_2A25
# 
_entry.id   2A25 
# 
_audit_conform.dict_name       mmcif_pdbx.dic 
_audit_conform.dict_version    5.376 
_audit_conform.dict_location   http://mmcif.pdb.org/dictionaries/ascii/mmcif_pdbx.dic 
# 
loop_
_database_2.database_id 
_database_2.database_code 
_database_2.pdbx_database_accession 
_database_2.pdbx_DOI 
PDB   2A25         pdb_00002a25 10.2210/pdb2a25/pdb 
RCSB  RCSB033397   ?            ?                   
WWPDB D_1000033397 ?            ?                   
# 
loop_
_pdbx_database_related.db_name 
_pdbx_database_related.db_id 
_pdbx_database_related.details 
_pdbx_database_related.content_type 
PDB 1k2f . unspecified 
PDB 2a26 . unspecified 
# 
_pdbx_database_status.status_code                     REL 
_pdbx_database_status.entry_id                        2A25 
_pdbx_database_status.recvd_initial_deposition_date   2005-06-21 
_pdbx_database_status.deposit_site                    RCSB 
_pdbx_database_status.process_site                    RCSB 
_pdbx_database_status.status_code_sf                  REL 
_pdbx_database_status.status_code_mr                  ? 
_pdbx_database_status.SG_entry                        N 
_pdbx_database_status.pdb_format_compatible           Y 
_pdbx_database_status.status_code_cs                  ? 
_pdbx_database_status.status_code_nmr_data            ? 
_pdbx_database_status.methods_development_category    ? 
# 
loop_
_audit_author.name 
_audit_author.pdbx_ordinal 
'Santelli, E.'     1  
'Leone, M.'        2  
'Li, C.'           3  
'Fukushima, T.'    4  
'Preece, N.E.'     5  
'Olson, A.J.'      6  
'Ely, K.R.'        7  
'Reed, J.C.'       8  
'Pellecchia, M.'   9  
'Liddington, R.C.' 10 
'Matsuzawa, S.'    11 
# 
_citation.id                        primary 
_citation.title                     
;Structural Analysis of Siah1-Siah-interacting Protein Interactions and Insights into the Assembly of an E3 Ligase Multiprotein Complex
;
_citation.journal_abbrev            J.Biol.Chem. 
_citation.journal_volume            280 
_citation.page_first                34278 
_citation.page_last                 34287 
_citation.year                      2005 
_citation.journal_id_ASTM           JBCHA3 
_citation.country                   US 
_citation.journal_id_ISSN           0021-9258 
_citation.journal_id_CSD            0071 
_citation.book_publisher            ? 
_citation.pdbx_database_id_PubMed   16085652 
_citation.pdbx_database_id_DOI      10.1074/jbc.M506707200 
# 
loop_
_citation_author.citation_id 
_citation_author.name 
_citation_author.ordinal 
_citation_author.identifier_ORCID 
primary 'Santelli, E.'     1  ? 
primary 'Leone, M.'        2  ? 
primary 'Li, C.'           3  ? 
primary 'Fukushima, T.'    4  ? 
primary 'Preece, N.E.'     5  ? 
primary 'Olson, A.J.'      6  ? 
primary 'Ely, K.R.'        7  ? 
primary 'Reed, J.C.'       8  ? 
primary 'Pellecchia, M.'   9  ? 
primary 'Liddington, R.C.' 10 ? 
primary 'Matsuzawa, S.'    11 ? 
# 
_cell.entry_id           2A25 
_cell.length_a           47.635 
_cell.length_b           107.761 
_cell.length_c           78.414 
_cell.angle_alpha        90.00 
_cell.angle_beta         90.00 
_cell.angle_gamma        90.00 
_cell.Z_PDB              8 
_cell.pdbx_unique_axis   ? 
# 
_symmetry.entry_id                         2A25 
_symmetry.space_group_name_H-M             'C 2 2 21' 
_symmetry.pdbx_full_space_group_name_H-M   ? 
_symmetry.cell_setting                     ? 
_symmetry.Int_Tables_number                20 
_symmetry.space_group_name_Hall            ? 
# 
loop_
_entity.id 
_entity.type 
_entity.src_method 
_entity.pdbx_description 
_entity.formula_weight 
_entity.pdbx_number_of_molecules 
_entity.pdbx_ec 
_entity.pdbx_mutation 
_entity.pdbx_fragment 
_entity.details 
1 polymer     man 'Ubiquitin ligase SIAH1'            21693.820 1   6.3.2.- ? 'Substrate binding domain (residues 90-282)' ? 
2 polymer     syn 'Calcyclin-binding protein peptide' 1254.451  1   ?       ? ?                                            
'Siah binding motif' 
3 non-polymer syn 'ZINC ION'                          65.409    1   ?       ? ?                                            ? 
4 water       nat water                               18.015    100 ?       ? ?                                            ? 
# 
loop_
_entity_name_com.entity_id 
_entity_name_com.name 
1 'Seven in absentia homolog 1, Siah-1, Siah-1a'                                
2 'CacyBP, hCacyBP, Siah-interacting protein, S100A6-binding protein, PNAS-107' 
# 
loop_
_entity_poly.entity_id 
_entity_poly.type 
_entity_poly.nstd_linkage 
_entity_poly.nstd_monomer 
_entity_poly.pdbx_seq_one_letter_code 
_entity_poly.pdbx_seq_one_letter_code_can 
_entity_poly.pdbx_strand_id 
_entity_poly.pdbx_target_identifier 
1 'polypeptide(L)' no no 
;VANSVLFPCKYASSGCEITLPHTEKADHEELCEFRPYSCPCPGASCKWQGSLDAVMPHLMHQHKSITTLQGEDIVFLATD
INLPGAVDWVMMQSCFGFHFMLVLEKQEKYDGHQQFFAIVQLIGTRKQAENFAYRLELNGHRRRLTWEATPRSIHEGIAT
AIMNSDCLVFDTSIAQLFAENGNLGINVTISMC
;
;VANSVLFPCKYASSGCEITLPHTEKADHEELCEFRPYSCPCPGASCKWQGSLDAVMPHLMHQHKSITTLQGEDIVFLATD
INLPGAVDWVMMQSCFGFHFMLVLEKQEKYDGHQQFFAIVQLIGTRKQAENFAYRLELNGHRRRLTWEATPRSIHEGIAT
AIMNSDCLVFDTSIAQLFAENGNLGINVTISMC
;
A ? 
2 'polypeptide(L)' no no EKPAAVVAPITTG EKPAAVVAPITTG B ? 
# 
loop_
_entity_poly_seq.entity_id 
_entity_poly_seq.num 
_entity_poly_seq.mon_id 
_entity_poly_seq.hetero 
1 1   VAL n 
1 2   ALA n 
1 3   ASN n 
1 4   SER n 
1 5   VAL n 
1 6   LEU n 
1 7   PHE n 
1 8   PRO n 
1 9   CYS n 
1 10  LYS n 
1 11  TYR n 
1 12  ALA n 
1 13  SER n 
1 14  SER n 
1 15  GLY n 
1 16  CYS n 
1 17  GLU n 
1 18  ILE n 
1 19  THR n 
1 20  LEU n 
1 21  PRO n 
1 22  HIS n 
1 23  THR n 
1 24  GLU n 
1 25  LYS n 
1 26  ALA n 
1 27  ASP n 
1 28  HIS n 
1 29  GLU n 
1 30  GLU n 
1 31  LEU n 
1 32  CYS n 
1 33  GLU n 
1 34  PHE n 
1 35  ARG n 
1 36  PRO n 
1 37  TYR n 
1 38  SER n 
1 39  CYS n 
1 40  PRO n 
1 41  CYS n 
1 42  PRO n 
1 43  GLY n 
1 44  ALA n 
1 45  SER n 
1 46  CYS n 
1 47  LYS n 
1 48  TRP n 
1 49  GLN n 
1 50  GLY n 
1 51  SER n 
1 52  LEU n 
1 53  ASP n 
1 54  ALA n 
1 55  VAL n 
1 56  MET n 
1 57  PRO n 
1 58  HIS n 
1 59  LEU n 
1 60  MET n 
1 61  HIS n 
1 62  GLN n 
1 63  HIS n 
1 64  LYS n 
1 65  SER n 
1 66  ILE n 
1 67  THR n 
1 68  THR n 
1 69  LEU n 
1 70  GLN n 
1 71  GLY n 
1 72  GLU n 
1 73  ASP n 
1 74  ILE n 
1 75  VAL n 
1 76  PHE n 
1 77  LEU n 
1 78  ALA n 
1 79  THR n 
1 80  ASP n 
1 81  ILE n 
1 82  ASN n 
1 83  LEU n 
1 84  PRO n 
1 85  GLY n 
1 86  ALA n 
1 87  VAL n 
1 88  ASP n 
1 89  TRP n 
1 90  VAL n 
1 91  MET n 
1 92  MET n 
1 93  GLN n 
1 94  SER n 
1 95  CYS n 
1 96  PHE n 
1 97  GLY n 
1 98  PHE n 
1 99  HIS n 
1 100 PHE n 
1 101 MET n 
1 102 LEU n 
1 103 VAL n 
1 104 LEU n 
1 105 GLU n 
1 106 LYS n 
1 107 GLN n 
1 108 GLU n 
1 109 LYS n 
1 110 TYR n 
1 111 ASP n 
1 112 GLY n 
1 113 HIS n 
1 114 GLN n 
1 115 GLN n 
1 116 PHE n 
1 117 PHE n 
1 118 ALA n 
1 119 ILE n 
1 120 VAL n 
1 121 GLN n 
1 122 LEU n 
1 123 ILE n 
1 124 GLY n 
1 125 THR n 
1 126 ARG n 
1 127 LYS n 
1 128 GLN n 
1 129 ALA n 
1 130 GLU n 
1 131 ASN n 
1 132 PHE n 
1 133 ALA n 
1 134 TYR n 
1 135 ARG n 
1 136 LEU n 
1 137 GLU n 
1 138 LEU n 
1 139 ASN n 
1 140 GLY n 
1 141 HIS n 
1 142 ARG n 
1 143 ARG n 
1 144 ARG n 
1 145 LEU n 
1 146 THR n 
1 147 TRP n 
1 148 GLU n 
1 149 ALA n 
1 150 THR n 
1 151 PRO n 
1 152 ARG n 
1 153 SER n 
1 154 ILE n 
1 155 HIS n 
1 156 GLU n 
1 157 GLY n 
1 158 ILE n 
1 159 ALA n 
1 160 THR n 
1 161 ALA n 
1 162 ILE n 
1 163 MET n 
1 164 ASN n 
1 165 SER n 
1 166 ASP n 
1 167 CYS n 
1 168 LEU n 
1 169 VAL n 
1 170 PHE n 
1 171 ASP n 
1 172 THR n 
1 173 SER n 
1 174 ILE n 
1 175 ALA n 
1 176 GLN n 
1 177 LEU n 
1 178 PHE n 
1 179 ALA n 
1 180 GLU n 
1 181 ASN n 
1 182 GLY n 
1 183 ASN n 
1 184 LEU n 
1 185 GLY n 
1 186 ILE n 
1 187 ASN n 
1 188 VAL n 
1 189 THR n 
1 190 ILE n 
1 191 SER n 
1 192 MET n 
1 193 CYS n 
2 1   GLU n 
2 2   LYS n 
2 3   PRO n 
2 4   ALA n 
2 5   ALA n 
2 6   VAL n 
2 7   VAL n 
2 8   ALA n 
2 9   PRO n 
2 10  ILE n 
2 11  THR n 
2 12  THR n 
2 13  GLY n 
# 
_entity_src_gen.entity_id                          1 
_entity_src_gen.pdbx_src_id                        1 
_entity_src_gen.pdbx_alt_source_flag               sample 
_entity_src_gen.pdbx_seq_type                      ? 
_entity_src_gen.pdbx_beg_seq_num                   ? 
_entity_src_gen.pdbx_end_seq_num                   ? 
_entity_src_gen.gene_src_common_name               human 
_entity_src_gen.gene_src_genus                     Homo 
_entity_src_gen.pdbx_gene_src_gene                 'SIAH1, HUMSIAH' 
_entity_src_gen.gene_src_species                   ? 
_entity_src_gen.gene_src_strain                    ? 
_entity_src_gen.gene_src_tissue                    ? 
_entity_src_gen.gene_src_tissue_fraction           ? 
_entity_src_gen.gene_src_details                   ? 
_entity_src_gen.pdbx_gene_src_fragment             ? 
_entity_src_gen.pdbx_gene_src_scientific_name      'Homo sapiens' 
_entity_src_gen.pdbx_gene_src_ncbi_taxonomy_id     9606 
_entity_src_gen.pdbx_gene_src_variant              ? 
_entity_src_gen.pdbx_gene_src_cell_line            ? 
_entity_src_gen.pdbx_gene_src_atcc                 ? 
_entity_src_gen.pdbx_gene_src_organ                ? 
_entity_src_gen.pdbx_gene_src_organelle            ? 
_entity_src_gen.pdbx_gene_src_cell                 ? 
_entity_src_gen.pdbx_gene_src_cellular_location    ? 
_entity_src_gen.host_org_common_name               ? 
_entity_src_gen.pdbx_host_org_scientific_name      'Escherichia coli BL21(DE3)' 
_entity_src_gen.pdbx_host_org_ncbi_taxonomy_id     469008 
_entity_src_gen.host_org_genus                     Escherichia 
_entity_src_gen.pdbx_host_org_gene                 ? 
_entity_src_gen.pdbx_host_org_organ                ? 
_entity_src_gen.host_org_species                   'Escherichia coli' 
_entity_src_gen.pdbx_host_org_tissue               ? 
_entity_src_gen.pdbx_host_org_tissue_fraction      ? 
_entity_src_gen.pdbx_host_org_strain               'BL21(DE3)' 
_entity_src_gen.pdbx_host_org_variant              ? 
_entity_src_gen.pdbx_host_org_cell_line            ? 
_entity_src_gen.pdbx_host_org_atcc                 ? 
_entity_src_gen.pdbx_host_org_culture_collection   ? 
_entity_src_gen.pdbx_host_org_cell                 ? 
_entity_src_gen.pdbx_host_org_organelle            ? 
_entity_src_gen.pdbx_host_org_cellular_location    ? 
_entity_src_gen.pdbx_host_org_vector_type          plasmid 
_entity_src_gen.pdbx_host_org_vector               ? 
_entity_src_gen.host_org_details                   ? 
_entity_src_gen.expression_system_id               ? 
_entity_src_gen.plasmid_name                       pET15b 
_entity_src_gen.plasmid_details                    ? 
_entity_src_gen.pdbx_description                   ? 
# 
_pdbx_entity_src_syn.entity_id              2 
_pdbx_entity_src_syn.pdbx_src_id            1 
_pdbx_entity_src_syn.pdbx_alt_source_flag   sample 
_pdbx_entity_src_syn.pdbx_beg_seq_num       ? 
_pdbx_entity_src_syn.pdbx_end_seq_num       ? 
_pdbx_entity_src_syn.organism_scientific    ? 
_pdbx_entity_src_syn.organism_common_name   ? 
_pdbx_entity_src_syn.ncbi_taxonomy_id       ? 
_pdbx_entity_src_syn.details                
'The peptide was chemically synthesized. The sequence of the peptide can be naturally found in Homo sapiens (human)' 
# 
loop_
_struct_ref.id 
_struct_ref.db_name 
_struct_ref.db_code 
_struct_ref.pdbx_db_accession 
_struct_ref.entity_id 
_struct_ref.pdbx_seq_one_letter_code 
_struct_ref.pdbx_align_begin 
_struct_ref.pdbx_db_isoform 
1 UNP SIAH1_HUMAN Q8IUQ4 1 
;VANSVLFPCKYASSGCEITLPHTEKADHEELCEFRPYSCPCPGASCKWQGSLDAVMPHLMHQHKSITTLQGEDIVFLATD
INLPGAVDWVMMQSCFGFHFMLVLEKQEKYDGHQQFFAIVQLIGTRKQAENFAYRLELNGHRRRLTWEATPRSIHEGIAT
AIMNSDCLVFDTSIAQLFAENGNLGINVTISMC
;
90 ? 
2 UNP CYBP_HUMAN  Q9HB71 2 EKPAAVVAPITTG 58 ? 
# 
loop_
_struct_ref_seq.align_id 
_struct_ref_seq.ref_id 
_struct_ref_seq.pdbx_PDB_id_code 
_struct_ref_seq.pdbx_strand_id 
_struct_ref_seq.seq_align_beg 
_struct_ref_seq.pdbx_seq_align_beg_ins_code 
_struct_ref_seq.seq_align_end 
_struct_ref_seq.pdbx_seq_align_end_ins_code 
_struct_ref_seq.pdbx_db_accession 
_struct_ref_seq.db_align_beg 
_struct_ref_seq.pdbx_db_align_beg_ins_code 
_struct_ref_seq.db_align_end 
_struct_ref_seq.pdbx_db_align_end_ins_code 
_struct_ref_seq.pdbx_auth_seq_align_beg 
_struct_ref_seq.pdbx_auth_seq_align_end 
1 1 2A25 A 1 ? 193 ? Q8IUQ4 90 ? 282 ? 90 282 
2 2 2A25 B 1 ? 13  ? Q9HB71 58 ? 70  ? 58 70  
# 
loop_
_chem_comp.id 
_chem_comp.type 
_chem_comp.mon_nstd_flag 
_chem_comp.name 
_chem_comp.pdbx_synonyms 
_chem_comp.formula 
_chem_comp.formula_weight 
ALA 'L-peptide linking' y ALANINE         ? 'C3 H7 N O2'     89.093  
ARG 'L-peptide linking' y ARGININE        ? 'C6 H15 N4 O2 1' 175.209 
ASN 'L-peptide linking' y ASPARAGINE      ? 'C4 H8 N2 O3'    132.118 
ASP 'L-peptide linking' y 'ASPARTIC ACID' ? 'C4 H7 N O4'     133.103 
CYS 'L-peptide linking' y CYSTEINE        ? 'C3 H7 N O2 S'   121.158 
GLN 'L-peptide linking' y GLUTAMINE       ? 'C5 H10 N2 O3'   146.144 
GLU 'L-peptide linking' y 'GLUTAMIC ACID' ? 'C5 H9 N O4'     147.129 
GLY 'peptide linking'   y GLYCINE         ? 'C2 H5 N O2'     75.067  
HIS 'L-peptide linking' y HISTIDINE       ? 'C6 H10 N3 O2 1' 156.162 
HOH non-polymer         . WATER           ? 'H2 O'           18.015  
ILE 'L-peptide linking' y ISOLEUCINE      ? 'C6 H13 N O2'    131.173 
LEU 'L-peptide linking' y LEUCINE         ? 'C6 H13 N O2'    131.173 
LYS 'L-peptide linking' y LYSINE          ? 'C6 H15 N2 O2 1' 147.195 
MET 'L-peptide linking' y METHIONINE      ? 'C5 H11 N O2 S'  149.211 
PHE 'L-peptide linking' y PHENYLALANINE   ? 'C9 H11 N O2'    165.189 
PRO 'L-peptide linking' y PROLINE         ? 'C5 H9 N O2'     115.130 
SER 'L-peptide linking' y SERINE          ? 'C3 H7 N O3'     105.093 
THR 'L-peptide linking' y THREONINE       ? 'C4 H9 N O3'     119.119 
TRP 'L-peptide linking' y TRYPTOPHAN      ? 'C11 H12 N2 O2'  204.225 
TYR 'L-peptide linking' y TYROSINE        ? 'C9 H11 N O3'    181.189 
VAL 'L-peptide linking' y VALINE          ? 'C5 H11 N O2'    117.146 
ZN  non-polymer         . 'ZINC ION'      ? 'Zn 2'           65.409  
# 
_exptl.entry_id          2A25 
_exptl.method            'X-RAY DIFFRACTION' 
_exptl.crystals_number   1 
# 
_exptl_crystal.id                    1 
_exptl_crystal.density_meas          ? 
_exptl_crystal.density_Matthews      2.94 
_exptl_crystal.density_percent_sol   58 
_exptl_crystal.description           ? 
_exptl_crystal.F_000                 ? 
_exptl_crystal.preparation           ? 
# 
_exptl_crystal_grow.crystal_id      1 
_exptl_crystal_grow.method          'VAPOR DIFFUSION, SITTING DROP' 
_exptl_crystal_grow.temp            293 
_exptl_crystal_grow.temp_details    ? 
_exptl_crystal_grow.pH              6.0 
_exptl_crystal_grow.pdbx_details    
;sodium dihydrogen phospahte, di-potassium hydrogen phosphate, dithiothreithol, pH 6.0, VAPOR DIFFUSION, SITTING DROP, temperature 293K
;
_exptl_crystal_grow.pdbx_pH_range   . 
# 
_diffrn.id                     1 
_diffrn.ambient_temp           100 
_diffrn.ambient_temp_details   ? 
_diffrn.crystal_id             1 
# 
_diffrn_detector.diffrn_id              1 
_diffrn_detector.detector               'IMAGE PLATE' 
_diffrn_detector.type                   'RIGAKU RAXIS IV' 
_diffrn_detector.pdbx_collection_date   2004-06-17 
_diffrn_detector.details                ? 
# 
_diffrn_radiation.diffrn_id                        1 
_diffrn_radiation.wavelength_id                    1 
_diffrn_radiation.pdbx_monochromatic_or_laue_m_l   M 
_diffrn_radiation.monochromator                    ? 
_diffrn_radiation.pdbx_diffrn_protocol             'SINGLE WAVELENGTH' 
_diffrn_radiation.pdbx_scattering_type             x-ray 
# 
_diffrn_radiation_wavelength.id           1 
_diffrn_radiation_wavelength.wavelength   1.5418 
_diffrn_radiation_wavelength.wt           1.0 
# 
_diffrn_source.diffrn_id                   1 
_diffrn_source.source                      'ROTATING ANODE' 
_diffrn_source.type                        'RIGAKU FR-E' 
_diffrn_source.pdbx_synchrotron_site       ? 
_diffrn_source.pdbx_synchrotron_beamline   ? 
_diffrn_source.pdbx_wavelength             ? 
_diffrn_source.pdbx_wavelength_list        1.5418 
# 
_reflns.entry_id                     2A25 
_reflns.observed_criterion_sigma_F   0 
_reflns.observed_criterion_sigma_I   -4 
_reflns.d_resolution_high            2.2 
_reflns.d_resolution_low             50 
_reflns.number_all                   ? 
_reflns.number_obs                   10567 
_reflns.percent_possible_obs         ? 
_reflns.pdbx_Rmerge_I_obs            0.043 
_reflns.pdbx_Rsym_value              ? 
_reflns.pdbx_netI_over_sigmaI        27.0 
_reflns.B_iso_Wilson_estimate        39.7 
_reflns.pdbx_redundancy              3.9 
_reflns.R_free_details               ? 
_reflns.limit_h_max                  ? 
_reflns.limit_h_min                  ? 
_reflns.limit_k_max                  ? 
_reflns.limit_k_min                  ? 
_reflns.limit_l_max                  ? 
_reflns.limit_l_min                  ? 
_reflns.observed_criterion_F_max     ? 
_reflns.observed_criterion_F_min     ? 
_reflns.pdbx_chi_squared             ? 
_reflns.pdbx_scaling_rejects         ? 
_reflns.pdbx_ordinal                 1 
_reflns.pdbx_diffrn_id               1 
# 
_reflns_shell.d_res_high             2.20 
_reflns_shell.d_res_low              2.28 
_reflns_shell.percent_possible_all   ? 
_reflns_shell.Rmerge_I_obs           0.365 
_reflns_shell.pdbx_Rsym_value        ? 
_reflns_shell.meanI_over_sigI_obs    4.0 
_reflns_shell.pdbx_redundancy        ? 
_reflns_shell.percent_possible_obs   ? 
_reflns_shell.number_unique_all      ? 
_reflns_shell.number_measured_all    ? 
_reflns_shell.number_measured_obs    ? 
_reflns_shell.number_unique_obs      ? 
_reflns_shell.pdbx_chi_squared       ? 
_reflns_shell.pdbx_ordinal           1 
_reflns_shell.pdbx_diffrn_id         1 
# 
_refine.entry_id                                 2A25 
_refine.ls_number_reflns_obs                     10527 
_refine.ls_number_reflns_all                     ? 
_refine.pdbx_ls_sigma_I                          ? 
_refine.pdbx_ls_sigma_F                          0 
_refine.pdbx_data_cutoff_high_absF               ? 
_refine.pdbx_data_cutoff_low_absF                ? 
_refine.pdbx_data_cutoff_high_rms_absF           ? 
_refine.ls_d_res_low                             29.11 
_refine.ls_d_res_high                            2.20 
_refine.ls_percent_reflns_obs                    99.36 
_refine.ls_R_factor_obs                          0.21529 
_refine.ls_R_factor_all                          ? 
_refine.ls_R_factor_R_work                       0.21342 
_refine.ls_R_factor_R_free                       0.252 
_refine.ls_R_factor_R_free_error                 ? 
_refine.ls_R_factor_R_free_error_details         ? 
_refine.ls_percent_reflns_R_free                 5.0 
_refine.ls_number_reflns_R_free                  524 
_refine.ls_number_parameters                     ? 
_refine.ls_number_restraints                     ? 
_refine.occupancy_min                            ? 
_refine.occupancy_max                            ? 
_refine.correlation_coeff_Fo_to_Fc               0.949 
_refine.correlation_coeff_Fo_to_Fc_free          0.936 
_refine.B_iso_mean                               26.770 
_refine.aniso_B[1][1]                            -1.66 
_refine.aniso_B[2][2]                            1.36 
_refine.aniso_B[3][3]                            0.30 
_refine.aniso_B[1][2]                            0.00 
_refine.aniso_B[1][3]                            0.00 
_refine.aniso_B[2][3]                            0.00 
_refine.solvent_model_details                    MASK 
_refine.solvent_model_param_ksol                 ? 
_refine.solvent_model_param_bsol                 ? 
_refine.pdbx_solvent_vdw_probe_radii             1.40 
_refine.pdbx_solvent_ion_probe_radii             0.80 
_refine.pdbx_solvent_shrinkage_radii             0.80 
_refine.pdbx_ls_cross_valid_method               THROUGHOUT 
_refine.details                                  'HYDROGENS HAVE BEEN ADDED IN THE RIDING POSITIONS' 
_refine.pdbx_starting_model                      'pdb entry 1k2f chain A' 
_refine.pdbx_method_to_determine_struct          'MOLECULAR REPLACEMENT' 
_refine.pdbx_isotropic_thermal_model             ? 
_refine.pdbx_stereochemistry_target_values       'MAXIMUM LIKELIHOOD' 
_refine.pdbx_stereochem_target_val_spec_case     ? 
_refine.pdbx_R_Free_selection_details            RANDOM 
_refine.pdbx_overall_ESU_R                       0.253 
_refine.pdbx_overall_ESU_R_Free                  0.205 
_refine.overall_SU_ML                            0.140 
_refine.overall_SU_B                             5.472 
_refine.ls_redundancy_reflns_obs                 ? 
_refine.B_iso_min                                ? 
_refine.B_iso_max                                ? 
_refine.overall_SU_R_Cruickshank_DPI             ? 
_refine.overall_SU_R_free                        ? 
_refine.ls_wR_factor_R_free                      ? 
_refine.ls_wR_factor_R_work                      ? 
_refine.overall_FOM_free_R_set                   ? 
_refine.overall_FOM_work_R_set                   ? 
_refine.pdbx_refine_id                           'X-RAY DIFFRACTION' 
_refine.pdbx_TLS_residual_ADP_flag               'LIKELY RESIDUAL' 
_refine.pdbx_diffrn_id                           1 
_refine.pdbx_overall_phase_error                 ? 
_refine.pdbx_overall_SU_R_free_Cruickshank_DPI   ? 
_refine.pdbx_overall_SU_R_Blow_DPI               ? 
_refine.pdbx_overall_SU_R_free_Blow_DPI          ? 
# 
_refine_hist.pdbx_refine_id                   'X-RAY DIFFRACTION' 
_refine_hist.cycle_id                         LAST 
_refine_hist.pdbx_number_atoms_protein        1219 
_refine_hist.pdbx_number_atoms_nucleic_acid   0 
_refine_hist.pdbx_number_atoms_ligand         1 
_refine_hist.number_atoms_solvent             100 
_refine_hist.number_atoms_total               1320 
_refine_hist.d_res_high                       2.20 
_refine_hist.d_res_low                        29.11 
# 
loop_
_refine_ls_restr.type 
_refine_ls_restr.dev_ideal 
_refine_ls_restr.dev_ideal_target 
_refine_ls_restr.weight 
_refine_ls_restr.number 
_refine_ls_restr.pdbx_refine_id 
_refine_ls_restr.pdbx_restraint_function 
r_bond_refined_d             0.015 0.021 ? 1249 'X-RAY DIFFRACTION' ? 
r_bond_other_d               ?     ?     ? ?    'X-RAY DIFFRACTION' ? 
r_angle_refined_deg          1.554 1.928 ? 1683 'X-RAY DIFFRACTION' ? 
r_angle_other_deg            ?     ?     ? ?    'X-RAY DIFFRACTION' ? 
r_dihedral_angle_1_deg       6.167 5.000 ? 150  'X-RAY DIFFRACTION' ? 
r_dihedral_angle_2_deg       ?     ?     ? ?    'X-RAY DIFFRACTION' ? 
r_dihedral_angle_3_deg       ?     ?     ? ?    'X-RAY DIFFRACTION' ? 
r_dihedral_angle_4_deg       ?     ?     ? ?    'X-RAY DIFFRACTION' ? 
r_chiral_restr               0.104 0.200 ? 191  'X-RAY DIFFRACTION' ? 
r_gen_planes_refined         0.005 0.020 ? 927  'X-RAY DIFFRACTION' ? 
r_gen_planes_other           ?     ?     ? ?    'X-RAY DIFFRACTION' ? 
r_nbd_refined                0.217 0.200 ? 524  'X-RAY DIFFRACTION' ? 
r_nbd_other                  ?     ?     ? ?    'X-RAY DIFFRACTION' ? 
r_nbtor_refined              ?     ?     ? ?    'X-RAY DIFFRACTION' ? 
r_nbtor_other                ?     ?     ? ?    'X-RAY DIFFRACTION' ? 
r_xyhbond_nbd_refined        0.239 0.200 ? 84   'X-RAY DIFFRACTION' ? 
r_xyhbond_nbd_other          ?     ?     ? ?    'X-RAY DIFFRACTION' ? 
r_metal_ion_refined          ?     ?     ? ?    'X-RAY DIFFRACTION' ? 
r_metal_ion_other            ?     ?     ? ?    'X-RAY DIFFRACTION' ? 
r_symmetry_vdw_refined       0.211 0.200 ? 40   'X-RAY DIFFRACTION' ? 
r_symmetry_vdw_other         ?     ?     ? ?    'X-RAY DIFFRACTION' ? 
r_symmetry_hbond_refined     0.133 0.200 ? 5    'X-RAY DIFFRACTION' ? 
r_symmetry_hbond_other       ?     ?     ? ?    'X-RAY DIFFRACTION' ? 
r_symmetry_metal_ion_refined ?     ?     ? ?    'X-RAY DIFFRACTION' ? 
r_symmetry_metal_ion_other   ?     ?     ? ?    'X-RAY DIFFRACTION' ? 
r_mcbond_it                  1.084 1.500 ? 771  'X-RAY DIFFRACTION' ? 
r_mcbond_other               ?     ?     ? ?    'X-RAY DIFFRACTION' ? 
r_mcangle_it                 1.960 2.000 ? 1241 'X-RAY DIFFRACTION' ? 
r_scbond_it                  3.420 3.000 ? 478  'X-RAY DIFFRACTION' ? 
r_scangle_it                 5.144 4.500 ? 442  'X-RAY DIFFRACTION' ? 
r_rigid_bond_restr           ?     ?     ? ?    'X-RAY DIFFRACTION' ? 
r_sphericity_free            ?     ?     ? ?    'X-RAY DIFFRACTION' ? 
r_sphericity_bonded          ?     ?     ? ?    'X-RAY DIFFRACTION' ? 
# 
_refine_ls_shell.pdbx_total_number_of_bins_used   10 
_refine_ls_shell.d_res_high                       2.200 
_refine_ls_shell.d_res_low                        2.318 
_refine_ls_shell.number_reflns_R_work             1392 
_refine_ls_shell.R_factor_R_work                  0.296 
_refine_ls_shell.percent_reflns_obs               ? 
_refine_ls_shell.R_factor_R_free                  0.344 
_refine_ls_shell.R_factor_R_free_error            ? 
_refine_ls_shell.percent_reflns_R_free            ? 
_refine_ls_shell.number_reflns_R_free             86 
_refine_ls_shell.number_reflns_obs                ? 
_refine_ls_shell.redundancy_reflns_obs            ? 
_refine_ls_shell.number_reflns_all                ? 
_refine_ls_shell.pdbx_refine_id                   'X-RAY DIFFRACTION' 
_refine_ls_shell.R_factor_all                     ? 
# 
_struct.entry_id                  2A25 
_struct.title                     'Crystal structure of Siah1 SBD bound to the peptide EKPAAVVAPITTG from SIP' 
_struct.pdbx_model_details        ? 
_struct.pdbx_CASP_flag            ? 
_struct.pdbx_model_type_details   ? 
# 
_struct_keywords.entry_id        2A25 
_struct_keywords.pdbx_keywords   LIGASE 
_struct_keywords.text            'Protein-peptide complex, LIGASE' 
# 
loop_
_struct_asym.id 
_struct_asym.pdbx_blank_PDB_chainid_flag 
_struct_asym.pdbx_modified 
_struct_asym.entity_id 
_struct_asym.details 
A N N 1 ? 
B N N 2 ? 
C N N 3 ? 
D N N 4 ? 
E N N 4 ? 
# 
_struct_biol.id                    1 
_struct_biol.details               
;The second part of the biological assembly is generated 
by the two fold axis:  1-x, y, 1/2-z
;
_struct_biol.pdbx_parent_biol_id   ? 
# 
loop_
_struct_conf.conf_type_id 
_struct_conf.id 
_struct_conf.pdbx_PDB_helix_id 
_struct_conf.beg_label_comp_id 
_struct_conf.beg_label_asym_id 
_struct_conf.beg_label_seq_id 
_struct_conf.pdbx_beg_PDB_ins_code 
_struct_conf.end_label_comp_id 
_struct_conf.end_label_asym_id 
_struct_conf.end_label_seq_id 
_struct_conf.pdbx_end_PDB_ins_code 
_struct_conf.beg_auth_comp_id 
_struct_conf.beg_auth_asym_id 
_struct_conf.beg_auth_seq_id 
_struct_conf.end_auth_comp_id 
_struct_conf.end_auth_asym_id 
_struct_conf.end_auth_seq_id 
_struct_conf.pdbx_PDB_helix_class 
_struct_conf.details 
_struct_conf.pdbx_PDB_helix_length 
HELX_P HELX_P1 1 ALA A 54  ? HIS A 63  ? ALA A 143 HIS A 152 1 ? 10 
HELX_P HELX_P2 2 THR A 125 ? GLU A 130 ? THR A 214 GLU A 219 1 ? 6  
HELX_P HELX_P3 3 ILE A 158 ? ASN A 164 ? ILE A 247 ASN A 253 1 ? 7  
HELX_P HELX_P4 4 THR A 172 ? ALA A 179 ? THR A 261 ALA A 268 1 ? 8  
# 
_struct_conf_type.id          HELX_P 
_struct_conf_type.criteria    ? 
_struct_conf_type.reference   ? 
# 
loop_
_struct_conn.id 
_struct_conn.conn_type_id 
_struct_conn.pdbx_leaving_atom_flag 
_struct_conn.pdbx_PDB_id 
_struct_conn.ptnr1_label_asym_id 
_struct_conn.ptnr1_label_comp_id 
_struct_conn.ptnr1_label_seq_id 
_struct_conn.ptnr1_label_atom_id 
_struct_conn.pdbx_ptnr1_label_alt_id 
_struct_conn.pdbx_ptnr1_PDB_ins_code 
_struct_conn.pdbx_ptnr1_standard_comp_id 
_struct_conn.ptnr1_symmetry 
_struct_conn.ptnr2_label_asym_id 
_struct_conn.ptnr2_label_comp_id 
_struct_conn.ptnr2_label_seq_id 
_struct_conn.ptnr2_label_atom_id 
_struct_conn.pdbx_ptnr2_label_alt_id 
_struct_conn.pdbx_ptnr2_PDB_ins_code 
_struct_conn.ptnr1_auth_asym_id 
_struct_conn.ptnr1_auth_comp_id 
_struct_conn.ptnr1_auth_seq_id 
_struct_conn.ptnr2_auth_asym_id 
_struct_conn.ptnr2_auth_comp_id 
_struct_conn.ptnr2_auth_seq_id 
_struct_conn.ptnr2_symmetry 
_struct_conn.pdbx_ptnr3_label_atom_id 
_struct_conn.pdbx_ptnr3_label_seq_id 
_struct_conn.pdbx_ptnr3_label_comp_id 
_struct_conn.pdbx_ptnr3_label_asym_id 
_struct_conn.pdbx_ptnr3_label_alt_id 
_struct_conn.pdbx_ptnr3_PDB_ins_code 
_struct_conn.details 
_struct_conn.pdbx_dist_value 
_struct_conn.pdbx_value_order 
_struct_conn.pdbx_role 
metalc1 metalc ? ? A CYS 39 SG  ? ? ? 1_555 C ZN . ZN ? ? A CYS 128 A ZN 601 1_555 ? ? ? ? ? ? ? 2.282 ? ? 
metalc2 metalc ? ? A CYS 46 SG  ? ? ? 1_555 C ZN . ZN ? ? A CYS 135 A ZN 601 1_555 ? ? ? ? ? ? ? 2.291 ? ? 
metalc3 metalc ? ? A HIS 58 NE2 ? ? ? 1_555 C ZN . ZN ? ? A HIS 147 A ZN 601 1_555 ? ? ? ? ? ? ? 2.046 ? ? 
metalc4 metalc ? ? A HIS 63 NE2 ? ? ? 1_555 C ZN . ZN ? ? A HIS 152 A ZN 601 1_555 ? ? ? ? ? ? ? 2.076 ? ? 
# 
_struct_conn_type.id          metalc 
_struct_conn_type.criteria    ? 
_struct_conn_type.reference   ? 
# 
loop_
_struct_sheet.id 
_struct_sheet.type 
_struct_sheet.number_strands 
_struct_sheet.details 
A ? 2 ? 
B ? 5 ? 
C ? 5 ? 
D ? 5 ? 
# 
loop_
_struct_sheet_order.sheet_id 
_struct_sheet_order.range_id_1 
_struct_sheet_order.range_id_2 
_struct_sheet_order.offset 
_struct_sheet_order.sense 
A 1 2 ? anti-parallel 
B 1 2 ? parallel      
B 2 3 ? anti-parallel 
B 3 4 ? anti-parallel 
B 4 5 ? parallel      
C 1 2 ? parallel      
C 2 3 ? anti-parallel 
C 3 4 ? anti-parallel 
C 4 5 ? anti-parallel 
D 1 2 ? anti-parallel 
D 2 3 ? anti-parallel 
D 3 4 ? anti-parallel 
D 4 5 ? parallel      
# 
loop_
_struct_sheet_range.sheet_id 
_struct_sheet_range.id 
_struct_sheet_range.beg_label_comp_id 
_struct_sheet_range.beg_label_asym_id 
_struct_sheet_range.beg_label_seq_id 
_struct_sheet_range.pdbx_beg_PDB_ins_code 
_struct_sheet_range.end_label_comp_id 
_struct_sheet_range.end_label_asym_id 
_struct_sheet_range.end_label_seq_id 
_struct_sheet_range.pdbx_end_PDB_ins_code 
_struct_sheet_range.beg_auth_comp_id 
_struct_sheet_range.beg_auth_asym_id 
_struct_sheet_range.beg_auth_seq_id 
_struct_sheet_range.end_auth_comp_id 
_struct_sheet_range.end_auth_asym_id 
_struct_sheet_range.end_auth_seq_id 
A 1 TYR A 37  ? SER A 38  ? TYR A 126 SER A 127 
A 2 GLN A 49  ? GLY A 50  ? GLN A 138 GLY A 139 
B 1 THR A 68  ? GLN A 70  ? THR A 157 GLN A 159 
B 2 ASP A 88  ? CYS A 95  ? ASP A 177 CYS A 184 
B 3 PHE A 98  ? LYS A 106 ? PHE A 187 LYS A 195 
B 4 GLN A 115 ? LEU A 122 ? GLN A 204 LEU A 211 
B 5 ARG A 152 ? SER A 153 ? ARG A 241 SER A 242 
C 1 THR A 68  ? GLN A 70  ? THR A 157 GLN A 159 
C 2 ASP A 88  ? CYS A 95  ? ASP A 177 CYS A 184 
C 3 PHE A 98  ? LYS A 106 ? PHE A 187 LYS A 195 
C 4 GLN A 115 ? LEU A 122 ? GLN A 204 LEU A 211 
C 5 LEU A 168 ? ASP A 171 ? LEU A 257 ASP A 260 
D 1 ARG A 143 ? ALA A 149 ? ARG A 232 ALA A 238 
D 2 PHE A 132 ? GLY A 140 ? PHE A 221 GLY A 229 
D 3 ASN A 183 ? MET A 192 ? ASN A 272 MET A 281 
D 4 ASP A 73  ? THR A 79  ? ASP A 162 THR A 168 
D 5 ALA B 4   ? VAL B 7   ? ALA B 61  VAL B 64  
# 
loop_
_pdbx_struct_sheet_hbond.sheet_id 
_pdbx_struct_sheet_hbond.range_id_1 
_pdbx_struct_sheet_hbond.range_id_2 
_pdbx_struct_sheet_hbond.range_1_label_atom_id 
_pdbx_struct_sheet_hbond.range_1_label_comp_id 
_pdbx_struct_sheet_hbond.range_1_label_asym_id 
_pdbx_struct_sheet_hbond.range_1_label_seq_id 
_pdbx_struct_sheet_hbond.range_1_PDB_ins_code 
_pdbx_struct_sheet_hbond.range_1_auth_atom_id 
_pdbx_struct_sheet_hbond.range_1_auth_comp_id 
_pdbx_struct_sheet_hbond.range_1_auth_asym_id 
_pdbx_struct_sheet_hbond.range_1_auth_seq_id 
_pdbx_struct_sheet_hbond.range_2_label_atom_id 
_pdbx_struct_sheet_hbond.range_2_label_comp_id 
_pdbx_struct_sheet_hbond.range_2_label_asym_id 
_pdbx_struct_sheet_hbond.range_2_label_seq_id 
_pdbx_struct_sheet_hbond.range_2_PDB_ins_code 
_pdbx_struct_sheet_hbond.range_2_auth_atom_id 
_pdbx_struct_sheet_hbond.range_2_auth_comp_id 
_pdbx_struct_sheet_hbond.range_2_auth_asym_id 
_pdbx_struct_sheet_hbond.range_2_auth_seq_id 
A 1 2 N TYR A 37  ? N TYR A 126 O GLY A 50  ? O GLY A 139 
B 1 2 N LEU A 69  ? N LEU A 158 O SER A 94  ? O SER A 183 
B 2 3 N MET A 91  ? N MET A 180 O LEU A 102 ? O LEU A 191 
B 3 4 N GLU A 105 ? N GLU A 194 O PHE A 117 ? O PHE A 206 
B 4 5 N LEU A 122 ? N LEU A 211 O ARG A 152 ? O ARG A 241 
C 1 2 N LEU A 69  ? N LEU A 158 O SER A 94  ? O SER A 183 
C 2 3 N MET A 91  ? N MET A 180 O LEU A 102 ? O LEU A 191 
C 3 4 N GLU A 105 ? N GLU A 194 O PHE A 117 ? O PHE A 206 
C 4 5 N PHE A 116 ? N PHE A 205 O PHE A 170 ? O PHE A 259 
D 1 2 O LEU A 145 ? O LEU A 234 N LEU A 138 ? N LEU A 227 
D 2 3 N GLU A 137 ? N GLU A 226 O ASN A 187 ? O ASN A 276 
D 3 4 O ILE A 186 ? O ILE A 275 N PHE A 76  ? N PHE A 165 
D 4 5 N LEU A 77  ? N LEU A 166 O ALA B 5   ? O ALA B 62  
# 
_struct_site.id                   AC1 
_struct_site.pdbx_evidence_code   Software 
_struct_site.pdbx_auth_asym_id    A 
_struct_site.pdbx_auth_comp_id    ZN 
_struct_site.pdbx_auth_seq_id     601 
_struct_site.pdbx_auth_ins_code   ? 
_struct_site.pdbx_num_residues    4 
_struct_site.details              'BINDING SITE FOR RESIDUE ZN A 601' 
# 
loop_
_struct_site_gen.id 
_struct_site_gen.site_id 
_struct_site_gen.pdbx_num_res 
_struct_site_gen.label_comp_id 
_struct_site_gen.label_asym_id 
_struct_site_gen.label_seq_id 
_struct_site_gen.pdbx_auth_ins_code 
_struct_site_gen.auth_comp_id 
_struct_site_gen.auth_asym_id 
_struct_site_gen.auth_seq_id 
_struct_site_gen.label_atom_id 
_struct_site_gen.label_alt_id 
_struct_site_gen.symmetry 
_struct_site_gen.details 
1 AC1 4 CYS A 39 ? CYS A 128 . ? 1_555 ? 
2 AC1 4 CYS A 46 ? CYS A 135 . ? 1_555 ? 
3 AC1 4 HIS A 58 ? HIS A 147 . ? 1_555 ? 
4 AC1 4 HIS A 63 ? HIS A 152 . ? 1_555 ? 
# 
_atom_sites.entry_id                    2A25 
_atom_sites.fract_transf_matrix[1][1]   -0.01729683 
_atom_sites.fract_transf_matrix[1][2]   -0.00410673 
_atom_sites.fract_transf_matrix[1][3]   0.01116514 
_atom_sites.fract_transf_matrix[2][1]   0.00511713 
_atom_sites.fract_transf_matrix[2][2]   -0.00056001 
_atom_sites.fract_transf_matrix[2][3]   0.00772138 
_atom_sites.fract_transf_matrix[3][1]   -0.00166647 
_atom_sites.fract_transf_matrix[3][2]   0.01248290 
_atom_sites.fract_transf_matrix[3][3]   0.00200976 
_atom_sites.fract_transf_vector[1]      0.259992 
_atom_sites.fract_transf_vector[2]      0.353732 
_atom_sites.fract_transf_vector[3]      0.110959 
# 
loop_
_atom_type.symbol 
C  
N  
O  
S  
ZN 
# 
loop_
_atom_site.group_PDB 
_atom_site.id 
_atom_site.type_symbol 
_atom_site.label_atom_id 
_atom_site.label_alt_id 
_atom_site.label_comp_id 
_atom_site.label_asym_id 
_atom_site.label_entity_id 
_atom_site.label_seq_id 
_atom_site.pdbx_PDB_ins_code 
_atom_site.Cartn_x 
_atom_site.Cartn_y 
_atom_site.Cartn_z 
_atom_site.occupancy 
_atom_site.B_iso_or_equiv 
_atom_site.pdbx_formal_charge 
_atom_site.auth_seq_id 
_atom_site.auth_comp_id 
_atom_site.auth_asym_id 
_atom_site.auth_atom_id 
_atom_site.pdbx_PDB_model_num 
ATOM   1    N  N   . PRO A 1 36  ? -2.987  -21.287 -5.395  1.00 36.01 ? 125 PRO A N   1 
ATOM   2    C  CA  . PRO A 1 36  ? -1.880  -20.664 -6.186  1.00 35.84 ? 125 PRO A CA  1 
ATOM   3    C  C   . PRO A 1 36  ? -1.988  -19.132 -6.252  1.00 35.32 ? 125 PRO A C   1 
ATOM   4    O  O   . PRO A 1 36  ? -3.037  -18.573 -6.604  1.00 35.75 ? 125 PRO A O   1 
ATOM   5    C  CB  . PRO A 1 36  ? -2.025  -21.298 -7.579  1.00 36.00 ? 125 PRO A CB  1 
ATOM   6    C  CG  . PRO A 1 36  ? -3.187  -22.290 -7.475  1.00 36.21 ? 125 PRO A CG  1 
ATOM   7    C  CD  . PRO A 1 36  ? -4.004  -21.902 -6.262  1.00 36.55 ? 125 PRO A CD  1 
ATOM   8    N  N   . TYR A 1 37  ? -0.885  -18.470 -5.916  1.00 34.13 ? 126 TYR A N   1 
ATOM   9    C  CA  . TYR A 1 37  ? -0.840  -17.009 -5.773  1.00 33.79 ? 126 TYR A CA  1 
ATOM   10   C  C   . TYR A 1 37  ? -0.599  -16.302 -7.098  1.00 33.02 ? 126 TYR A C   1 
ATOM   11   O  O   . TYR A 1 37  ? 0.167   -16.783 -7.937  1.00 33.51 ? 126 TYR A O   1 
ATOM   12   C  CB  . TYR A 1 37  ? 0.210   -16.607 -4.731  1.00 33.00 ? 126 TYR A CB  1 
ATOM   13   C  CG  . TYR A 1 37  ? -0.100  -17.148 -3.345  1.00 35.15 ? 126 TYR A CG  1 
ATOM   14   C  CD1 . TYR A 1 37  ? 0.000   -18.509 -3.077  1.00 34.83 ? 126 TYR A CD1 1 
ATOM   15   C  CD2 . TYR A 1 37  ? -0.500  -16.302 -2.301  1.00 37.40 ? 126 TYR A CD2 1 
ATOM   16   C  CE1 . TYR A 1 37  ? -0.289  -19.027 -1.829  1.00 37.90 ? 126 TYR A CE1 1 
ATOM   17   C  CE2 . TYR A 1 37  ? -0.793  -16.825 -1.027  1.00 37.46 ? 126 TYR A CE2 1 
ATOM   18   C  CZ  . TYR A 1 37  ? -0.678  -18.192 -0.806  1.00 39.25 ? 126 TYR A CZ  1 
ATOM   19   O  OH  . TYR A 1 37  ? -0.954  -18.758 0.422   1.00 42.49 ? 126 TYR A OH  1 
ATOM   20   N  N   . SER A 1 38  ? -1.293  -15.185 -7.302  1.00 31.95 ? 127 SER A N   1 
ATOM   21   C  CA  . SER A 1 38  ? -1.113  -14.382 -8.512  1.00 30.83 ? 127 SER A CA  1 
ATOM   22   C  C   . SER A 1 38  ? -0.312  -13.128 -8.171  1.00 29.61 ? 127 SER A C   1 
ATOM   23   O  O   . SER A 1 38  ? -0.153  -12.784 -6.996  1.00 29.51 ? 127 SER A O   1 
ATOM   24   C  CB  . SER A 1 38  ? -2.464  -14.036 -9.152  1.00 31.27 ? 127 SER A CB  1 
ATOM   25   O  OG  . SER A 1 38  ? -3.208  -13.173 -8.309  1.00 33.30 ? 127 SER A OG  1 
ATOM   26   N  N   . CYS A 1 39  ? 0.215   -12.459 -9.192  1.00 28.48 ? 128 CYS A N   1 
ATOM   27   C  CA  . CYS A 1 39  ? 1.060   -11.285 -8.984  1.00 25.72 ? 128 CYS A CA  1 
ATOM   28   C  C   . CYS A 1 39  ? 0.283   -10.223 -8.245  1.00 25.16 ? 128 CYS A C   1 
ATOM   29   O  O   . CYS A 1 39  ? -0.763  -9.821  -8.709  1.00 24.47 ? 128 CYS A O   1 
ATOM   30   C  CB  . CYS A 1 39  ? 1.518   -10.730 -10.332 1.00 26.13 ? 128 CYS A CB  1 
ATOM   31   S  SG  . CYS A 1 39  ? 2.639   -9.313  -10.184 1.00 23.12 ? 128 CYS A SG  1 
ATOM   32   N  N   . PRO A 1 40  ? 0.774   -9.785  -7.081  1.00 25.56 ? 129 PRO A N   1 
ATOM   33   C  CA  . PRO A 1 40  ? 0.092   -8.755  -6.291  1.00 25.85 ? 129 PRO A CA  1 
ATOM   34   C  C   . PRO A 1 40  ? 0.155   -7.305  -6.855  1.00 26.30 ? 129 PRO A C   1 
ATOM   35   O  O   . PRO A 1 40  ? -0.548  -6.443  -6.327  1.00 26.31 ? 129 PRO A O   1 
ATOM   36   C  CB  . PRO A 1 40  ? 0.813   -8.825  -4.936  1.00 26.46 ? 129 PRO A CB  1 
ATOM   37   C  CG  . PRO A 1 40  ? 2.191   -9.267  -5.298  1.00 26.01 ? 129 PRO A CG  1 
ATOM   38   C  CD  . PRO A 1 40  ? 2.008   -10.255 -6.426  1.00 24.60 ? 129 PRO A CD  1 
ATOM   39   N  N   . CYS A 1 41  ? 0.955   -7.032  -7.877  1.00 26.13 ? 130 CYS A N   1 
ATOM   40   C  CA  . CYS A 1 41  ? 1.021   -5.671  -8.414  1.00 28.13 ? 130 CYS A CA  1 
ATOM   41   C  C   . CYS A 1 41  ? -0.284  -5.285  -9.044  1.00 27.66 ? 130 CYS A C   1 
ATOM   42   O  O   . CYS A 1 41  ? -0.857  -6.054  -9.808  1.00 27.44 ? 130 CYS A O   1 
ATOM   43   C  CB  . CYS A 1 41  ? 2.100   -5.522  -9.474  1.00 28.11 ? 130 CYS A CB  1 
ATOM   44   S  SG  . CYS A 1 41  ? 3.683   -6.024  -8.838  1.00 33.95 ? 130 CYS A SG  1 
ATOM   45   N  N   . PRO A 1 42  ? -0.766  -4.093  -8.712  1.00 27.81 ? 131 PRO A N   1 
ATOM   46   C  CA  . PRO A 1 42  ? -1.944  -3.552  -9.389  1.00 27.69 ? 131 PRO A CA  1 
ATOM   47   C  C   . PRO A 1 42  ? -1.547  -3.104  -10.771 1.00 27.28 ? 131 PRO A C   1 
ATOM   48   O  O   . PRO A 1 42  ? -2.471  -3.162  -11.568 1.00 30.10 ? 131 PRO A O   1 
ATOM   49   C  CB  . PRO A 1 42  ? -2.354  -2.351  -8.525  1.00 27.12 ? 131 PRO A CB  1 
ATOM   50   C  CG  . PRO A 1 42  ? -1.265  -2.059  -7.666  1.00 26.17 ? 131 PRO A CG  1 
ATOM   51   C  CD  . PRO A 1 42  ? -0.237  -3.181  -7.692  1.00 27.63 ? 131 PRO A CD  1 
ATOM   52   N  N   . SER A 1 45  ? -0.124  -4.971  -15.578 1.00 33.64 ? 134 SER A N   1 
ATOM   53   C  CA  . SER A 1 45  ? -0.538  -5.909  -16.613 1.00 32.82 ? 134 SER A CA  1 
ATOM   54   C  C   . SER A 1 45  ? 0.232   -7.227  -16.512 1.00 32.02 ? 134 SER A C   1 
ATOM   55   O  O   . SER A 1 45  ? 0.850   -7.660  -17.471 1.00 32.81 ? 134 SER A O   1 
ATOM   56   C  CB  . SER A 1 45  ? -0.352  -5.274  -17.988 1.00 33.91 ? 134 SER A CB  1 
ATOM   57   O  OG  . SER A 1 45  ? 0.962   -4.769  -18.130 1.00 35.48 ? 134 SER A OG  1 
ATOM   58   N  N   . CYS A 1 46  ? 0.198   -7.865  -15.346 1.00 31.42 ? 135 CYS A N   1 
ATOM   59   C  CA  . CYS A 1 46  ? 0.977   -9.090  -15.121 1.00 29.23 ? 135 CYS A CA  1 
ATOM   60   C  C   . CYS A 1 46  ? 0.118   -10.298 -14.776 1.00 28.83 ? 135 CYS A C   1 
ATOM   61   O  O   . CYS A 1 46  ? -0.620  -10.277 -13.789 1.00 29.38 ? 135 CYS A O   1 
ATOM   62   C  CB  . CYS A 1 46  ? 2.028   -8.878  -14.026 1.00 28.61 ? 135 CYS A CB  1 
ATOM   63   S  SG  . CYS A 1 46  ? 3.107   -10.316 -13.789 1.00 23.48 ? 135 CYS A SG  1 
ATOM   64   N  N   . LYS A 1 47  ? 0.263   -11.351 -15.572 1.00 28.09 ? 136 LYS A N   1 
ATOM   65   C  CA  . LYS A 1 47  ? -0.551  -12.564 -15.479 1.00 28.07 ? 136 LYS A CA  1 
ATOM   66   C  C   . LYS A 1 47  ? 0.240   -13.738 -14.888 1.00 27.53 ? 136 LYS A C   1 
ATOM   67   O  O   . LYS A 1 47  ? -0.073  -14.906 -15.132 1.00 27.38 ? 136 LYS A O   1 
ATOM   68   C  CB  . LYS A 1 47  ? -1.115  -12.936 -16.864 1.00 27.51 ? 136 LYS A CB  1 
ATOM   69   C  CG  . LYS A 1 47  ? -2.313  -12.095 -17.312 1.00 27.71 ? 136 LYS A CG  1 
ATOM   70   C  CD  . LYS A 1 47  ? -2.609  -12.272 -18.813 1.00 30.45 ? 136 LYS A CD  1 
ATOM   71   C  CE  . LYS A 1 47  ? -3.203  -11.003 -19.451 1.00 30.79 ? 136 LYS A CE  1 
ATOM   72   N  NZ  . LYS A 1 47  ? -2.943  -9.732  -18.678 1.00 31.13 ? 136 LYS A NZ  1 
ATOM   73   N  N   . TRP A 1 48  ? 1.266   -13.404 -14.112 1.00 26.78 ? 137 TRP A N   1 
ATOM   74   C  CA  . TRP A 1 48  ? 2.092   -14.383 -13.408 1.00 26.72 ? 137 TRP A CA  1 
ATOM   75   C  C   . TRP A 1 48  ? 1.331   -15.079 -12.265 1.00 26.83 ? 137 TRP A C   1 
ATOM   76   O  O   . TRP A 1 48  ? 0.564   -14.445 -11.550 1.00 25.47 ? 137 TRP A O   1 
ATOM   77   C  CB  . TRP A 1 48  ? 3.342   -13.681 -12.839 1.00 25.93 ? 137 TRP A CB  1 
ATOM   78   C  CG  . TRP A 1 48  ? 4.264   -14.587 -12.073 1.00 24.14 ? 137 TRP A CG  1 
ATOM   79   C  CD1 . TRP A 1 48  ? 5.326   -15.300 -12.575 1.00 21.44 ? 137 TRP A CD1 1 
ATOM   80   C  CD2 . TRP A 1 48  ? 4.207   -14.887 -10.668 1.00 21.81 ? 137 TRP A CD2 1 
ATOM   81   N  NE1 . TRP A 1 48  ? 5.930   -16.017 -11.568 1.00 22.69 ? 137 TRP A NE1 1 
ATOM   82   C  CE2 . TRP A 1 48  ? 5.264   -15.787 -10.389 1.00 22.57 ? 137 TRP A CE2 1 
ATOM   83   C  CE3 . TRP A 1 48  ? 3.363   -14.491 -9.609  1.00 20.95 ? 137 TRP A CE3 1 
ATOM   84   C  CZ2 . TRP A 1 48  ? 5.495   -16.300 -9.101  1.00 22.41 ? 137 TRP A CZ2 1 
ATOM   85   C  CZ3 . TRP A 1 48  ? 3.589   -14.991 -8.341  1.00 18.99 ? 137 TRP A CZ3 1 
ATOM   86   C  CH2 . TRP A 1 48  ? 4.647   -15.883 -8.090  1.00 21.59 ? 137 TRP A CH2 1 
ATOM   87   N  N   . GLN A 1 49  ? 1.577   -16.382 -12.106 1.00 27.62 ? 138 GLN A N   1 
ATOM   88   C  CA  . GLN A 1 49  ? 1.017   -17.193 -11.024 1.00 28.85 ? 138 GLN A CA  1 
ATOM   89   C  C   . GLN A 1 49  ? 2.107   -18.079 -10.421 1.00 28.64 ? 138 GLN A C   1 
ATOM   90   O  O   . GLN A 1 49  ? 3.007   -18.529 -11.136 1.00 29.08 ? 138 GLN A O   1 
ATOM   91   C  CB  . GLN A 1 49  ? -0.102  -18.098 -11.562 1.00 30.16 ? 138 GLN A CB  1 
ATOM   92   C  CG  . GLN A 1 49  ? -1.405  -17.369 -11.932 1.00 33.58 ? 138 GLN A CG  1 
ATOM   93   C  CD  . GLN A 1 49  ? -2.581  -17.726 -11.030 1.00 35.47 ? 138 GLN A CD  1 
ATOM   94   O  OE1 . GLN A 1 49  ? -2.428  -17.866 -9.812  1.00 38.82 ? 138 GLN A OE1 1 
ATOM   95   N  NE2 . GLN A 1 49  ? -3.759  -17.852 -11.621 1.00 35.59 ? 138 GLN A NE2 1 
ATOM   96   N  N   . GLY A 1 50  ? 2.020   -18.362 -9.123  1.00 28.15 ? 139 GLY A N   1 
ATOM   97   C  CA  . GLY A 1 50  ? 2.953   -19.293 -8.504  1.00 28.42 ? 139 GLY A CA  1 
ATOM   98   C  C   . GLY A 1 50  ? 2.797   -19.537 -7.010  1.00 28.55 ? 139 GLY A C   1 
ATOM   99   O  O   . GLY A 1 50  ? 1.824   -19.089 -6.393  1.00 27.84 ? 139 GLY A O   1 
ATOM   100  N  N   . SER A 1 51  ? 3.765   -20.257 -6.437  1.00 28.51 ? 140 SER A N   1 
ATOM   101  C  CA  . SER A 1 51  ? 3.811   -20.521 -4.996  1.00 29.01 ? 140 SER A CA  1 
ATOM   102  C  C   . SER A 1 51  ? 3.977   -19.220 -4.189  1.00 28.76 ? 140 SER A C   1 
ATOM   103  O  O   . SER A 1 51  ? 4.290   -18.180 -4.755  1.00 29.04 ? 140 SER A O   1 
ATOM   104  C  CB  . SER A 1 51  ? 4.941   -21.504 -4.671  1.00 29.03 ? 140 SER A CB  1 
ATOM   105  O  OG  . SER A 1 51  ? 6.144   -20.826 -4.318  1.00 29.78 ? 140 SER A OG  1 
ATOM   106  N  N   . LEU A 1 52  ? 3.764   -19.280 -2.876  1.00 28.83 ? 141 LEU A N   1 
ATOM   107  C  CA  . LEU A 1 52  ? 3.944   -18.101 -2.018  1.00 28.98 ? 141 LEU A CA  1 
ATOM   108  C  C   . LEU A 1 52  ? 5.418   -17.702 -1.870  1.00 28.47 ? 141 LEU A C   1 
ATOM   109  O  O   . LEU A 1 52  ? 5.750   -16.514 -1.781  1.00 28.91 ? 141 LEU A O   1 
ATOM   110  C  CB  . LEU A 1 52  ? 3.288   -18.304 -0.643  1.00 28.84 ? 141 LEU A CB  1 
ATOM   111  C  CG  . LEU A 1 52  ? 3.327   -17.099 0.309   1.00 30.61 ? 141 LEU A CG  1 
ATOM   112  C  CD1 . LEU A 1 52  ? 2.777   -15.828 -0.340  1.00 28.98 ? 141 LEU A CD1 1 
ATOM   113  C  CD2 . LEU A 1 52  ? 2.577   -17.407 1.593   1.00 32.93 ? 141 LEU A CD2 1 
ATOM   114  N  N   . ASP A 1 53  ? 6.286   -18.704 -1.861  1.00 27.76 ? 142 ASP A N   1 
ATOM   115  C  CA  . ASP A 1 53  ? 7.724   -18.519 -1.724  1.00 27.60 ? 142 ASP A CA  1 
ATOM   116  C  C   . ASP A 1 53  ? 8.330   -17.911 -2.985  1.00 26.39 ? 142 ASP A C   1 
ATOM   117  O  O   . ASP A 1 53  ? 9.397   -17.294 -2.940  1.00 26.28 ? 142 ASP A O   1 
ATOM   118  C  CB  . ASP A 1 53  ? 8.379   -19.880 -1.425  1.00 29.23 ? 142 ASP A CB  1 
ATOM   119  C  CG  . ASP A 1 53  ? 7.825   -20.525 -0.159  1.00 31.64 ? 142 ASP A CG  1 
ATOM   120  O  OD1 . ASP A 1 53  ? 7.682   -19.811 0.866   1.00 36.73 ? 142 ASP A OD1 1 
ATOM   121  O  OD2 . ASP A 1 53  ? 7.496   -21.723 -0.094  1.00 34.58 ? 142 ASP A OD2 1 
ATOM   122  N  N   . ALA A 1 54  ? 7.628   -18.077 -4.102  1.00 25.13 ? 143 ALA A N   1 
ATOM   123  C  CA  . ALA A 1 54  ? 8.070   -17.566 -5.394  1.00 24.18 ? 143 ALA A CA  1 
ATOM   124  C  C   . ALA A 1 54  ? 7.612   -16.126 -5.651  1.00 23.34 ? 143 ALA A C   1 
ATOM   125  O  O   . ALA A 1 54  ? 8.113   -15.482 -6.559  1.00 23.99 ? 143 ALA A O   1 
ATOM   126  C  CB  . ALA A 1 54  ? 7.624   -18.505 -6.529  1.00 23.80 ? 143 ALA A CB  1 
ATOM   127  N  N   . VAL A 1 55  ? 6.699   -15.602 -4.831  1.00 23.44 ? 144 VAL A N   1 
ATOM   128  C  CA  . VAL A 1 55  ? 6.211   -14.210 -4.992  1.00 21.56 ? 144 VAL A CA  1 
ATOM   129  C  C   . VAL A 1 55  ? 7.283   -13.097 -4.889  1.00 22.79 ? 144 VAL A C   1 
ATOM   130  O  O   . VAL A 1 55  ? 7.350   -12.197 -5.743  1.00 22.46 ? 144 VAL A O   1 
ATOM   131  C  CB  . VAL A 1 55  ? 5.019   -13.891 -4.058  1.00 19.97 ? 144 VAL A CB  1 
ATOM   132  C  CG1 . VAL A 1 55  ? 4.615   -12.428 -4.189  1.00 17.20 ? 144 VAL A CG1 1 
ATOM   133  C  CG2 . VAL A 1 55  ? 3.832   -14.766 -4.398  1.00 19.59 ? 144 VAL A CG2 1 
ATOM   134  N  N   . MET A 1 56  ? 8.104   -13.145 -3.843  1.00 24.04 ? 145 MET A N   1 
ATOM   135  C  CA  . MET A 1 56  ? 9.147   -12.138 -3.644  1.00 25.85 ? 145 MET A CA  1 
ATOM   136  C  C   . MET A 1 56  ? 10.220  -12.173 -4.741  1.00 25.90 ? 145 MET A C   1 
ATOM   137  O  O   . MET A 1 56  ? 10.517  -11.136 -5.319  1.00 26.94 ? 145 MET A O   1 
ATOM   138  C  CB  . MET A 1 56  ? 9.773   -12.223 -2.233  1.00 26.24 ? 145 MET A CB  1 
ATOM   139  C  CG  . MET A 1 56  ? 9.025   -11.432 -1.162  1.00 28.41 ? 145 MET A CG  1 
ATOM   140  S  SD  . MET A 1 56  ? 8.601   -9.685  -1.564  1.00 32.44 ? 145 MET A SD  1 
ATOM   141  C  CE  . MET A 1 56  ? 10.240  -8.936  -1.716  1.00 28.53 ? 145 MET A CE  1 
ATOM   142  N  N   . PRO A 1 57  ? 10.783  -13.339 -5.057  1.00 26.51 ? 146 PRO A N   1 
ATOM   143  C  CA  . PRO A 1 57  ? 11.704  -13.433 -6.200  1.00 26.65 ? 146 PRO A CA  1 
ATOM   144  C  C   . PRO A 1 57  ? 11.064  -12.837 -7.464  1.00 25.94 ? 146 PRO A C   1 
ATOM   145  O  O   . PRO A 1 57  ? 11.694  -12.012 -8.126  1.00 27.01 ? 146 PRO A O   1 
ATOM   146  C  CB  . PRO A 1 57  ? 11.937  -14.942 -6.350  1.00 26.55 ? 146 PRO A CB  1 
ATOM   147  C  CG  . PRO A 1 57  ? 11.704  -15.509 -4.962  1.00 27.01 ? 146 PRO A CG  1 
ATOM   148  C  CD  . PRO A 1 57  ? 10.611  -14.642 -4.379  1.00 26.45 ? 146 PRO A CD  1 
ATOM   149  N  N   . HIS A 1 58  ? 9.820   -13.205 -7.765  1.00 24.77 ? 147 HIS A N   1 
ATOM   150  C  CA  . HIS A 1 58  ? 9.122   -12.624 -8.923  1.00 23.29 ? 147 HIS A CA  1 
ATOM   151  C  C   . HIS A 1 58  ? 9.099   -11.093 -8.932  1.00 22.79 ? 147 HIS A C   1 
ATOM   152  O  O   . HIS A 1 58  ? 9.466   -10.467 -9.927  1.00 23.07 ? 147 HIS A O   1 
ATOM   153  C  CB  . HIS A 1 58  ? 7.692   -13.166 -9.076  1.00 21.99 ? 147 HIS A CB  1 
ATOM   154  C  CG  . HIS A 1 58  ? 6.877   -12.419 -10.090 1.00 20.30 ? 147 HIS A CG  1 
ATOM   155  N  ND1 . HIS A 1 58  ? 7.035   -12.595 -11.447 1.00 17.93 ? 147 HIS A ND1 1 
ATOM   156  C  CD2 . HIS A 1 58  ? 5.916   -11.476 -9.942  1.00 16.67 ? 147 HIS A CD2 1 
ATOM   157  C  CE1 . HIS A 1 58  ? 6.207   -11.795 -12.092 1.00 14.08 ? 147 HIS A CE1 1 
ATOM   158  N  NE2 . HIS A 1 58  ? 5.508   -11.120 -11.202 1.00 16.92 ? 147 HIS A NE2 1 
ATOM   159  N  N   . LEU A 1 59  ? 8.650   -10.496 -7.836  1.00 23.50 ? 148 LEU A N   1 
ATOM   160  C  CA  . LEU A 1 59  ? 8.586   -9.037  -7.727  1.00 24.10 ? 148 LEU A CA  1 
ATOM   161  C  C   . LEU A 1 59  ? 9.970   -8.373  -7.920  1.00 25.66 ? 148 LEU A C   1 
ATOM   162  O  O   . LEU A 1 59  ? 10.093  -7.371  -8.629  1.00 25.83 ? 148 LEU A O   1 
ATOM   163  C  CB  . LEU A 1 59  ? 7.969   -8.636  -6.389  1.00 22.34 ? 148 LEU A CB  1 
ATOM   164  C  CG  . LEU A 1 59  ? 6.479   -8.875  -6.134  1.00 21.85 ? 148 LEU A CG  1 
ATOM   165  C  CD1 . LEU A 1 59  ? 6.142   -8.614  -4.633  1.00 18.04 ? 148 LEU A CD1 1 
ATOM   166  C  CD2 . LEU A 1 59  ? 5.599   -7.980  -7.044  1.00 14.16 ? 148 LEU A CD2 1 
ATOM   167  N  N   . MET A 1 60  ? 11.002  -8.957  -7.313  1.00 27.95 ? 149 MET A N   1 
ATOM   168  C  CA  . MET A 1 60  ? 12.373  -8.429  -7.399  1.00 30.81 ? 149 MET A CA  1 
ATOM   169  C  C   . MET A 1 60  ? 12.980  -8.507  -8.813  1.00 30.08 ? 149 MET A C   1 
ATOM   170  O  O   . MET A 1 60  ? 13.593  -7.535  -9.264  1.00 29.97 ? 149 MET A O   1 
ATOM   171  C  CB  . MET A 1 60  ? 13.307  -9.094  -6.364  1.00 31.45 ? 149 MET A CB  1 
ATOM   172  C  CG  . MET A 1 60  ? 13.023  -8.732  -4.865  1.00 36.29 ? 149 MET A CG  1 
ATOM   173  S  SD  . MET A 1 60  ? 12.610  -6.984  -4.491  1.00 49.27 ? 149 MET A SD  1 
ATOM   174  C  CE  . MET A 1 60  ? 14.245  -6.168  -4.688  1.00 47.74 ? 149 MET A CE  1 
ATOM   175  N  N   . HIS A 1 61  ? 12.794  -9.632  -9.509  1.00 30.18 ? 150 HIS A N   1 
ATOM   176  C  CA  . HIS A 1 61  ? 13.329  -9.775  -10.870 1.00 30.19 ? 150 HIS A CA  1 
ATOM   177  C  C   . HIS A 1 61  ? 12.546  -9.039  -11.942 1.00 29.19 ? 150 HIS A C   1 
ATOM   178  O  O   . HIS A 1 61  ? 13.150  -8.499  -12.852 1.00 30.85 ? 150 HIS A O   1 
ATOM   179  C  CB  . HIS A 1 61  ? 13.473  -11.242 -11.293 1.00 31.34 ? 150 HIS A CB  1 
ATOM   180  C  CG  . HIS A 1 61  ? 14.187  -12.097 -10.296 1.00 36.07 ? 150 HIS A CG  1 
ATOM   181  N  ND1 . HIS A 1 61  ? 15.078  -11.585 -9.372  1.00 39.32 ? 150 HIS A ND1 1 
ATOM   182  C  CD2 . HIS A 1 61  ? 14.135  -13.431 -10.071 1.00 38.64 ? 150 HIS A CD2 1 
ATOM   183  C  CE1 . HIS A 1 61  ? 15.540  -12.567 -8.621  1.00 40.89 ? 150 HIS A CE1 1 
ATOM   184  N  NE2 . HIS A 1 61  ? 14.990  -13.698 -9.030  1.00 41.51 ? 150 HIS A NE2 1 
ATOM   185  N  N   . GLN A 1 62  ? 11.215  -9.036  -11.856 1.00 27.43 ? 151 GLN A N   1 
ATOM   186  C  CA  . GLN A 1 62  ? 10.359  -8.571  -12.965 1.00 26.03 ? 151 GLN A CA  1 
ATOM   187  C  C   . GLN A 1 62  ? 9.660   -7.241  -12.751 1.00 24.64 ? 151 GLN A C   1 
ATOM   188  O  O   . GLN A 1 62  ? 9.140   -6.642  -13.693 1.00 23.53 ? 151 GLN A O   1 
ATOM   189  C  CB  . GLN A 1 62  ? 9.314   -9.625  -13.323 1.00 25.51 ? 151 GLN A CB  1 
ATOM   190  C  CG  . GLN A 1 62  ? 9.628   -10.350 -14.626 1.00 33.36 ? 151 GLN A CG  1 
ATOM   191  C  CD  . GLN A 1 62  ? 10.277  -11.702 -14.384 1.00 39.99 ? 151 GLN A CD  1 
ATOM   192  O  OE1 . GLN A 1 62  ? 11.354  -11.982 -14.913 1.00 42.60 ? 151 GLN A OE1 1 
ATOM   193  N  NE2 . GLN A 1 62  ? 9.627   -12.542 -13.569 1.00 42.97 ? 151 GLN A NE2 1 
ATOM   194  N  N   . HIS A 1 63  ? 9.629   -6.796  -11.504 1.00 23.90 ? 152 HIS A N   1 
ATOM   195  C  CA  . HIS A 1 63  ? 9.051   -5.519  -11.173 1.00 24.75 ? 152 HIS A CA  1 
ATOM   196  C  C   . HIS A 1 63  ? 10.088  -4.706  -10.395 1.00 26.22 ? 152 HIS A C   1 
ATOM   197  O  O   . HIS A 1 63  ? 9.809   -4.209  -9.278  1.00 25.92 ? 152 HIS A O   1 
ATOM   198  C  CB  . HIS A 1 63  ? 7.807   -5.737  -10.321 1.00 24.96 ? 152 HIS A CB  1 
ATOM   199  C  CG  . HIS A 1 63  ? 6.722   -6.505  -11.008 1.00 26.30 ? 152 HIS A CG  1 
ATOM   200  N  ND1 . HIS A 1 63  ? 5.768   -5.898  -11.794 1.00 25.23 ? 152 HIS A ND1 1 
ATOM   201  C  CD2 . HIS A 1 63  ? 6.409   -7.823  -10.983 1.00 23.90 ? 152 HIS A CD2 1 
ATOM   202  C  CE1 . HIS A 1 63  ? 4.929   -6.814  -12.245 1.00 27.55 ? 152 HIS A CE1 1 
ATOM   203  N  NE2 . HIS A 1 63  ? 5.291   -7.987  -11.760 1.00 26.25 ? 152 HIS A NE2 1 
ATOM   204  N  N   . LYS A 1 64  ? 11.268  -4.579  -11.002 1.00 26.49 ? 153 LYS A N   1 
ATOM   205  C  CA  . LYS A 1 64  ? 12.449  -3.890  -10.449 1.00 28.27 ? 153 LYS A CA  1 
ATOM   206  C  C   . LYS A 1 64  ? 12.209  -2.423  -10.116 1.00 28.28 ? 153 LYS A C   1 
ATOM   207  O  O   . LYS A 1 64  ? 12.940  -1.837  -9.324  1.00 29.17 ? 153 LYS A O   1 
ATOM   208  C  CB  . LYS A 1 64  ? 13.619  -3.980  -11.449 1.00 28.01 ? 153 LYS A CB  1 
ATOM   209  C  CG  . LYS A 1 64  ? 13.955  -5.388  -11.885 1.00 32.03 ? 153 LYS A CG  1 
ATOM   210  C  CD  . LYS A 1 64  ? 15.422  -5.549  -12.315 1.00 35.97 ? 153 LYS A CD  1 
ATOM   211  C  CE  . LYS A 1 64  ? 16.110  -6.633  -11.487 1.00 38.23 ? 153 LYS A CE  1 
ATOM   212  N  NZ  . LYS A 1 64  ? 17.071  -7.446  -12.317 1.00 42.33 ? 153 LYS A NZ  1 
ATOM   213  N  N   . SER A 1 65  ? 11.189  -1.843  -10.736 1.00 27.92 ? 154 SER A N   1 
ATOM   214  C  CA  . SER A 1 65  ? 10.812  -0.449  -10.540 1.00 28.18 ? 154 SER A CA  1 
ATOM   215  C  C   . SER A 1 65  ? 9.976   -0.171  -9.276  1.00 28.44 ? 154 SER A C   1 
ATOM   216  O  O   . SER A 1 65  ? 9.747   0.990   -8.918  1.00 29.16 ? 154 SER A O   1 
ATOM   217  C  CB  . SER A 1 65  ? 10.006  -0.010  -11.752 1.00 28.77 ? 154 SER A CB  1 
ATOM   218  O  OG  . SER A 1 65  ? 8.909   -0.901  -11.931 1.00 30.63 ? 154 SER A OG  1 
ATOM   219  N  N   . ILE A 1 66  ? 9.479   -1.206  -8.609  1.00 27.05 ? 155 ILE A N   1 
ATOM   220  C  CA  . ILE A 1 66  ? 8.795   -0.968  -7.345  1.00 26.45 ? 155 ILE A CA  1 
ATOM   221  C  C   . ILE A 1 66  ? 9.867   -0.709  -6.268  1.00 27.07 ? 155 ILE A C   1 
ATOM   222  O  O   . ILE A 1 66  ? 10.768  -1.534  -6.076  1.00 28.40 ? 155 ILE A O   1 
ATOM   223  C  CB  . ILE A 1 66  ? 7.878   -2.169  -6.979  1.00 25.39 ? 155 ILE A CB  1 
ATOM   224  C  CG1 . ILE A 1 66  ? 6.739   -2.278  -7.997  1.00 26.05 ? 155 ILE A CG1 1 
ATOM   225  C  CG2 . ILE A 1 66  ? 7.333   -2.027  -5.571  1.00 21.87 ? 155 ILE A CG2 1 
ATOM   226  C  CD1 . ILE A 1 66  ? 6.003   -3.606  -7.975  1.00 25.46 ? 155 ILE A CD1 1 
ATOM   227  N  N   . THR A 1 67  ? 9.786   0.432   -5.597  1.00 26.79 ? 156 THR A N   1 
ATOM   228  C  CA  . THR A 1 67  ? 10.726  0.778   -4.519  1.00 28.00 ? 156 THR A CA  1 
ATOM   229  C  C   . THR A 1 67  ? 10.360  0.010   -3.259  1.00 26.21 ? 156 THR A C   1 
ATOM   230  O  O   . THR A 1 67  ? 9.171   -0.146  -2.942  1.00 24.00 ? 156 THR A O   1 
ATOM   231  C  CB  . THR A 1 67  ? 10.693  2.285   -4.181  1.00 29.11 ? 156 THR A CB  1 
ATOM   232  O  OG1 . THR A 1 67  ? 10.634  3.061   -5.383  1.00 34.64 ? 156 THR A OG1 1 
ATOM   233  C  CG2 . THR A 1 67  ? 12.041  2.717   -3.570  1.00 32.93 ? 156 THR A CG2 1 
ATOM   234  N  N   . THR A 1 68  ? 11.377  -0.457  -2.549  1.00 23.67 ? 157 THR A N   1 
ATOM   235  C  CA  . THR A 1 68  ? 11.192  -1.048  -1.242  1.00 24.99 ? 157 THR A CA  1 
ATOM   236  C  C   . THR A 1 68  ? 11.825  -0.157  -0.167  1.00 25.25 ? 157 THR A C   1 
ATOM   237  O  O   . THR A 1 68  ? 12.974  0.295   -0.309  1.00 23.93 ? 157 THR A O   1 
ATOM   238  C  CB  . THR A 1 68  ? 11.837  -2.456  -1.183  1.00 27.02 ? 157 THR A CB  1 
ATOM   239  O  OG1 . THR A 1 68  ? 11.254  -3.317  -2.181  1.00 27.81 ? 157 THR A OG1 1 
ATOM   240  C  CG2 . THR A 1 68  ? 11.513  -3.148  0.161   1.00 24.47 ? 157 THR A CG2 1 
ATOM   241  N  N   . LEU A 1 69  ? 11.096  0.059   0.922   1.00 23.64 ? 158 LEU A N   1 
ATOM   242  C  CA  . LEU A 1 69  ? 11.636  0.800   2.063   1.00 23.37 ? 158 LEU A CA  1 
ATOM   243  C  C   . LEU A 1 69  ? 11.724  -0.102  3.307   1.00 22.87 ? 158 LEU A C   1 
ATOM   244  O  O   . LEU A 1 69  ? 10.766  -0.810  3.638   1.00 21.53 ? 158 LEU A O   1 
ATOM   245  C  CB  . LEU A 1 69  ? 10.723  1.977   2.401   1.00 22.51 ? 158 LEU A CB  1 
ATOM   246  C  CG  . LEU A 1 69  ? 11.068  3.431   2.135   1.00 24.98 ? 158 LEU A CG  1 
ATOM   247  C  CD1 . LEU A 1 69  ? 10.137  4.252   3.007   1.00 24.53 ? 158 LEU A CD1 1 
ATOM   248  C  CD2 . LEU A 1 69  ? 12.542  3.810   2.368   1.00 25.97 ? 158 LEU A CD2 1 
ATOM   249  N  N   . GLN A 1 70  ? 12.857  -0.057  3.999   1.00 21.85 ? 159 GLN A N   1 
ATOM   250  C  CA  . GLN A 1 70  ? 13.019  -0.783  5.259   1.00 23.38 ? 159 GLN A CA  1 
ATOM   251  C  C   . GLN A 1 70  ? 12.515  0.089   6.403   1.00 22.53 ? 159 GLN A C   1 
ATOM   252  O  O   . GLN A 1 70  ? 12.867  1.252   6.469   1.00 23.06 ? 159 GLN A O   1 
ATOM   253  C  CB  . GLN A 1 70  ? 14.504  -1.123  5.509   1.00 22.27 ? 159 GLN A CB  1 
ATOM   254  C  CG  . GLN A 1 70  ? 15.168  -1.966  4.411   1.00 28.35 ? 159 GLN A CG  1 
ATOM   255  C  CD  . GLN A 1 70  ? 14.592  -3.388  4.342   1.00 35.45 ? 159 GLN A CD  1 
ATOM   256  O  OE1 . GLN A 1 70  ? 14.246  -3.964  5.383   1.00 36.81 ? 159 GLN A OE1 1 
ATOM   257  N  NE2 . GLN A 1 70  ? 14.471  -3.943  3.122   1.00 35.78 ? 159 GLN A NE2 1 
ATOM   258  N  N   . GLY A 1 71  ? 11.702  -0.463  7.297   1.00 22.57 ? 160 GLY A N   1 
ATOM   259  C  CA  . GLY A 1 71  ? 11.227  0.298   8.459   1.00 22.76 ? 160 GLY A CA  1 
ATOM   260  C  C   . GLY A 1 71  ? 9.763   0.043   8.756   1.00 22.55 ? 160 GLY A C   1 
ATOM   261  O  O   . GLY A 1 71  ? 9.010   -0.339  7.864   1.00 20.15 ? 160 GLY A O   1 
ATOM   262  N  N   . GLU A 1 72  ? 9.339   0.250   10.001  1.00 23.07 ? 161 GLU A N   1 
ATOM   263  C  CA  . GLU A 1 72  ? 7.954   -0.063  10.339  1.00 23.41 ? 161 GLU A CA  1 
ATOM   264  C  C   . GLU A 1 72  ? 7.063   1.156   10.375  1.00 23.07 ? 161 GLU A C   1 
ATOM   265  O  O   . GLU A 1 72  ? 5.846   1.033   10.481  1.00 23.66 ? 161 GLU A O   1 
ATOM   266  C  CB  . GLU A 1 72  ? 7.857   -0.878  11.623  1.00 24.44 ? 161 GLU A CB  1 
ATOM   267  C  CG  . GLU A 1 72  ? 7.792   -0.067  12.878  1.00 28.33 ? 161 GLU A CG  1 
ATOM   268  C  CD  . GLU A 1 72  ? 8.764   -0.608  13.878  1.00 38.16 ? 161 GLU A CD  1 
ATOM   269  O  OE1 . GLU A 1 72  ? 9.902   -0.913  13.449  1.00 43.65 ? 161 GLU A OE1 1 
ATOM   270  O  OE2 . GLU A 1 72  ? 8.387   -0.751  15.067  1.00 39.88 ? 161 GLU A OE2 1 
ATOM   271  N  N   . ASP A 1 73  ? 7.679   2.313   10.220  1.00 23.45 ? 162 ASP A N   1 
ATOM   272  C  CA  . ASP A 1 73  ? 6.985   3.592   10.248  1.00 25.13 ? 162 ASP A CA  1 
ATOM   273  C  C   . ASP A 1 73  ? 7.580   4.455   9.150   1.00 24.86 ? 162 ASP A C   1 
ATOM   274  O  O   . ASP A 1 73  ? 8.689   4.987   9.319   1.00 23.88 ? 162 ASP A O   1 
ATOM   275  C  CB  . ASP A 1 73  ? 7.237   4.271   11.603  1.00 25.87 ? 162 ASP A CB  1 
ATOM   276  C  CG  . ASP A 1 73  ? 6.209   5.347   11.921  1.00 28.38 ? 162 ASP A CG  1 
ATOM   277  O  OD1 . ASP A 1 73  ? 5.179   5.497   11.215  1.00 33.65 ? 162 ASP A OD1 1 
ATOM   278  O  OD2 . ASP A 1 73  ? 6.355   6.093   12.885  1.00 34.43 ? 162 ASP A OD2 1 
ATOM   279  N  N   . ILE A 1 74  ? 6.877   4.567   8.021   1.00 24.49 ? 163 ILE A N   1 
ATOM   280  C  CA  . ILE A 1 74  ? 7.431   5.238   6.824   1.00 22.84 ? 163 ILE A CA  1 
ATOM   281  C  C   . ILE A 1 74  ? 6.468   6.245   6.173   1.00 22.70 ? 163 ILE A C   1 
ATOM   282  O  O   . ILE A 1 74  ? 5.283   6.301   6.519   1.00 22.75 ? 163 ILE A O   1 
ATOM   283  C  CB  . ILE A 1 74  ? 7.864   4.178   5.775   1.00 22.78 ? 163 ILE A CB  1 
ATOM   284  C  CG1 . ILE A 1 74  ? 6.688   3.315   5.343   1.00 23.49 ? 163 ILE A CG1 1 
ATOM   285  C  CG2 . ILE A 1 74  ? 8.975   3.268   6.338   1.00 21.58 ? 163 ILE A CG2 1 
ATOM   286  C  CD1 . ILE A 1 74  ? 6.105   3.673   3.977   1.00 24.75 ? 163 ILE A CD1 1 
ATOM   287  N  N   . VAL A 1 75  ? 6.977   7.023   5.221   1.00 21.71 ? 164 VAL A N   1 
ATOM   288  C  CA  . VAL A 1 75  ? 6.128   7.917   4.442   1.00 21.90 ? 164 VAL A CA  1 
ATOM   289  C  C   . VAL A 1 75  ? 6.060   7.468   2.977   1.00 20.84 ? 164 VAL A C   1 
ATOM   290  O  O   . VAL A 1 75  ? 7.082   7.365   2.300   1.00 21.84 ? 164 VAL A O   1 
ATOM   291  C  CB  . VAL A 1 75  ? 6.581   9.392   4.549   1.00 22.58 ? 164 VAL A CB  1 
ATOM   292  C  CG1 . VAL A 1 75  ? 5.613   10.297  3.812   1.00 21.73 ? 164 VAL A CG1 1 
ATOM   293  C  CG2 . VAL A 1 75  ? 6.699   9.832   6.032   1.00 22.85 ? 164 VAL A CG2 1 
ATOM   294  N  N   . PHE A 1 76  ? 4.858   7.176   2.521   1.00 18.71 ? 165 PHE A N   1 
ATOM   295  C  CA  . PHE A 1 76  ? 4.590   6.737   1.149   1.00 19.99 ? 165 PHE A CA  1 
ATOM   296  C  C   . PHE A 1 76  ? 4.186   8.005   0.445   1.00 19.68 ? 165 PHE A C   1 
ATOM   297  O  O   . PHE A 1 76  ? 3.067   8.423   0.587   1.00 20.32 ? 165 PHE A O   1 
ATOM   298  C  CB  . PHE A 1 76  ? 3.418   5.729   1.204   1.00 20.10 ? 165 PHE A CB  1 
ATOM   299  C  CG  . PHE A 1 76  ? 2.898   5.221   -0.139  1.00 19.46 ? 165 PHE A CG  1 
ATOM   300  C  CD1 . PHE A 1 76  ? 3.519   5.502   -1.356  1.00 19.14 ? 165 PHE A CD1 1 
ATOM   301  C  CD2 . PHE A 1 76  ? 1.751   4.427   -0.151  1.00 21.39 ? 165 PHE A CD2 1 
ATOM   302  C  CE1 . PHE A 1 76  ? 2.991   5.008   -2.558  1.00 20.31 ? 165 PHE A CE1 1 
ATOM   303  C  CE2 . PHE A 1 76  ? 1.206   3.919   -1.375  1.00 24.48 ? 165 PHE A CE2 1 
ATOM   304  C  CZ  . PHE A 1 76  ? 1.835   4.215   -2.567  1.00 23.50 ? 165 PHE A CZ  1 
ATOM   305  N  N   . LEU A 1 77  ? 5.127   8.641   -0.249  1.00 19.21 ? 166 LEU A N   1 
ATOM   306  C  CA  . LEU A 1 77  ? 4.904   9.927   -0.890  1.00 19.80 ? 166 LEU A CA  1 
ATOM   307  C  C   . LEU A 1 77  ? 4.540   9.728   -2.354  1.00 19.43 ? 166 LEU A C   1 
ATOM   308  O  O   . LEU A 1 77  ? 5.418   9.610   -3.203  1.00 19.23 ? 166 LEU A O   1 
ATOM   309  C  CB  . LEU A 1 77  ? 6.180   10.825  -0.794  1.00 18.97 ? 166 LEU A CB  1 
ATOM   310  C  CG  . LEU A 1 77  ? 6.027   12.354  -0.826  1.00 23.15 ? 166 LEU A CG  1 
ATOM   311  C  CD1 . LEU A 1 77  ? 7.393   13.108  -0.876  1.00 20.57 ? 166 LEU A CD1 1 
ATOM   312  C  CD2 . LEU A 1 77  ? 5.098   12.846  -1.952  1.00 22.13 ? 166 LEU A CD2 1 
ATOM   313  N  N   . ALA A 1 78  ? 3.247   9.728   -2.653  1.00 19.41 ? 167 ALA A N   1 
ATOM   314  C  CA  . ALA A 1 78  ? 2.762   9.528   -4.020  1.00 18.88 ? 167 ALA A CA  1 
ATOM   315  C  C   . ALA A 1 78  ? 2.721   10.851  -4.810  1.00 19.45 ? 167 ALA A C   1 
ATOM   316  O  O   . ALA A 1 78  ? 2.143   11.838  -4.341  1.00 19.15 ? 167 ALA A O   1 
ATOM   317  C  CB  . ALA A 1 78  ? 1.355   8.887   -3.984  1.00 19.31 ? 167 ALA A CB  1 
ATOM   318  N  N   . THR A 1 79  ? 3.295   10.856  -6.011  1.00 18.29 ? 168 THR A N   1 
ATOM   319  C  CA  . THR A 1 79  ? 3.444   12.086  -6.802  1.00 17.86 ? 168 THR A CA  1 
ATOM   320  C  C   . THR A 1 79  ? 2.474   12.154  -7.981  1.00 18.15 ? 168 THR A C   1 
ATOM   321  O  O   . THR A 1 79  ? 2.078   11.125  -8.512  1.00 17.41 ? 168 THR A O   1 
ATOM   322  C  CB  . THR A 1 79  ? 4.920   12.245  -7.301  1.00 17.59 ? 168 THR A CB  1 
ATOM   323  O  OG1 . THR A 1 79  ? 5.218   11.194  -8.220  1.00 17.54 ? 168 THR A OG1 1 
ATOM   324  C  CG2 . THR A 1 79  ? 5.933   12.012  -6.175  1.00 13.14 ? 168 THR A CG2 1 
ATOM   325  N  N   . ASP A 1 80  ? 2.109   13.375  -8.386  1.00 19.52 ? 169 ASP A N   1 
ATOM   326  C  CA  . ASP A 1 80  ? 1.105   13.656  -9.440  1.00 20.94 ? 169 ASP A CA  1 
ATOM   327  C  C   . ASP A 1 80  ? -0.276  13.003  -9.340  1.00 21.38 ? 169 ASP A C   1 
ATOM   328  O  O   . ASP A 1 80  ? -0.706  12.320  -10.274 1.00 21.32 ? 169 ASP A O   1 
ATOM   329  C  CB  . ASP A 1 80  ? 1.652   13.431  -10.857 1.00 21.72 ? 169 ASP A CB  1 
ATOM   330  C  CG  . ASP A 1 80  ? 0.799   14.142  -11.935 1.00 25.51 ? 169 ASP A CG  1 
ATOM   331  O  OD1 . ASP A 1 80  ? -0.134  14.920  -11.583 1.00 28.61 ? 169 ASP A OD1 1 
ATOM   332  O  OD2 . ASP A 1 80  ? 0.981   13.984  -13.163 1.00 29.94 ? 169 ASP A OD2 1 
ATOM   333  N  N   . ILE A 1 81  ? -0.991  13.251  -8.252  1.00 23.13 ? 170 ILE A N   1 
ATOM   334  C  CA  . ILE A 1 81  ? -2.317  12.651  -8.066  1.00 25.41 ? 170 ILE A CA  1 
ATOM   335  C  C   . ILE A 1 81  ? -3.437  13.149  -9.001  1.00 27.23 ? 170 ILE A C   1 
ATOM   336  O  O   . ILE A 1 81  ? -4.590  12.746  -8.843  1.00 28.33 ? 170 ILE A O   1 
ATOM   337  C  CB  . ILE A 1 81  ? -2.741  12.653  -6.565  1.00 25.79 ? 170 ILE A CB  1 
ATOM   338  C  CG1 . ILE A 1 81  ? -2.708  14.058  -5.956  1.00 27.16 ? 170 ILE A CG1 1 
ATOM   339  C  CG2 . ILE A 1 81  ? -1.861  11.691  -5.769  1.00 24.80 ? 170 ILE A CG2 1 
ATOM   340  C  CD1 . ILE A 1 81  ? -3.200  14.091  -4.486  1.00 29.57 ? 170 ILE A CD1 1 
ATOM   341  N  N   . ASN A 1 82  ? -3.086  14.001  -9.977  1.00 28.78 ? 171 ASN A N   1 
ATOM   342  C  CA  . ASN A 1 82  ? -3.963  14.359  -11.094 1.00 29.61 ? 171 ASN A CA  1 
ATOM   343  C  C   . ASN A 1 82  ? -3.402  13.910  -12.455 1.00 29.57 ? 171 ASN A C   1 
ATOM   344  O  O   . ASN A 1 82  ? -3.368  12.716  -12.781 1.00 29.41 ? 171 ASN A O   1 
ATOM   345  C  CB  . ASN A 1 82  ? -4.268  15.872  -11.108 1.00 29.57 ? 171 ASN A CB  1 
ATOM   346  C  CG  . ASN A 1 82  ? -4.119  16.527  -9.721  1.00 31.52 ? 171 ASN A CG  1 
ATOM   347  O  OD1 . ASN A 1 82  ? -4.798  16.160  -8.753  1.00 34.67 ? 171 ASN A OD1 1 
ATOM   348  N  ND2 . ASN A 1 82  ? -3.228  17.501  -9.630  1.00 30.71 ? 171 ASN A ND2 1 
ATOM   349  N  N   . VAL A 1 87  ? -5.026  5.432   -12.427 1.00 23.83 ? 176 VAL A N   1 
ATOM   350  C  CA  . VAL A 1 87  ? -3.754  5.621   -11.738 1.00 22.86 ? 176 VAL A CA  1 
ATOM   351  C  C   . VAL A 1 87  ? -3.550  4.754   -10.476 1.00 22.65 ? 176 VAL A C   1 
ATOM   352  O  O   . VAL A 1 87  ? -4.421  4.685   -9.614  1.00 20.98 ? 176 VAL A O   1 
ATOM   353  C  CB  . VAL A 1 87  ? -3.524  7.096   -11.376 1.00 22.91 ? 176 VAL A CB  1 
ATOM   354  C  CG1 . VAL A 1 87  ? -2.042  7.391   -11.375 1.00 24.21 ? 176 VAL A CG1 1 
ATOM   355  C  CG2 . VAL A 1 87  ? -4.218  7.994   -12.341 1.00 20.98 ? 176 VAL A CG2 1 
ATOM   356  N  N   . ASP A 1 88  ? -2.384  4.109   -10.409 1.00 21.41 ? 177 ASP A N   1 
ATOM   357  C  CA  . ASP A 1 88  ? -1.951  3.298   -9.283  1.00 22.30 ? 177 ASP A CA  1 
ATOM   358  C  C   . ASP A 1 88  ? -0.570  3.778   -8.866  1.00 21.84 ? 177 ASP A C   1 
ATOM   359  O  O   . ASP A 1 88  ? 0.250   4.146   -9.718  1.00 21.41 ? 177 ASP A O   1 
ATOM   360  C  CB  . ASP A 1 88  ? -1.820  1.822   -9.679  1.00 22.87 ? 177 ASP A CB  1 
ATOM   361  C  CG  . ASP A 1 88  ? -3.135  1.189   -10.049 1.00 25.32 ? 177 ASP A CG  1 
ATOM   362  O  OD1 . ASP A 1 88  ? -4.074  1.300   -9.262  1.00 31.83 ? 177 ASP A OD1 1 
ATOM   363  O  OD2 . ASP A 1 88  ? -3.336  0.552   -11.099 1.00 28.75 ? 177 ASP A OD2 1 
ATOM   364  N  N   . TRP A 1 89  ? -0.315  3.804   -7.571  1.00 19.95 ? 178 TRP A N   1 
ATOM   365  C  CA  . TRP A 1 89  ? 1.047   3.963   -7.075  1.00 19.81 ? 178 TRP A CA  1 
ATOM   366  C  C   . TRP A 1 89  ? 1.287   2.716   -6.236  1.00 20.13 ? 178 TRP A C   1 
ATOM   367  O  O   . TRP A 1 89  ? 0.368   2.277   -5.513  1.00 20.22 ? 178 TRP A O   1 
ATOM   368  C  CB  . TRP A 1 89  ? 1.169   5.184   -6.176  1.00 19.29 ? 178 TRP A CB  1 
ATOM   369  C  CG  . TRP A 1 89  ? 0.976   6.509   -6.861  1.00 21.12 ? 178 TRP A CG  1 
ATOM   370  C  CD1 . TRP A 1 89  ? 1.956   7.411   -7.182  1.00 22.59 ? 178 TRP A CD1 1 
ATOM   371  C  CD2 . TRP A 1 89  ? -0.266  7.107   -7.283  1.00 21.91 ? 178 TRP A CD2 1 
ATOM   372  N  NE1 . TRP A 1 89  ? 1.404   8.516   -7.787  1.00 19.11 ? 178 TRP A NE1 1 
ATOM   373  C  CE2 . TRP A 1 89  ? 0.045   8.369   -7.850  1.00 21.39 ? 178 TRP A CE2 1 
ATOM   374  C  CE3 . TRP A 1 89  ? -1.619  6.714   -7.226  1.00 19.69 ? 178 TRP A CE3 1 
ATOM   375  C  CZ2 . TRP A 1 89  ? -0.945  9.232   -8.381  1.00 21.86 ? 178 TRP A CZ2 1 
ATOM   376  C  CZ3 . TRP A 1 89  ? -2.595  7.571   -7.727  1.00 20.90 ? 178 TRP A CZ3 1 
ATOM   377  C  CH2 . TRP A 1 89  ? -2.251  8.816   -8.314  1.00 21.56 ? 178 TRP A CH2 1 
ATOM   378  N  N   . VAL A 1 90  ? 2.504   2.168   -6.305  1.00 18.94 ? 179 VAL A N   1 
ATOM   379  C  CA  . VAL A 1 90  ? 2.861   0.969   -5.550  1.00 18.46 ? 179 VAL A CA  1 
ATOM   380  C  C   . VAL A 1 90  ? 4.270   1.058   -4.994  1.00 17.46 ? 179 VAL A C   1 
ATOM   381  O  O   . VAL A 1 90  ? 5.182   1.462   -5.706  1.00 17.80 ? 179 VAL A O   1 
ATOM   382  C  CB  . VAL A 1 90  ? 2.846   -0.301  -6.450  1.00 18.27 ? 179 VAL A CB  1 
ATOM   383  C  CG1 . VAL A 1 90  ? 2.865   -1.581  -5.556  1.00 18.89 ? 179 VAL A CG1 1 
ATOM   384  C  CG2 . VAL A 1 90  ? 1.646   -0.293  -7.351  1.00 23.67 ? 179 VAL A CG2 1 
ATOM   385  N  N   . MET A 1 91  ? 4.438   0.635   -3.743  1.00 15.35 ? 180 MET A N   1 
ATOM   386  C  CA  . MET A 1 91  ? 5.753   0.448   -3.160  1.00 17.61 ? 180 MET A CA  1 
ATOM   387  C  C   . MET A 1 91  ? 5.654   -0.714  -2.196  1.00 18.06 ? 180 MET A C   1 
ATOM   388  O  O   . MET A 1 91  ? 4.570   -1.241  -1.914  1.00 19.87 ? 180 MET A O   1 
ATOM   389  C  CB  . MET A 1 91  ? 6.234   1.697   -2.400  1.00 16.80 ? 180 MET A CB  1 
ATOM   390  C  CG  . MET A 1 91  ? 5.366   2.018   -1.145  1.00 15.35 ? 180 MET A CG  1 
ATOM   391  S  SD  . MET A 1 91  ? 6.148   3.351   -0.183  1.00 22.10 ? 180 MET A SD  1 
ATOM   392  C  CE  . MET A 1 91  ? 7.444   2.375   0.623   1.00 18.62 ? 180 MET A CE  1 
ATOM   393  N  N   . MET A 1 92  ? 6.789   -1.126  -1.698  1.00 17.30 ? 181 MET A N   1 
ATOM   394  C  CA  . MET A 1 92  ? 6.807   -2.166  -0.701  1.00 18.64 ? 181 MET A CA  1 
ATOM   395  C  C   . MET A 1 92  ? 7.480   -1.632  0.552   1.00 18.23 ? 181 MET A C   1 
ATOM   396  O  O   . MET A 1 92  ? 8.434   -0.829  0.497   1.00 16.70 ? 181 MET A O   1 
ATOM   397  C  CB  . MET A 1 92  ? 7.506   -3.419  -1.244  1.00 18.16 ? 181 MET A CB  1 
ATOM   398  C  CG  . MET A 1 92  ? 6.568   -4.226  -2.248  1.00 23.83 ? 181 MET A CG  1 
ATOM   399  S  SD  . MET A 1 92  ? 7.328   -5.833  -2.542  1.00 38.24 ? 181 MET A SD  1 
ATOM   400  C  CE  . MET A 1 92  ? 8.546   -5.357  -3.780  1.00 32.30 ? 181 MET A CE  1 
ATOM   401  N  N   . GLN A 1 93  ? 6.945   -2.065  1.679   1.00 19.52 ? 182 GLN A N   1 
ATOM   402  C  CA  . GLN A 1 93  ? 7.505   -1.756  2.978   1.00 19.69 ? 182 GLN A CA  1 
ATOM   403  C  C   . GLN A 1 93  ? 7.995   -3.058  3.639   1.00 20.27 ? 182 GLN A C   1 
ATOM   404  O  O   . GLN A 1 93  ? 7.237   -4.019  3.709   1.00 21.15 ? 182 GLN A O   1 
ATOM   405  C  CB  . GLN A 1 93  ? 6.451   -1.059  3.841   1.00 18.84 ? 182 GLN A CB  1 
ATOM   406  C  CG  . GLN A 1 93  ? 6.907   -0.763  5.307   1.00 20.25 ? 182 GLN A CG  1 
ATOM   407  C  CD  . GLN A 1 93  ? 5.891   0.094   6.075   1.00 23.86 ? 182 GLN A CD  1 
ATOM   408  O  OE1 . GLN A 1 93  ? 6.115   0.482   7.253   1.00 27.60 ? 182 GLN A OE1 1 
ATOM   409  N  NE2 . GLN A 1 93  ? 4.791   0.388   5.426   1.00 19.24 ? 182 GLN A NE2 1 
ATOM   410  N  N   . SER A 1 94  ? 9.245   -3.081  4.114   1.00 20.11 ? 183 SER A N   1 
ATOM   411  C  CA  . SER A 1 94  ? 9.805   -4.271  4.745   1.00 22.29 ? 183 SER A CA  1 
ATOM   412  C  C   . SER A 1 94  ? 10.012  -4.067  6.227   1.00 21.74 ? 183 SER A C   1 
ATOM   413  O  O   . SER A 1 94  ? 10.832  -3.213  6.640   1.00 19.73 ? 183 SER A O   1 
ATOM   414  C  CB  . SER A 1 94  ? 11.194  -4.610  4.176   1.00 23.35 ? 183 SER A CB  1 
ATOM   415  O  OG  . SER A 1 94  ? 11.074  -4.981  2.827   1.00 30.54 ? 183 SER A OG  1 
ATOM   416  N  N   . CYS A 1 95  ? 9.356   -4.923  7.018   1.00 20.84 ? 184 CYS A N   1 
ATOM   417  C  CA  . CYS A 1 95  ? 9.534   -4.906  8.460   1.00 19.28 ? 184 CYS A CA  1 
ATOM   418  C  C   . CYS A 1 95  ? 9.007   -6.205  9.021   1.00 19.67 ? 184 CYS A C   1 
ATOM   419  O  O   . CYS A 1 95  ? 8.287   -6.965  8.323   1.00 20.10 ? 184 CYS A O   1 
ATOM   420  C  CB  . CYS A 1 95  ? 8.818   -3.704  9.094   1.00 19.00 ? 184 CYS A CB  1 
ATOM   421  S  SG  . CYS A 1 95  ? 7.104   -3.583  8.551   1.00 21.29 ? 184 CYS A SG  1 
ATOM   422  N  N   . PHE A 1 96  ? 9.422   -6.475  10.266  1.00 17.24 ? 185 PHE A N   1 
ATOM   423  C  CA  . PHE A 1 96  ? 9.074   -7.681  10.994  1.00 16.01 ? 185 PHE A CA  1 
ATOM   424  C  C   . PHE A 1 96  ? 9.383   -8.943  10.211  1.00 14.89 ? 185 PHE A C   1 
ATOM   425  O  O   . PHE A 1 96  ? 8.729   -9.958  10.381  1.00 13.57 ? 185 PHE A O   1 
ATOM   426  C  CB  . PHE A 1 96  ? 7.606   -7.638  11.447  1.00 17.46 ? 185 PHE A CB  1 
ATOM   427  C  CG  . PHE A 1 96  ? 7.276   -6.459  12.313  1.00 16.36 ? 185 PHE A CG  1 
ATOM   428  C  CD1 . PHE A 1 96  ? 6.447   -5.462  11.850  1.00 21.65 ? 185 PHE A CD1 1 
ATOM   429  C  CD2 . PHE A 1 96  ? 7.826   -6.340  13.587  1.00 19.31 ? 185 PHE A CD2 1 
ATOM   430  C  CE1 . PHE A 1 96  ? 6.152   -4.351  12.656  1.00 18.52 ? 185 PHE A CE1 1 
ATOM   431  C  CE2 . PHE A 1 96  ? 7.545   -5.240  14.388  1.00 19.05 ? 185 PHE A CE2 1 
ATOM   432  C  CZ  . PHE A 1 96  ? 6.710   -4.240  13.898  1.00 16.36 ? 185 PHE A CZ  1 
ATOM   433  N  N   . GLY A 1 97  ? 10.399  -8.874  9.363   1.00 15.09 ? 186 GLY A N   1 
ATOM   434  C  CA  . GLY A 1 97  ? 10.834  -10.022 8.569   1.00 15.62 ? 186 GLY A CA  1 
ATOM   435  C  C   . GLY A 1 97  ? 9.940   -10.292 7.342   1.00 15.01 ? 186 GLY A C   1 
ATOM   436  O  O   . GLY A 1 97  ? 10.129  -11.278 6.638   1.00 14.27 ? 186 GLY A O   1 
ATOM   437  N  N   . PHE A 1 98  ? 8.959   -9.431  7.117   1.00 15.78 ? 187 PHE A N   1 
ATOM   438  C  CA  . PHE A 1 98  ? 7.986   -9.580  5.992   1.00 16.96 ? 187 PHE A CA  1 
ATOM   439  C  C   . PHE A 1 98  ? 7.990   -8.403  5.007   1.00 17.01 ? 187 PHE A C   1 
ATOM   440  O  O   . PHE A 1 98  ? 8.567   -7.351  5.253   1.00 15.46 ? 187 PHE A O   1 
ATOM   441  C  CB  . PHE A 1 98  ? 6.553   -9.706  6.528   1.00 15.40 ? 187 PHE A CB  1 
ATOM   442  C  CG  . PHE A 1 98  ? 6.259   -11.034 7.172   1.00 17.44 ? 187 PHE A CG  1 
ATOM   443  C  CD1 . PHE A 1 98  ? 6.329   -11.179 8.547   1.00 17.37 ? 187 PHE A CD1 1 
ATOM   444  C  CD2 . PHE A 1 98  ? 5.916   -12.140 6.388   1.00 14.07 ? 187 PHE A CD2 1 
ATOM   445  C  CE1 . PHE A 1 98  ? 6.072   -12.436 9.159   1.00 16.92 ? 187 PHE A CE1 1 
ATOM   446  C  CE2 . PHE A 1 98  ? 5.640   -13.366 6.964   1.00 17.79 ? 187 PHE A CE2 1 
ATOM   447  C  CZ  . PHE A 1 98  ? 5.727   -13.527 8.374   1.00 17.43 ? 187 PHE A CZ  1 
ATOM   448  N  N   . HIS A 1 99  ? 7.310   -8.599  3.886   1.00 18.81 ? 188 HIS A N   1 
ATOM   449  C  CA  . HIS A 1 99  ? 7.153   -7.527  2.911   1.00 19.05 ? 188 HIS A CA  1 
ATOM   450  C  C   . HIS A 1 99  ? 5.687   -7.229  2.760   1.00 17.92 ? 188 HIS A C   1 
ATOM   451  O  O   . HIS A 1 99  ? 4.867   -8.128  2.642   1.00 17.21 ? 188 HIS A O   1 
ATOM   452  C  CB  . HIS A 1 99  ? 7.822   -7.922  1.577   1.00 18.93 ? 188 HIS A CB  1 
ATOM   453  C  CG  . HIS A 1 99  ? 9.289   -8.201  1.732   1.00 22.51 ? 188 HIS A CG  1 
ATOM   454  N  ND1 . HIS A 1 99  ? 10.254  -7.254  1.486   1.00 29.18 ? 188 HIS A ND1 1 
ATOM   455  C  CD2 . HIS A 1 99  ? 9.948   -9.299  2.166   1.00 26.81 ? 188 HIS A CD2 1 
ATOM   456  C  CE1 . HIS A 1 99  ? 11.447  -7.763  1.738   1.00 29.42 ? 188 HIS A CE1 1 
ATOM   457  N  NE2 . HIS A 1 99  ? 11.289  -9.000  2.160   1.00 30.46 ? 188 HIS A NE2 1 
ATOM   458  N  N   . PHE A 1 100 ? 5.365   -5.949  2.796   1.00 19.25 ? 189 PHE A N   1 
ATOM   459  C  CA  . PHE A 1 100 ? 3.988   -5.505  2.657   1.00 20.53 ? 189 PHE A CA  1 
ATOM   460  C  C   . PHE A 1 100 ? 3.934   -4.655  1.391   1.00 20.97 ? 189 PHE A C   1 
ATOM   461  O  O   . PHE A 1 100 ? 4.802   -3.790  1.176   1.00 23.14 ? 189 PHE A O   1 
ATOM   462  C  CB  . PHE A 1 100 ? 3.559   -4.646  3.881   1.00 20.94 ? 189 PHE A CB  1 
ATOM   463  C  CG  . PHE A 1 100 ? 3.634   -5.384  5.213   1.00 21.64 ? 189 PHE A CG  1 
ATOM   464  C  CD1 . PHE A 1 100 ? 4.863   -5.544  5.875   1.00 15.92 ? 189 PHE A CD1 1 
ATOM   465  C  CD2 . PHE A 1 100 ? 2.472   -5.937  5.790   1.00 17.90 ? 189 PHE A CD2 1 
ATOM   466  C  CE1 . PHE A 1 100 ? 4.931   -6.227  7.113   1.00 17.31 ? 189 PHE A CE1 1 
ATOM   467  C  CE2 . PHE A 1 100 ? 2.545   -6.625  7.024   1.00 21.69 ? 189 PHE A CE2 1 
ATOM   468  C  CZ  . PHE A 1 100 ? 3.765   -6.780  7.668   1.00 17.15 ? 189 PHE A CZ  1 
ATOM   469  N  N   . MET A 1 101 ? 2.938   -4.915  0.568   1.00 19.39 ? 190 MET A N   1 
ATOM   470  C  CA  . MET A 1 101 ? 2.647   -4.115  -0.607  1.00 19.87 ? 190 MET A CA  1 
ATOM   471  C  C   . MET A 1 101 ? 1.723   -2.965  -0.202  1.00 19.79 ? 190 MET A C   1 
ATOM   472  O  O   . MET A 1 101 ? 0.655   -3.191  0.382   1.00 18.55 ? 190 MET A O   1 
ATOM   473  C  CB  . MET A 1 101 ? 1.975   -4.991  -1.688  1.00 20.90 ? 190 MET A CB  1 
ATOM   474  C  CG  . MET A 1 101 ? 1.601   -4.164  -2.939  1.00 27.23 ? 190 MET A CG  1 
ATOM   475  S  SD  . MET A 1 101 ? 1.686   -5.077  -4.466  1.00 38.05 ? 190 MET A SD  1 
ATOM   476  C  CE  . MET A 1 101 ? 3.475   -5.313  -4.471  1.00 27.03 ? 190 MET A CE  1 
ATOM   477  N  N   . LEU A 1 102 ? 2.160   -1.744  -0.506  1.00 18.77 ? 191 LEU A N   1 
ATOM   478  C  CA  . LEU A 1 102 ? 1.419   -0.514  -0.231  1.00 17.24 ? 191 LEU A CA  1 
ATOM   479  C  C   . LEU A 1 102 ? 0.876   -0.033  -1.572  1.00 17.70 ? 191 LEU A C   1 
ATOM   480  O  O   . LEU A 1 102 ? 1.627   0.101   -2.548  1.00 14.93 ? 191 LEU A O   1 
ATOM   481  C  CB  . LEU A 1 102 ? 2.349   0.546   0.352   1.00 14.73 ? 191 LEU A CB  1 
ATOM   482  C  CG  . LEU A 1 102 ? 2.603   0.472   1.864   1.00 21.05 ? 191 LEU A CG  1 
ATOM   483  C  CD1 . LEU A 1 102 ? 2.876   -0.960  2.419   1.00 13.36 ? 191 LEU A CD1 1 
ATOM   484  C  CD2 . LEU A 1 102 ? 3.745   1.395   2.239   1.00 15.21 ? 191 LEU A CD2 1 
ATOM   485  N  N   . VAL A 1 103 ? -0.426  0.207   -1.627  1.00 16.58 ? 192 VAL A N   1 
ATOM   486  C  CA  . VAL A 1 103 ? -1.050  0.583   -2.893  1.00 16.89 ? 192 VAL A CA  1 
ATOM   487  C  C   . VAL A 1 103 ? -1.922  1.813   -2.686  1.00 16.84 ? 192 VAL A C   1 
ATOM   488  O  O   . VAL A 1 103 ? -2.728  1.865   -1.744  1.00 16.47 ? 192 VAL A O   1 
ATOM   489  C  CB  . VAL A 1 103 ? -1.922  -0.580  -3.513  1.00 18.48 ? 192 VAL A CB  1 
ATOM   490  C  CG1 . VAL A 1 103 ? -2.669  -0.088  -4.783  1.00 17.38 ? 192 VAL A CG1 1 
ATOM   491  C  CG2 . VAL A 1 103 ? -1.052  -1.770  -3.881  1.00 17.83 ? 192 VAL A CG2 1 
ATOM   492  N  N   . LEU A 1 104 ? -1.764  2.798   -3.557  1.00 16.57 ? 193 LEU A N   1 
ATOM   493  C  CA  . LEU A 1 104 ? -2.768  3.861   -3.676  1.00 16.88 ? 193 LEU A CA  1 
ATOM   494  C  C   . LEU A 1 104 ? -3.376  3.790   -5.076  1.00 18.52 ? 193 LEU A C   1 
ATOM   495  O  O   . LEU A 1 104 ? -2.650  3.731   -6.057  1.00 18.09 ? 193 LEU A O   1 
ATOM   496  C  CB  . LEU A 1 104 ? -2.153  5.244   -3.424  1.00 16.55 ? 193 LEU A CB  1 
ATOM   497  C  CG  . LEU A 1 104 ? -3.114  6.439   -3.631  1.00 16.60 ? 193 LEU A CG  1 
ATOM   498  C  CD1 . LEU A 1 104 ? -4.090  6.511   -2.436  1.00 13.66 ? 193 LEU A CD1 1 
ATOM   499  C  CD2 . LEU A 1 104 ? -2.383  7.735   -3.772  1.00 13.40 ? 193 LEU A CD2 1 
ATOM   500  N  N   . GLU A 1 105 ? -4.705  3.740   -5.174  1.00 20.39 ? 194 GLU A N   1 
ATOM   501  C  CA  . GLU A 1 105 ? -5.364  3.766   -6.467  1.00 21.17 ? 194 GLU A CA  1 
ATOM   502  C  C   . GLU A 1 105 ? -6.388  4.872   -6.528  1.00 21.94 ? 194 GLU A C   1 
ATOM   503  O  O   . GLU A 1 105 ? -7.131  5.117   -5.569  1.00 20.56 ? 194 GLU A O   1 
ATOM   504  C  CB  . GLU A 1 105 ? -6.121  2.478   -6.765  1.00 22.92 ? 194 GLU A CB  1 
ATOM   505  C  CG  . GLU A 1 105 ? -5.371  1.178   -6.610  1.00 25.55 ? 194 GLU A CG  1 
ATOM   506  C  CD  . GLU A 1 105 ? -6.118  0.028   -7.269  1.00 33.30 ? 194 GLU A CD  1 
ATOM   507  O  OE1 . GLU A 1 105 ? -5.821  -1.133  -6.922  1.00 39.17 ? 194 GLU A OE1 1 
ATOM   508  O  OE2 . GLU A 1 105 ? -7.000  0.283   -8.129  1.00 31.61 ? 194 GLU A OE2 1 
ATOM   509  N  N   . LYS A 1 106 ? -6.429  5.509   -7.686  1.00 21.70 ? 195 LYS A N   1 
ATOM   510  C  CA  . LYS A 1 106 ? -7.387  6.549   -8.008  1.00 23.33 ? 195 LYS A CA  1 
ATOM   511  C  C   . LYS A 1 106 ? -8.310  5.908   -9.031  1.00 23.91 ? 195 LYS A C   1 
ATOM   512  O  O   . LYS A 1 106 ? -7.857  5.489   -10.102 1.00 22.33 ? 195 LYS A O   1 
ATOM   513  C  CB  . LYS A 1 106 ? -6.646  7.742   -8.619  1.00 23.05 ? 195 LYS A CB  1 
ATOM   514  C  CG  . LYS A 1 106 ? -7.469  8.959   -9.016  1.00 25.60 ? 195 LYS A CG  1 
ATOM   515  C  CD  . LYS A 1 106 ? -6.493  10.044  -9.541  1.00 30.88 ? 195 LYS A CD  1 
ATOM   516  C  CE  . LYS A 1 106 ? -7.018  10.878  -10.702 1.00 27.72 ? 195 LYS A CE  1 
ATOM   517  N  NZ  . LYS A 1 106 ? -6.492  10.476  -12.054 1.00 32.98 ? 195 LYS A NZ  1 
ATOM   518  N  N   . GLN A 1 107 ? -9.577  5.748   -8.650  1.00 25.33 ? 196 GLN A N   1 
ATOM   519  C  CA  . GLN A 1 107 ? -10.633 5.313   -9.569  1.00 27.31 ? 196 GLN A CA  1 
ATOM   520  C  C   . GLN A 1 107 ? -11.674 6.412   -9.706  1.00 27.33 ? 196 GLN A C   1 
ATOM   521  O  O   . GLN A 1 107 ? -12.345 6.499   -10.730 1.00 30.20 ? 196 GLN A O   1 
ATOM   522  C  CB  . GLN A 1 107 ? -11.339 4.044   -9.082  1.00 27.81 ? 196 GLN A CB  1 
ATOM   523  C  CG  . GLN A 1 107 ? -10.443 2.888   -8.689  1.00 28.95 ? 196 GLN A CG  1 
ATOM   524  C  CD  . GLN A 1 107 ? -11.210 1.589   -8.435  1.00 31.05 ? 196 GLN A CD  1 
ATOM   525  O  OE1 . GLN A 1 107 ? -10.596 0.538   -8.279  1.00 34.41 ? 196 GLN A OE1 1 
ATOM   526  N  NE2 . GLN A 1 107 ? -12.539 1.658   -8.392  1.00 30.49 ? 196 GLN A NE2 1 
ATOM   527  N  N   . GLN A 1 114 ? -13.878 11.382  -8.770  1.00 29.78 ? 203 GLN A N   1 
ATOM   528  C  CA  . GLN A 1 114 ? -12.930 10.298  -8.531  1.00 30.11 ? 203 GLN A CA  1 
ATOM   529  C  C   . GLN A 1 114 ? -12.718 10.066  -7.040  1.00 28.92 ? 203 GLN A C   1 
ATOM   530  O  O   . GLN A 1 114 ? -12.803 11.009  -6.253  1.00 28.64 ? 203 GLN A O   1 
ATOM   531  C  CB  . GLN A 1 114 ? -11.576 10.594  -9.183  1.00 30.05 ? 203 GLN A CB  1 
ATOM   532  C  CG  . GLN A 1 114 ? -11.642 11.565  -10.357 1.00 35.84 ? 203 GLN A CG  1 
ATOM   533  C  CD  . GLN A 1 114 ? -10.279 12.119  -10.723 1.00 39.47 ? 203 GLN A CD  1 
ATOM   534  O  OE1 . GLN A 1 114 ? -9.744  12.985  -10.023 1.00 41.59 ? 203 GLN A OE1 1 
ATOM   535  N  NE2 . GLN A 1 114 ? -9.713  11.622  -11.819 1.00 40.83 ? 203 GLN A NE2 1 
ATOM   536  N  N   . GLN A 1 115 ? -12.427 8.815   -6.674  1.00 27.54 ? 204 GLN A N   1 
ATOM   537  C  CA  . GLN A 1 115 ? -12.044 8.466   -5.308  1.00 27.11 ? 204 GLN A CA  1 
ATOM   538  C  C   . GLN A 1 115 ? -10.684 7.778   -5.242  1.00 25.59 ? 204 GLN A C   1 
ATOM   539  O  O   . GLN A 1 115 ? -10.270 7.076   -6.165  1.00 24.48 ? 204 GLN A O   1 
ATOM   540  C  CB  . GLN A 1 115 ? -13.113 7.596   -4.636  1.00 27.80 ? 204 GLN A CB  1 
ATOM   541  C  CG  . GLN A 1 115 ? -14.207 8.416   -3.925  1.00 29.83 ? 204 GLN A CG  1 
ATOM   542  C  CD  . GLN A 1 115 ? -15.128 7.573   -3.038  1.00 33.86 ? 204 GLN A CD  1 
ATOM   543  O  OE1 . GLN A 1 115 ? -15.633 6.522   -3.465  1.00 34.88 ? 204 GLN A OE1 1 
ATOM   544  N  NE2 . GLN A 1 115 ? -15.359 8.043   -1.804  1.00 32.20 ? 204 GLN A NE2 1 
ATOM   545  N  N   . PHE A 1 116 ? -10.003 8.012   -4.133  1.00 24.64 ? 205 PHE A N   1 
ATOM   546  C  CA  . PHE A 1 116 ? -8.752  7.367   -3.814  1.00 23.26 ? 205 PHE A CA  1 
ATOM   547  C  C   . PHE A 1 116 ? -8.960  6.242   -2.817  1.00 22.75 ? 205 PHE A C   1 
ATOM   548  O  O   . PHE A 1 116 ? -9.711  6.389   -1.838  1.00 21.58 ? 205 PHE A O   1 
ATOM   549  C  CB  . PHE A 1 116 ? -7.793  8.379   -3.216  1.00 23.52 ? 205 PHE A CB  1 
ATOM   550  C  CG  . PHE A 1 116 ? -7.244  9.335   -4.216  1.00 26.36 ? 205 PHE A CG  1 
ATOM   551  C  CD1 . PHE A 1 116 ? -7.925  10.517  -4.517  1.00 27.41 ? 205 PHE A CD1 1 
ATOM   552  C  CD2 . PHE A 1 116 ? -6.061  9.054   -4.889  1.00 24.13 ? 205 PHE A CD2 1 
ATOM   553  C  CE1 . PHE A 1 116 ? -7.420  11.402  -5.473  1.00 25.11 ? 205 PHE A CE1 1 
ATOM   554  C  CE2 . PHE A 1 116 ? -5.548  9.942   -5.831  1.00 25.42 ? 205 PHE A CE2 1 
ATOM   555  C  CZ  . PHE A 1 116 ? -6.232  11.116  -6.117  1.00 28.11 ? 205 PHE A CZ  1 
ATOM   556  N  N   . PHE A 1 117 ? -8.258  5.132   -3.066  1.00 21.34 ? 206 PHE A N   1 
ATOM   557  C  CA  . PHE A 1 117 ? -8.221  3.977   -2.167  1.00 19.83 ? 206 PHE A CA  1 
ATOM   558  C  C   . PHE A 1 117 ? -6.776  3.662   -1.770  1.00 19.02 ? 206 PHE A C   1 
ATOM   559  O  O   . PHE A 1 117 ? -5.951  3.476   -2.645  1.00 19.09 ? 206 PHE A O   1 
ATOM   560  C  CB  . PHE A 1 117 ? -8.889  2.766   -2.842  1.00 18.77 ? 206 PHE A CB  1 
ATOM   561  C  CG  . PHE A 1 117 ? -10.306 3.045   -3.311  1.00 22.05 ? 206 PHE A CG  1 
ATOM   562  C  CD1 . PHE A 1 117 ? -10.551 3.533   -4.584  1.00 19.85 ? 206 PHE A CD1 1 
ATOM   563  C  CD2 . PHE A 1 117 ? -11.382 2.844   -2.459  1.00 19.87 ? 206 PHE A CD2 1 
ATOM   564  C  CE1 . PHE A 1 117 ? -11.844 3.812   -4.992  1.00 23.98 ? 206 PHE A CE1 1 
ATOM   565  C  CE2 . PHE A 1 117 ? -12.670 3.118   -2.863  1.00 20.77 ? 206 PHE A CE2 1 
ATOM   566  C  CZ  . PHE A 1 117 ? -12.904 3.606   -4.124  1.00 21.13 ? 206 PHE A CZ  1 
ATOM   567  N  N   . ALA A 1 118 ? -6.474  3.630   -0.467  1.00 17.92 ? 207 ALA A N   1 
ATOM   568  C  CA  . ALA A 1 118 ? -5.122  3.265   0.033   1.00 18.82 ? 207 ALA A CA  1 
ATOM   569  C  C   . ALA A 1 118 ? -5.245  1.987   0.823   1.00 19.61 ? 207 ALA A C   1 
ATOM   570  O  O   . ALA A 1 118 ? -6.124  1.848   1.696   1.00 19.11 ? 207 ALA A O   1 
ATOM   571  C  CB  . ALA A 1 118 ? -4.513  4.345   0.928   1.00 16.57 ? 207 ALA A CB  1 
ATOM   572  N  N   . ILE A 1 119 ? -4.388  1.034   0.503   1.00 21.40 ? 208 ILE A N   1 
ATOM   573  C  CA  . ILE A 1 119 ? -4.443  -0.234  1.199   1.00 22.03 ? 208 ILE A CA  1 
ATOM   574  C  C   . ILE A 1 119 ? -3.064  -0.891  1.369   1.00 20.84 ? 208 ILE A C   1 
ATOM   575  O  O   . ILE A 1 119 ? -2.100  -0.635  0.603   1.00 19.36 ? 208 ILE A O   1 
ATOM   576  C  CB  . ILE A 1 119 ? -5.403  -1.192  0.458   1.00 23.59 ? 208 ILE A CB  1 
ATOM   577  C  CG1 . ILE A 1 119 ? -5.972  -2.236  1.449   1.00 26.72 ? 208 ILE A CG1 1 
ATOM   578  C  CG2 . ILE A 1 119 ? -4.660  -1.849  -0.717  1.00 20.73 ? 208 ILE A CG2 1 
ATOM   579  C  CD1 . ILE A 1 119 ? -7.300  -2.986  0.955   1.00 28.30 ? 208 ILE A CD1 1 
ATOM   580  N  N   . VAL A 1 120 ? -2.988  -1.751  2.373   1.00 18.53 ? 209 VAL A N   1 
ATOM   581  C  CA  . VAL A 1 120 ? -1.778  -2.476  2.654   1.00 18.61 ? 209 VAL A CA  1 
ATOM   582  C  C   . VAL A 1 120 ? -2.081  -3.965  2.608   1.00 19.17 ? 209 VAL A C   1 
ATOM   583  O  O   . VAL A 1 120 ? -3.077  -4.434  3.188   1.00 18.18 ? 209 VAL A O   1 
ATOM   584  C  CB  . VAL A 1 120 ? -1.236  -2.097  4.040   1.00 20.07 ? 209 VAL A CB  1 
ATOM   585  C  CG1 . VAL A 1 120 ? -0.106  -3.077  4.477   1.00 17.66 ? 209 VAL A CG1 1 
ATOM   586  C  CG2 . VAL A 1 120 ? -0.792  -0.629  4.031   1.00 20.01 ? 209 VAL A CG2 1 
ATOM   587  N  N   . GLN A 1 121 ? -1.187  -4.715  1.982   1.00 17.28 ? 210 GLN A N   1 
ATOM   588  C  CA  . GLN A 1 121 ? -1.373  -6.128  1.854   1.00 19.55 ? 210 GLN A CA  1 
ATOM   589  C  C   . GLN A 1 121 ? -0.081  -6.863  2.218   1.00 20.71 ? 210 GLN A C   1 
ATOM   590  O  O   . GLN A 1 121 ? 1.026   -6.446  1.801   1.00 21.68 ? 210 GLN A O   1 
ATOM   591  C  CB  . GLN A 1 121 ? -1.771  -6.327  0.375   1.00 21.46 ? 210 GLN A CB  1 
ATOM   592  C  CG  . GLN A 1 121 ? -1.664  -7.616  -0.199  1.00 28.34 ? 210 GLN A CG  1 
ATOM   593  C  CD  . GLN A 1 121 ? -2.135  -7.589  -1.664  1.00 37.66 ? 210 GLN A CD  1 
ATOM   594  O  OE1 . GLN A 1 121 ? -1.536  -6.902  -2.515  1.00 36.40 ? 210 GLN A OE1 1 
ATOM   595  N  NE2 . GLN A 1 121 ? -3.232  -8.293  -1.936  1.00 34.16 ? 210 GLN A NE2 1 
ATOM   596  N  N   . LEU A 1 122 ? -0.207  -7.937  2.992   1.00 18.21 ? 211 LEU A N   1 
ATOM   597  C  CA  . LEU A 1 122 ? 0.962   -8.760  3.343   1.00 19.52 ? 211 LEU A CA  1 
ATOM   598  C  C   . LEU A 1 122 ? 1.315   -9.731  2.247   1.00 18.42 ? 211 LEU A C   1 
ATOM   599  O  O   . LEU A 1 122 ? 0.457   -10.458 1.784   1.00 18.50 ? 211 LEU A O   1 
ATOM   600  C  CB  . LEU A 1 122 ? 0.741   -9.567  4.649   1.00 18.09 ? 211 LEU A CB  1 
ATOM   601  C  CG  . LEU A 1 122 ? 1.949   -10.469 5.001   1.00 20.23 ? 211 LEU A CG  1 
ATOM   602  C  CD1 . LEU A 1 122 ? 3.058   -9.658  5.567   1.00 16.56 ? 211 LEU A CD1 1 
ATOM   603  C  CD2 . LEU A 1 122 ? 1.606   -11.599 5.951   1.00 14.89 ? 211 LEU A CD2 1 
ATOM   604  N  N   . ILE A 1 123 ? 2.570   -9.736  1.815   1.00 18.44 ? 212 ILE A N   1 
ATOM   605  C  CA  . ILE A 1 123 ? 3.043   -10.851 1.020   1.00 18.86 ? 212 ILE A CA  1 
ATOM   606  C  C   . ILE A 1 123 ? 3.228   -12.054 1.971   1.00 19.71 ? 212 ILE A C   1 
ATOM   607  O  O   . ILE A 1 123 ? 4.300   -12.279 2.537   1.00 19.65 ? 212 ILE A O   1 
ATOM   608  C  CB  . ILE A 1 123 ? 4.293   -10.429 0.210   1.00 21.26 ? 212 ILE A CB  1 
ATOM   609  C  CG1 . ILE A 1 123 ? 3.887   -9.274  -0.735  1.00 21.80 ? 212 ILE A CG1 1 
ATOM   610  C  CG2 . ILE A 1 123 ? 4.839   -11.600 -0.620  1.00 19.99 ? 212 ILE A CG2 1 
ATOM   611  C  CD1 . ILE A 1 123 ? 4.996   -8.647  -1.401  1.00 23.98 ? 212 ILE A CD1 1 
ATOM   612  N  N   . GLY A 1 124 ? 2.127   -12.774 2.182   1.00 19.48 ? 213 GLY A N   1 
ATOM   613  C  CA  . GLY A 1 124 ? 2.073   -13.876 3.117   1.00 20.04 ? 213 GLY A CA  1 
ATOM   614  C  C   . GLY A 1 124 ? 0.652   -14.415 3.221   1.00 20.56 ? 213 GLY A C   1 
ATOM   615  O  O   . GLY A 1 124 ? -0.239  -13.977 2.488   1.00 21.00 ? 213 GLY A O   1 
ATOM   616  N  N   . THR A 1 125 ? 0.447   -15.355 4.140   1.00 19.94 ? 214 THR A N   1 
ATOM   617  C  CA  . THR A 1 125 ? -0.857  -15.999 4.332   1.00 20.84 ? 214 THR A CA  1 
ATOM   618  C  C   . THR A 1 125 ? -1.755  -15.130 5.185   1.00 21.03 ? 214 THR A C   1 
ATOM   619  O  O   . THR A 1 125 ? -1.281  -14.214 5.828   1.00 20.77 ? 214 THR A O   1 
ATOM   620  C  CB  . THR A 1 125 ? -0.717  -17.381 5.006   1.00 20.79 ? 214 THR A CB  1 
ATOM   621  O  OG1 . THR A 1 125 ? -0.053  -17.243 6.274   1.00 21.89 ? 214 THR A OG1 1 
ATOM   622  C  CG2 . THR A 1 125 ? 0.201   -18.305 4.193   1.00 19.90 ? 214 THR A CG2 1 
ATOM   623  N  N   . ARG A 1 126 ? -3.051  -15.431 5.177   1.00 21.83 ? 215 ARG A N   1 
ATOM   624  C  CA  . ARG A 1 126 ? -3.996  -14.810 6.093   1.00 22.29 ? 215 ARG A CA  1 
ATOM   625  C  C   . ARG A 1 126 ? -3.554  -15.014 7.553   1.00 21.05 ? 215 ARG A C   1 
ATOM   626  O  O   . ARG A 1 126 ? -3.641  -14.093 8.350   1.00 19.37 ? 215 ARG A O   1 
ATOM   627  C  CB  . ARG A 1 126 ? -5.406  -15.398 5.902   1.00 23.92 ? 215 ARG A CB  1 
ATOM   628  C  CG  . ARG A 1 126 ? -6.406  -14.850 6.925   1.00 28.13 ? 215 ARG A CG  1 
ATOM   629  C  CD  . ARG A 1 126 ? -7.716  -15.549 6.957   1.00 37.15 ? 215 ARG A CD  1 
ATOM   630  N  NE  . ARG A 1 126 ? -8.806  -14.589 6.800   1.00 44.79 ? 215 ARG A NE  1 
ATOM   631  C  CZ  . ARG A 1 126 ? -10.093 -14.920 6.657   1.00 49.59 ? 215 ARG A CZ  1 
ATOM   632  N  NH1 . ARG A 1 126 ? -10.479 -16.201 6.660   1.00 49.53 ? 215 ARG A NH1 1 
ATOM   633  N  NH2 . ARG A 1 126 ? -11.005 -13.958 6.517   1.00 51.78 ? 215 ARG A NH2 1 
ATOM   634  N  N   . LYS A 1 127 ? -3.092  -16.223 7.891   1.00 20.59 ? 216 LYS A N   1 
ATOM   635  C  CA  . LYS A 1 127 ? -2.685  -16.524 9.268   1.00 20.20 ? 216 LYS A CA  1 
ATOM   636  C  C   . LYS A 1 127 ? -1.565  -15.583 9.714   1.00 18.96 ? 216 LYS A C   1 
ATOM   637  O  O   . LYS A 1 127 ? -1.636  -15.025 10.808  1.00 16.35 ? 216 LYS A O   1 
ATOM   638  C  CB  . LYS A 1 127 ? -2.259  -17.982 9.434   1.00 20.20 ? 216 LYS A CB  1 
ATOM   639  C  CG  . LYS A 1 127 ? -3.269  -18.827 10.174  1.00 24.05 ? 216 LYS A CG  1 
ATOM   640  C  CD  . LYS A 1 127 ? -3.357  -20.250 9.616   1.00 27.80 ? 216 LYS A CD  1 
ATOM   641  C  CE  . LYS A 1 127 ? -4.645  -20.948 10.072  1.00 29.75 ? 216 LYS A CE  1 
ATOM   642  N  NZ  . LYS A 1 127 ? -4.852  -22.256 9.384   1.00 29.53 ? 216 LYS A NZ  1 
ATOM   643  N  N   . GLN A 1 128 ? -0.549  -15.413 8.861   1.00 18.94 ? 217 GLN A N   1 
ATOM   644  C  CA  . GLN A 1 128 ? 0.549   -14.463 9.104   1.00 19.52 ? 217 GLN A CA  1 
ATOM   645  C  C   . GLN A 1 128 ? 0.047   -13.022 9.182   1.00 19.42 ? 217 GLN A C   1 
ATOM   646  O  O   . GLN A 1 128 ? 0.497   -12.241 10.018  1.00 19.34 ? 217 GLN A O   1 
ATOM   647  C  CB  . GLN A 1 128 ? 1.641   -14.569 8.023   1.00 18.93 ? 217 GLN A CB  1 
ATOM   648  C  CG  . GLN A 1 128 ? 2.501   -15.844 8.085   1.00 20.37 ? 217 GLN A CG  1 
ATOM   649  C  CD  . GLN A 1 128 ? 3.289   -16.095 6.793   1.00 21.24 ? 217 GLN A CD  1 
ATOM   650  O  OE1 . GLN A 1 128 ? 2.853   -15.717 5.716   1.00 22.68 ? 217 GLN A OE1 1 
ATOM   651  N  NE2 . GLN A 1 128 ? 4.448   -16.735 6.909   1.00 23.77 ? 217 GLN A NE2 1 
ATOM   652  N  N   . ALA A 1 129 ? -0.877  -12.654 8.304   1.00 20.25 ? 218 ALA A N   1 
ATOM   653  C  CA  . ALA A 1 129 ? -1.366  -11.272 8.273   1.00 20.03 ? 218 ALA A CA  1 
ATOM   654  C  C   . ALA A 1 129 ? -2.103  -10.936 9.573   1.00 19.87 ? 218 ALA A C   1 
ATOM   655  O  O   . ALA A 1 129 ? -2.054  -9.820  10.026  1.00 17.69 ? 218 ALA A O   1 
ATOM   656  C  CB  . ALA A 1 129 ? -2.267  -11.046 7.058   1.00 20.31 ? 218 ALA A CB  1 
ATOM   657  N  N   . GLU A 1 130 ? -2.745  -11.927 10.194  1.00 20.23 ? 219 GLU A N   1 
ATOM   658  C  CA  . GLU A 1 130 ? -3.554  -11.663 11.397  1.00 21.29 ? 219 GLU A CA  1 
ATOM   659  C  C   . GLU A 1 130 ? -2.733  -11.273 12.622  1.00 21.13 ? 219 GLU A C   1 
ATOM   660  O  O   . GLU A 1 130 ? -3.308  -10.926 13.670  1.00 20.41 ? 219 GLU A O   1 
ATOM   661  C  CB  . GLU A 1 130 ? -4.422  -12.872 11.757  1.00 21.94 ? 219 GLU A CB  1 
ATOM   662  C  CG  . GLU A 1 130 ? -5.113  -13.492 10.566  1.00 26.77 ? 219 GLU A CG  1 
ATOM   663  C  CD  . GLU A 1 130 ? -6.615  -13.497 10.694  1.00 31.25 ? 219 GLU A CD  1 
ATOM   664  O  OE1 . GLU A 1 130 ? -7.163  -14.568 11.064  1.00 28.82 ? 219 GLU A OE1 1 
ATOM   665  O  OE2 . GLU A 1 130 ? -7.219  -12.428 10.424  1.00 31.08 ? 219 GLU A OE2 1 
ATOM   666  N  N   . ASN A 1 131 ? -1.405  -11.360 12.495  1.00 20.14 ? 220 ASN A N   1 
ATOM   667  C  CA  . ASN A 1 131 ? -0.501  -10.943 13.555  1.00 18.92 ? 220 ASN A CA  1 
ATOM   668  C  C   . ASN A 1 131 ? -0.100  -9.499  13.405  1.00 18.70 ? 220 ASN A C   1 
ATOM   669  O  O   . ASN A 1 131 ? 0.682   -9.020  14.200  1.00 18.85 ? 220 ASN A O   1 
ATOM   670  C  CB  . ASN A 1 131 ? 0.765   -11.820 13.602  1.00 18.02 ? 220 ASN A CB  1 
ATOM   671  C  CG  . ASN A 1 131 ? 0.480   -13.229 14.028  1.00 17.73 ? 220 ASN A CG  1 
ATOM   672  O  OD1 . ASN A 1 131 ? -0.082  -13.481 15.104  1.00 21.87 ? 220 ASN A OD1 1 
ATOM   673  N  ND2 . ASN A 1 131 ? 0.856   -14.171 13.188  1.00 18.15 ? 220 ASN A ND2 1 
ATOM   674  N  N   . PHE A 1 132 ? -0.611  -8.812  12.377  1.00 19.43 ? 221 PHE A N   1 
ATOM   675  C  CA  . PHE A 1 132 ? -0.269  -7.390  12.148  1.00 19.15 ? 221 PHE A CA  1 
ATOM   676  C  C   . PHE A 1 132 ? -1.468  -6.423  12.141  1.00 20.04 ? 221 PHE A C   1 
ATOM   677  O  O   . PHE A 1 132 ? -2.610  -6.839  12.024  1.00 20.26 ? 221 PHE A O   1 
ATOM   678  C  CB  . PHE A 1 132 ? 0.582   -7.196  10.873  1.00 17.85 ? 221 PHE A CB  1 
ATOM   679  C  CG  . PHE A 1 132 ? 1.892   -7.986  10.885  1.00 16.18 ? 221 PHE A CG  1 
ATOM   680  C  CD1 . PHE A 1 132 ? 1.993   -9.188  10.212  1.00 16.50 ? 221 PHE A CD1 1 
ATOM   681  C  CD2 . PHE A 1 132 ? 2.991   -7.534  11.608  1.00 15.50 ? 221 PHE A CD2 1 
ATOM   682  C  CE1 . PHE A 1 132 ? 3.193   -9.944  10.214  1.00 18.28 ? 221 PHE A CE1 1 
ATOM   683  C  CE2 . PHE A 1 132 ? 4.195   -8.277  11.642  1.00 20.53 ? 221 PHE A CE2 1 
ATOM   684  C  CZ  . PHE A 1 132 ? 4.302   -9.478  10.949  1.00 17.70 ? 221 PHE A CZ  1 
ATOM   685  N  N   . ALA A 1 133 ? -1.166  -5.140  12.306  1.00 20.25 ? 222 ALA A N   1 
ATOM   686  C  CA  . ALA A 1 133 ? -2.119  -4.055  12.250  1.00 21.95 ? 222 ALA A CA  1 
ATOM   687  C  C   . ALA A 1 133 ? -1.384  -3.015  11.445  1.00 21.75 ? 222 ALA A C   1 
ATOM   688  O  O   . ALA A 1 133 ? -0.169  -2.914  11.552  1.00 22.88 ? 222 ALA A O   1 
ATOM   689  C  CB  . ALA A 1 133 ? -2.461  -3.522  13.671  1.00 21.69 ? 222 ALA A CB  1 
ATOM   690  N  N   . TYR A 1 134 ? -2.085  -2.312  10.566  1.00 21.79 ? 223 TYR A N   1 
ATOM   691  C  CA  . TYR A 1 134 ? -1.452  -1.227  9.836   1.00 21.50 ? 223 TYR A CA  1 
ATOM   692  C  C   . TYR A 1 134 ? -2.246  0.036   10.087  1.00 21.88 ? 223 TYR A C   1 
ATOM   693  O  O   . TYR A 1 134 ? -3.444  -0.035  10.436  1.00 19.13 ? 223 TYR A O   1 
ATOM   694  C  CB  . TYR A 1 134 ? -1.281  -1.522  8.324   1.00 22.23 ? 223 TYR A CB  1 
ATOM   695  C  CG  . TYR A 1 134 ? -2.560  -1.494  7.492   1.00 23.58 ? 223 TYR A CG  1 
ATOM   696  C  CD1 . TYR A 1 134 ? -2.928  -0.350  6.786   1.00 25.82 ? 223 TYR A CD1 1 
ATOM   697  C  CD2 . TYR A 1 134 ? -3.381  -2.620  7.388   1.00 21.61 ? 223 TYR A CD2 1 
ATOM   698  C  CE1 . TYR A 1 134 ? -4.085  -0.318  6.008   1.00 25.97 ? 223 TYR A CE1 1 
ATOM   699  C  CE2 . TYR A 1 134 ? -4.559  -2.592  6.594   1.00 22.84 ? 223 TYR A CE2 1 
ATOM   700  C  CZ  . TYR A 1 134 ? -4.908  -1.435  5.932   1.00 24.84 ? 223 TYR A CZ  1 
ATOM   701  O  OH  . TYR A 1 134 ? -6.078  -1.387  5.157   1.00 30.30 ? 223 TYR A OH  1 
ATOM   702  N  N   . ARG A 1 135 ? -1.558  1.172   9.952   1.00 20.11 ? 224 ARG A N   1 
ATOM   703  C  CA  . ARG A 1 135 ? -2.198  2.445   10.120  1.00 20.89 ? 224 ARG A CA  1 
ATOM   704  C  C   . ARG A 1 135 ? -1.836  3.323   8.954   1.00 20.20 ? 224 ARG A C   1 
ATOM   705  O  O   . ARG A 1 135 ? -0.651  3.460   8.629   1.00 20.44 ? 224 ARG A O   1 
ATOM   706  C  CB  . ARG A 1 135 ? -1.736  3.127   11.422  1.00 20.19 ? 224 ARG A CB  1 
ATOM   707  C  CG  . ARG A 1 135 ? -2.332  4.515   11.558  1.00 20.10 ? 224 ARG A CG  1 
ATOM   708  C  CD  . ARG A 1 135 ? -1.968  5.241   12.840  1.00 24.98 ? 224 ARG A CD  1 
ATOM   709  N  NE  . ARG A 1 135 ? -0.534  5.410   12.935  1.00 25.48 ? 224 ARG A NE  1 
ATOM   710  C  CZ  . ARG A 1 135 ? 0.122   5.710   14.049  1.00 30.11 ? 224 ARG A CZ  1 
ATOM   711  N  NH1 . ARG A 1 135 ? -0.537  5.915   15.194  1.00 29.04 ? 224 ARG A NH1 1 
ATOM   712  N  NH2 . ARG A 1 135 ? 1.442   5.827   14.006  1.00 26.50 ? 224 ARG A NH2 1 
ATOM   713  N  N   . LEU A 1 136 ? -2.838  3.950   8.352   1.00 19.97 ? 225 LEU A N   1 
ATOM   714  C  CA  . LEU A 1 136 ? -2.583  4.931   7.268   1.00 20.51 ? 225 LEU A CA  1 
ATOM   715  C  C   . LEU A 1 136 ? -3.058  6.273   7.765   1.00 20.88 ? 225 LEU A C   1 
ATOM   716  O  O   . LEU A 1 136 ? -4.170  6.363   8.234   1.00 19.46 ? 225 LEU A O   1 
ATOM   717  C  CB  . LEU A 1 136 ? -3.365  4.561   5.992   1.00 19.87 ? 225 LEU A CB  1 
ATOM   718  C  CG  . LEU A 1 136 ? -3.044  3.209   5.347   1.00 23.00 ? 225 LEU A CG  1 
ATOM   719  C  CD1 . LEU A 1 136 ? -3.895  2.960   4.074   1.00 19.22 ? 225 LEU A CD1 1 
ATOM   720  C  CD2 . LEU A 1 136 ? -1.556  3.072   5.036   1.00 21.12 ? 225 LEU A CD2 1 
ATOM   721  N  N   . GLU A 1 137 ? -2.218  7.310   7.684   1.00 22.36 ? 226 GLU A N   1 
ATOM   722  C  CA  . GLU A 1 137 ? -2.584  8.628   8.213   1.00 23.73 ? 226 GLU A CA  1 
ATOM   723  C  C   . GLU A 1 137 ? -2.285  9.660   7.161   1.00 23.53 ? 226 GLU A C   1 
ATOM   724  O  O   . GLU A 1 137 ? -1.180  9.673   6.608   1.00 23.11 ? 226 GLU A O   1 
ATOM   725  C  CB  . GLU A 1 137 ? -1.739  9.003   9.405   1.00 24.19 ? 226 GLU A CB  1 
ATOM   726  C  CG  . GLU A 1 137 ? -2.055  8.346   10.719  1.00 31.59 ? 226 GLU A CG  1 
ATOM   727  C  CD  . GLU A 1 137 ? -1.612  9.206   11.910  1.00 35.59 ? 226 GLU A CD  1 
ATOM   728  O  OE1 . GLU A 1 137 ? -0.659  10.010  11.768  1.00 32.15 ? 226 GLU A OE1 1 
ATOM   729  O  OE2 . GLU A 1 137 ? -2.256  9.093   12.979  1.00 42.27 ? 226 GLU A OE2 1 
ATOM   730  N  N   . LEU A 1 138 ? -3.259  10.518  6.883   1.00 22.64 ? 227 LEU A N   1 
ATOM   731  C  CA  . LEU A 1 138 ? -2.994  11.724  6.126   1.00 22.37 ? 227 LEU A CA  1 
ATOM   732  C  C   . LEU A 1 138 ? -2.946  12.835  7.162   1.00 23.74 ? 227 LEU A C   1 
ATOM   733  O  O   . LEU A 1 138 ? -3.768  12.852  8.101   1.00 22.70 ? 227 LEU A O   1 
ATOM   734  C  CB  . LEU A 1 138 ? -4.095  11.985  5.081   1.00 22.44 ? 227 LEU A CB  1 
ATOM   735  C  CG  . LEU A 1 138 ? -4.546  10.825  4.177   1.00 25.64 ? 227 LEU A CG  1 
ATOM   736  C  CD1 . LEU A 1 138 ? -5.743  11.256  3.267   1.00 24.60 ? 227 LEU A CD1 1 
ATOM   737  C  CD2 . LEU A 1 138 ? -3.388  10.225  3.349   1.00 21.91 ? 227 LEU A CD2 1 
ATOM   738  N  N   . ASN A 1 139 ? -1.980  13.744  6.990   1.00 24.93 ? 228 ASN A N   1 
ATOM   739  C  CA  . ASN A 1 139 ? -1.793  14.927  7.821   1.00 25.85 ? 228 ASN A CA  1 
ATOM   740  C  C   . ASN A 1 139 ? -1.706  16.201  6.992   1.00 26.31 ? 228 ASN A C   1 
ATOM   741  O  O   . ASN A 1 139 ? -0.884  16.301  6.088   1.00 26.05 ? 228 ASN A O   1 
ATOM   742  C  CB  . ASN A 1 139 ? -0.502  14.803  8.611   1.00 27.10 ? 228 ASN A CB  1 
ATOM   743  C  CG  . ASN A 1 139 ? -0.607  13.799  9.731   1.00 30.82 ? 228 ASN A CG  1 
ATOM   744  O  OD1 . ASN A 1 139 ? -1.250  14.066  10.759  1.00 31.61 ? 228 ASN A OD1 1 
ATOM   745  N  ND2 . ASN A 1 139 ? 0.020   12.632  9.549   1.00 33.55 ? 228 ASN A ND2 1 
ATOM   746  N  N   . GLY A 1 140 ? -2.537  17.179  7.330   1.00 25.51 ? 229 GLY A N   1 
ATOM   747  C  CA  . GLY A 1 140 ? -2.510  18.477  6.693   1.00 25.88 ? 229 GLY A CA  1 
ATOM   748  C  C   . GLY A 1 140 ? -2.753  19.529  7.753   1.00 26.39 ? 229 GLY A C   1 
ATOM   749  O  O   . GLY A 1 140 ? -2.736  19.218  8.956   1.00 26.97 ? 229 GLY A O   1 
ATOM   750  N  N   . HIS A 1 141 ? -2.988  20.768  7.324   1.00 25.27 ? 230 HIS A N   1 
ATOM   751  C  CA  . HIS A 1 141 ? -3.095  21.858  8.260   1.00 24.42 ? 230 HIS A CA  1 
ATOM   752  C  C   . HIS A 1 141 ? -4.204  21.637  9.282   1.00 23.18 ? 230 HIS A C   1 
ATOM   753  O  O   . HIS A 1 141 ? -5.380  21.837  8.988   1.00 22.49 ? 230 HIS A O   1 
ATOM   754  C  CB  . HIS A 1 141 ? -3.270  23.200  7.546   1.00 25.19 ? 230 HIS A CB  1 
ATOM   755  C  CG  . HIS A 1 141 ? -3.360  24.367  8.482   1.00 28.14 ? 230 HIS A CG  1 
ATOM   756  N  ND1 . HIS A 1 141 ? -2.253  25.084  8.888   1.00 32.90 ? 230 HIS A ND1 1 
ATOM   757  C  CD2 . HIS A 1 141 ? -4.425  24.941  9.097   1.00 30.66 ? 230 HIS A CD2 1 
ATOM   758  C  CE1 . HIS A 1 141 ? -2.634  26.050  9.707   1.00 32.56 ? 230 HIS A CE1 1 
ATOM   759  N  NE2 . HIS A 1 141 ? -3.947  25.983  9.853   1.00 30.64 ? 230 HIS A NE2 1 
ATOM   760  N  N   . ARG A 1 142 ? -3.791  21.239  10.486  1.00 21.82 ? 231 ARG A N   1 
ATOM   761  C  CA  . ARG A 1 142 ? -4.675  20.981  11.623  1.00 20.67 ? 231 ARG A CA  1 
ATOM   762  C  C   . ARG A 1 142 ? -5.854  20.026  11.300  1.00 19.37 ? 231 ARG A C   1 
ATOM   763  O  O   . ARG A 1 142 ? -6.936  20.157  11.846  1.00 19.54 ? 231 ARG A O   1 
ATOM   764  C  CB  . ARG A 1 142 ? -5.121  22.303  12.260  1.00 20.71 ? 231 ARG A CB  1 
ATOM   765  C  CG  . ARG A 1 142 ? -3.955  23.124  12.804  1.00 21.08 ? 231 ARG A CG  1 
ATOM   766  C  CD  . ARG A 1 142 ? -4.302  24.579  13.123  1.00 23.47 ? 231 ARG A CD  1 
ATOM   767  N  NE  . ARG A 1 142 ? -5.158  24.652  14.303  1.00 25.31 ? 231 ARG A NE  1 
ATOM   768  C  CZ  . ARG A 1 142 ? -5.756  25.743  14.751  1.00 25.68 ? 231 ARG A CZ  1 
ATOM   769  N  NH1 . ARG A 1 142 ? -5.604  26.910  14.131  1.00 28.24 ? 231 ARG A NH1 1 
ATOM   770  N  NH2 . ARG A 1 142 ? -6.506  25.666  15.840  1.00 25.96 ? 231 ARG A NH2 1 
ATOM   771  N  N   . ARG A 1 143 ? -5.598  19.075  10.399  1.00 19.22 ? 232 ARG A N   1 
ATOM   772  C  CA  . ARG A 1 143 ? -6.525  18.014  9.997   1.00 17.83 ? 232 ARG A CA  1 
ATOM   773  C  C   . ARG A 1 143 ? -5.756  16.715  9.951   1.00 17.85 ? 232 ARG A C   1 
ATOM   774  O  O   . ARG A 1 143 ? -4.599  16.699  9.525   1.00 18.05 ? 232 ARG A O   1 
ATOM   775  C  CB  . ARG A 1 143 ? -7.044  18.270  8.591   1.00 17.25 ? 232 ARG A CB  1 
ATOM   776  C  CG  . ARG A 1 143 ? -7.919  19.476  8.462   1.00 16.22 ? 232 ARG A CG  1 
ATOM   777  C  CD  . ARG A 1 143 ? -8.109  19.901  7.036   1.00 15.87 ? 232 ARG A CD  1 
ATOM   778  N  NE  . ARG A 1 143 ? -8.994  21.058  6.901   1.00 19.62 ? 232 ARG A NE  1 
ATOM   779  C  CZ  . ARG A 1 143 ? -8.586  22.325  6.927   1.00 20.82 ? 232 ARG A CZ  1 
ATOM   780  N  NH1 . ARG A 1 143 ? -7.304  22.616  7.106   1.00 25.04 ? 232 ARG A NH1 1 
ATOM   781  N  NH2 . ARG A 1 143 ? -9.459  23.305  6.787   1.00 22.07 ? 232 ARG A NH2 1 
ATOM   782  N  N   . ARG A 1 144 ? -6.382  15.613  10.369  1.00 16.64 ? 233 ARG A N   1 
ATOM   783  C  CA  . ARG A 1 144 ? -5.739  14.299  10.281  1.00 15.64 ? 233 ARG A CA  1 
ATOM   784  C  C   . ARG A 1 144 ? -6.781  13.204  10.017  1.00 14.97 ? 233 ARG A C   1 
ATOM   785  O  O   . ARG A 1 144 ? -7.797  13.151  10.696  1.00 12.91 ? 233 ARG A O   1 
ATOM   786  C  CB  . ARG A 1 144 ? -4.948  13.999  11.565  1.00 16.18 ? 233 ARG A CB  1 
ATOM   787  C  CG  . ARG A 1 144 ? -4.251  12.647  11.559  1.00 17.36 ? 233 ARG A CG  1 
ATOM   788  C  CD  . ARG A 1 144 ? -2.982  12.551  12.420  1.00 26.92 ? 233 ARG A CD  1 
ATOM   789  N  NE  . ARG A 1 144 ? -3.231  12.915  13.808  1.00 38.55 ? 233 ARG A NE  1 
ATOM   790  C  CZ  . ARG A 1 144 ? -2.421  13.657  14.546  1.00 42.05 ? 233 ARG A CZ  1 
ATOM   791  N  NH1 . ARG A 1 144 ? -1.271  14.100  14.045  1.00 45.71 ? 233 ARG A NH1 1 
ATOM   792  N  NH2 . ARG A 1 144 ? -2.760  13.955  15.794  1.00 44.86 ? 233 ARG A NH2 1 
ATOM   793  N  N   . LEU A 1 145 ? -6.556  12.398  8.980   1.00 15.17 ? 234 LEU A N   1 
ATOM   794  C  CA  . LEU A 1 145 ? -7.428  11.260  8.692   1.00 16.29 ? 234 LEU A CA  1 
ATOM   795  C  C   . LEU A 1 145 ? -6.640  9.992   8.852   1.00 17.07 ? 234 LEU A C   1 
ATOM   796  O  O   . LEU A 1 145 ? -5.547  9.836   8.295   1.00 18.37 ? 234 LEU A O   1 
ATOM   797  C  CB  . LEU A 1 145 ? -8.012  11.360  7.281   1.00 17.55 ? 234 LEU A CB  1 
ATOM   798  C  CG  . LEU A 1 145 ? -8.959  10.271  6.771   1.00 16.22 ? 234 LEU A CG  1 
ATOM   799  C  CD1 . LEU A 1 145 ? -10.304 10.276  7.506   1.00 12.72 ? 234 LEU A CD1 1 
ATOM   800  C  CD2 . LEU A 1 145 ? -9.189  10.579  5.299   1.00 18.34 ? 234 LEU A CD2 1 
ATOM   801  N  N   . THR A 1 146 ? -7.199  9.080   9.623   1.00 16.30 ? 235 THR A N   1 
ATOM   802  C  CA  . THR A 1 146 ? -6.499  7.876   9.968   1.00 16.79 ? 235 THR A CA  1 
ATOM   803  C  C   . THR A 1 146 ? -7.338  6.662   9.701   1.00 16.64 ? 235 THR A C   1 
ATOM   804  O  O   . THR A 1 146 ? -8.517  6.667   10.027  1.00 16.05 ? 235 THR A O   1 
ATOM   805  C  CB  . THR A 1 146 ? -6.145  7.914   11.466  1.00 16.05 ? 235 THR A CB  1 
ATOM   806  O  OG1 . THR A 1 146 ? -5.372  9.086   11.731  1.00 17.68 ? 235 THR A OG1 1 
ATOM   807  C  CG2 . THR A 1 146 ? -5.185  6.807   11.798  1.00 16.61 ? 235 THR A CG2 1 
ATOM   808  N  N   . TRP A 1 147 ? -6.715  5.606   9.156   1.00 16.69 ? 236 TRP A N   1 
ATOM   809  C  CA  . TRP A 1 147 ? -7.407  4.330   8.913   1.00 16.58 ? 236 TRP A CA  1 
ATOM   810  C  C   . TRP A 1 147 ? -6.571  3.220   9.510   1.00 17.39 ? 236 TRP A C   1 
ATOM   811  O  O   . TRP A 1 147 ? -5.393  3.163   9.248   1.00 18.94 ? 236 TRP A O   1 
ATOM   812  C  CB  . TRP A 1 147 ? -7.540  4.075   7.397   1.00 17.79 ? 236 TRP A CB  1 
ATOM   813  C  CG  . TRP A 1 147 ? -7.999  2.649   7.094   1.00 18.01 ? 236 TRP A CG  1 
ATOM   814  C  CD1 . TRP A 1 147 ? -7.213  1.592   6.652   1.00 19.80 ? 236 TRP A CD1 1 
ATOM   815  C  CD2 . TRP A 1 147 ? -9.330  2.140   7.187   1.00 13.10 ? 236 TRP A CD2 1 
ATOM   816  N  NE1 . TRP A 1 147 ? -7.990  0.469   6.488   1.00 18.65 ? 236 TRP A NE1 1 
ATOM   817  C  CE2 . TRP A 1 147 ? -9.292  0.779   6.788   1.00 19.05 ? 236 TRP A CE2 1 
ATOM   818  C  CE3 . TRP A 1 147 ? -10.567 2.704   7.525   1.00 17.06 ? 236 TRP A CE3 1 
ATOM   819  C  CZ2 . TRP A 1 147 ? -10.425 -0.032  6.785   1.00 16.12 ? 236 TRP A CZ2 1 
ATOM   820  C  CZ3 . TRP A 1 147 ? -11.710 1.904   7.486   1.00 21.45 ? 236 TRP A CZ3 1 
ATOM   821  C  CH2 . TRP A 1 147 ? -11.620 0.537   7.133   1.00 20.27 ? 236 TRP A CH2 1 
ATOM   822  N  N   . GLU A 1 148 ? -7.146  2.348   10.328  1.00 17.77 ? 237 GLU A N   1 
ATOM   823  C  CA  . GLU A 1 148 ? -6.364  1.257   10.903  1.00 19.04 ? 237 GLU A CA  1 
ATOM   824  C  C   . GLU A 1 148 ? -7.108  -0.069  10.702  1.00 18.53 ? 237 GLU A C   1 
ATOM   825  O  O   . GLU A 1 148 ? -8.314  -0.140  10.905  1.00 17.93 ? 237 GLU A O   1 
ATOM   826  C  CB  . GLU A 1 148 ? -6.064  1.486   12.421  1.00 17.59 ? 237 GLU A CB  1 
ATOM   827  C  CG  . GLU A 1 148 ? -5.354  2.797   12.748  1.00 21.75 ? 237 GLU A CG  1 
ATOM   828  C  CD  . GLU A 1 148 ? -5.392  3.134   14.232  1.00 24.65 ? 237 GLU A CD  1 
ATOM   829  O  OE1 . GLU A 1 148 ? -4.507  2.645   14.932  1.00 27.34 ? 237 GLU A OE1 1 
ATOM   830  O  OE2 . GLU A 1 148 ? -6.322  3.849   14.708  1.00 26.09 ? 237 GLU A OE2 1 
ATOM   831  N  N   . ALA A 1 149 ? -6.376  -1.112  10.311  1.00 17.99 ? 238 ALA A N   1 
ATOM   832  C  CA  . ALA A 1 149 ? -6.981  -2.427  10.075  1.00 19.67 ? 238 ALA A CA  1 
ATOM   833  C  C   . ALA A 1 149 ? -5.911  -3.525  10.074  1.00 20.18 ? 238 ALA A C   1 
ATOM   834  O  O   . ALA A 1 149 ? -4.723  -3.248  10.221  1.00 21.38 ? 238 ALA A O   1 
ATOM   835  C  CB  . ALA A 1 149 ? -7.772  -2.436  8.696   1.00 15.35 ? 238 ALA A CB  1 
ATOM   836  N  N   . THR A 1 150 ? -6.354  -4.762  9.892   1.00 20.95 ? 239 THR A N   1 
ATOM   837  C  CA  . THR A 1 150 ? -5.490  -5.904  9.587   1.00 20.98 ? 239 THR A CA  1 
ATOM   838  C  C   . THR A 1 150 ? -5.174  -5.906  8.093   1.00 21.71 ? 239 THR A C   1 
ATOM   839  O  O   . THR A 1 150 ? -6.079  -5.836  7.271   1.00 21.54 ? 239 THR A O   1 
ATOM   840  C  CB  . THR A 1 150 ? -6.271  -7.165  9.899   1.00 21.51 ? 239 THR A CB  1 
ATOM   841  O  OG1 . THR A 1 150 ? -6.735  -7.084  11.255  1.00 20.55 ? 239 THR A OG1 1 
ATOM   842  C  CG2 . THR A 1 150 ? -5.361  -8.442  9.842   1.00 19.83 ? 239 THR A CG2 1 
ATOM   843  N  N   . PRO A 1 151 ? -3.905  -6.032  7.726   1.00 22.14 ? 240 PRO A N   1 
ATOM   844  C  CA  . PRO A 1 151 ? -3.557  -6.168  6.316   1.00 22.45 ? 240 PRO A CA  1 
ATOM   845  C  C   . PRO A 1 151 ? -4.155  -7.445  5.730   1.00 23.94 ? 240 PRO A C   1 
ATOM   846  O  O   . PRO A 1 151 ? -4.220  -8.512  6.384   1.00 23.45 ? 240 PRO A O   1 
ATOM   847  C  CB  . PRO A 1 151 ? -2.038  -6.252  6.327   1.00 21.63 ? 240 PRO A CB  1 
ATOM   848  C  CG  . PRO A 1 151 ? -1.696  -6.655  7.718   1.00 23.65 ? 240 PRO A CG  1 
ATOM   849  C  CD  . PRO A 1 151 ? -2.727  -6.109  8.608   1.00 22.33 ? 240 PRO A CD  1 
ATOM   850  N  N   . ARG A 1 152 ? -4.612  -7.308  4.497   1.00 26.61 ? 241 ARG A N   1 
ATOM   851  C  CA  . ARG A 1 152 ? -5.071  -8.422  3.677   1.00 29.43 ? 241 ARG A CA  1 
ATOM   852  C  C   . ARG A 1 152 ? -3.862  -9.260  3.292   1.00 28.76 ? 241 ARG A C   1 
ATOM   853  O  O   . ARG A 1 152 ? -2.772  -8.733  3.162   1.00 28.15 ? 241 ARG A O   1 
ATOM   854  C  CB  . ARG A 1 152 ? -5.731  -7.866  2.394   1.00 31.17 ? 241 ARG A CB  1 
ATOM   855  C  CG  . ARG A 1 152 ? -6.898  -6.803  2.618   1.00 36.38 ? 241 ARG A CG  1 
ATOM   856  C  CD  . ARG A 1 152 ? -7.968  -7.181  3.692   1.00 40.61 ? 241 ARG A CD  1 
ATOM   857  N  NE  . ARG A 1 152 ? -9.210  -7.690  3.091   1.00 47.58 ? 241 ARG A NE  1 
ATOM   858  C  CZ  . ARG A 1 152 ? -10.471 -7.293  3.381   1.00 45.65 ? 241 ARG A CZ  1 
ATOM   859  N  NH1 . ARG A 1 152 ? -10.734 -6.357  4.291   1.00 45.56 ? 241 ARG A NH1 1 
ATOM   860  N  NH2 . ARG A 1 152 ? -11.483 -7.840  2.729   1.00 46.67 ? 241 ARG A NH2 1 
ATOM   861  N  N   . SER A 1 153 ? -4.035  -10.575 3.174   1.00 29.11 ? 242 SER A N   1 
ATOM   862  C  CA  . SER A 1 153 ? -3.061  -11.380 2.446   1.00 28.66 ? 242 SER A CA  1 
ATOM   863  C  C   . SER A 1 153 ? -3.258  -11.115 0.966   1.00 27.76 ? 242 SER A C   1 
ATOM   864  O  O   . SER A 1 153 ? -4.324  -10.658 0.534   1.00 24.98 ? 242 SER A O   1 
ATOM   865  C  CB  . SER A 1 153 ? -3.253  -12.860 2.722   1.00 28.67 ? 242 SER A CB  1 
ATOM   866  O  OG  . SER A 1 153 ? -4.548  -13.245 2.333   1.00 31.24 ? 242 SER A OG  1 
ATOM   867  N  N   . ILE A 1 154 ? -2.217  -11.391 0.195   1.00 28.69 ? 243 ILE A N   1 
ATOM   868  C  CA  . ILE A 1 154 ? -2.261  -11.177 -1.252  1.00 30.08 ? 243 ILE A CA  1 
ATOM   869  C  C   . ILE A 1 154 ? -3.186  -12.185 -1.903  1.00 29.72 ? 243 ILE A C   1 
ATOM   870  O  O   . ILE A 1 154 ? -3.733  -11.922 -2.960  1.00 30.25 ? 243 ILE A O   1 
ATOM   871  C  CB  . ILE A 1 154 ? -0.844  -11.201 -1.885  1.00 30.70 ? 243 ILE A CB  1 
ATOM   872  C  CG1 . ILE A 1 154 ? -0.129  -12.519 -1.538  1.00 29.62 ? 243 ILE A CG1 1 
ATOM   873  C  CG2 . ILE A 1 154 ? -0.042  -9.942  -1.460  1.00 29.81 ? 243 ILE A CG2 1 
ATOM   874  C  CD1 . ILE A 1 154 ? 1.285   -12.608 -2.033  1.00 30.91 ? 243 ILE A CD1 1 
ATOM   875  N  N   . HIS A 1 155 ? -3.370  -13.328 -1.251  1.00 30.66 ? 244 HIS A N   1 
ATOM   876  C  CA  . HIS A 1 155 ? -4.378  -14.302 -1.664  1.00 31.49 ? 244 HIS A CA  1 
ATOM   877  C  C   . HIS A 1 155 ? -5.803  -13.728 -1.653  1.00 32.24 ? 244 HIS A C   1 
ATOM   878  O  O   . HIS A 1 155 ? -6.603  -14.044 -2.535  1.00 31.21 ? 244 HIS A O   1 
ATOM   879  C  CB  . HIS A 1 155 ? -4.285  -15.574 -0.821  1.00 31.95 ? 244 HIS A CB  1 
ATOM   880  C  CG  . HIS A 1 155 ? -4.185  -16.831 -1.632  1.00 32.73 ? 244 HIS A CG  1 
ATOM   881  N  ND1 . HIS A 1 155 ? -4.264  -18.086 -1.070  1.00 35.84 ? 244 HIS A ND1 1 
ATOM   882  C  CD2 . HIS A 1 155 ? -4.016  -17.026 -2.962  1.00 33.69 ? 244 HIS A CD2 1 
ATOM   883  C  CE1 . HIS A 1 155 ? -4.152  -19.002 -2.017  1.00 35.46 ? 244 HIS A CE1 1 
ATOM   884  N  NE2 . HIS A 1 155 ? -4.003  -18.385 -3.175  1.00 36.05 ? 244 HIS A NE2 1 
ATOM   885  N  N   . GLU A 1 156 ? -6.106  -12.871 -0.670  1.00 33.53 ? 245 GLU A N   1 
ATOM   886  C  CA  . GLU A 1 156 ? -7.379  -12.145 -0.638  1.00 35.35 ? 245 GLU A CA  1 
ATOM   887  C  C   . GLU A 1 156 ? -7.434  -11.104 -1.741  1.00 34.86 ? 245 GLU A C   1 
ATOM   888  O  O   . GLU A 1 156 ? -8.517  -10.767 -2.216  1.00 34.76 ? 245 GLU A O   1 
ATOM   889  C  CB  . GLU A 1 156 ? -7.652  -11.493 0.730   1.00 36.24 ? 245 GLU A CB  1 
ATOM   890  C  CG  . GLU A 1 156 ? -9.036  -10.837 0.870   1.00 41.15 ? 245 GLU A CG  1 
ATOM   891  C  CD  . GLU A 1 156 ? -9.038  -9.342  0.532   1.00 47.82 ? 245 GLU A CD  1 
ATOM   892  O  OE1 . GLU A 1 156 ? -7.962  -8.802  0.229   1.00 53.43 ? 245 GLU A OE1 1 
ATOM   893  O  OE2 . GLU A 1 156 ? -10.099 -8.682  0.576   1.00 48.17 ? 245 GLU A OE2 1 
ATOM   894  N  N   . GLY A 1 157 ? -6.272  -10.603 -2.157  1.00 35.24 ? 246 GLY A N   1 
ATOM   895  C  CA  . GLY A 1 157 ? -6.211  -9.586  -3.202  1.00 36.04 ? 246 GLY A CA  1 
ATOM   896  C  C   . GLY A 1 157 ? -6.697  -8.248  -2.670  1.00 36.56 ? 246 GLY A C   1 
ATOM   897  O  O   . GLY A 1 157 ? -6.929  -8.133  -1.481  1.00 37.10 ? 246 GLY A O   1 
ATOM   898  N  N   . ILE A 1 158 ? -6.850  -7.228  -3.510  1.00 36.84 ? 247 ILE A N   1 
ATOM   899  C  CA  . ILE A 1 158 ? -7.298  -5.927  -2.982  1.00 37.75 ? 247 ILE A CA  1 
ATOM   900  C  C   . ILE A 1 158 ? -8.533  -5.358  -3.684  1.00 37.72 ? 247 ILE A C   1 
ATOM   901  O  O   . ILE A 1 158 ? -9.187  -4.448  -3.157  1.00 38.64 ? 247 ILE A O   1 
ATOM   902  C  CB  . ILE A 1 158 ? -6.146  -4.874  -2.892  1.00 38.16 ? 247 ILE A CB  1 
ATOM   903  C  CG1 . ILE A 1 158 ? -5.437  -4.706  -4.243  1.00 40.37 ? 247 ILE A CG1 1 
ATOM   904  C  CG2 . ILE A 1 158 ? -5.146  -5.225  -1.750  1.00 38.26 ? 247 ILE A CG2 1 
ATOM   905  C  CD1 . ILE A 1 158 ? -4.374  -3.612  -4.224  1.00 38.43 ? 247 ILE A CD1 1 
ATOM   906  N  N   . ALA A 1 159 ? -8.847  -5.902  -4.856  1.00 35.55 ? 248 ALA A N   1 
ATOM   907  C  CA  . ALA A 1 159 ? -10.106 -5.638  -5.522  1.00 34.43 ? 248 ALA A CA  1 
ATOM   908  C  C   . ALA A 1 159 ? -11.300 -5.771  -4.564  1.00 32.80 ? 248 ALA A C   1 
ATOM   909  O  O   . ALA A 1 159 ? -12.128 -4.887  -4.511  1.00 31.55 ? 248 ALA A O   1 
ATOM   910  C  CB  . ALA A 1 159 ? -10.274 -6.556  -6.706  1.00 34.17 ? 248 ALA A CB  1 
ATOM   911  N  N   . THR A 1 160 ? -11.371 -6.853  -3.793  1.00 32.45 ? 249 THR A N   1 
ATOM   912  C  CA  . THR A 1 160 ? -12.525 -7.068  -2.909  1.00 32.46 ? 249 THR A CA  1 
ATOM   913  C  C   . THR A 1 160 ? -12.588 -6.053  -1.762  1.00 31.08 ? 249 THR A C   1 
ATOM   914  O  O   . THR A 1 160 ? -13.663 -5.479  -1.472  1.00 28.50 ? 249 THR A O   1 
ATOM   915  C  CB  . THR A 1 160 ? -12.628 -8.540  -2.388  1.00 33.15 ? 249 THR A CB  1 
ATOM   916  O  OG1 . THR A 1 160 ? -11.525 -9.321  -2.857  1.00 36.95 ? 249 THR A OG1 1 
ATOM   917  C  CG2 . THR A 1 160 ? -13.771 -9.233  -3.047  1.00 33.31 ? 249 THR A CG2 1 
ATOM   918  N  N   . ALA A 1 161 ? -11.420 -5.803  -1.152  1.00 30.69 ? 250 ALA A N   1 
ATOM   919  C  CA  . ALA A 1 161 ? -11.298 -4.784  -0.104  1.00 29.86 ? 250 ALA A CA  1 
ATOM   920  C  C   . ALA A 1 161 ? -11.624 -3.411  -0.623  1.00 30.16 ? 250 ALA A C   1 
ATOM   921  O  O   . ALA A 1 161 ? -12.300 -2.654  0.067   1.00 30.75 ? 250 ALA A O   1 
ATOM   922  C  CB  . ALA A 1 161 ? -9.939  -4.802  0.535   1.00 29.91 ? 250 ALA A CB  1 
ATOM   923  N  N   . ILE A 1 162 ? -11.216 -3.109  -1.860  1.00 30.57 ? 251 ILE A N   1 
ATOM   924  C  CA  . ILE A 1 162 ? -11.456 -1.783  -2.456  1.00 31.53 ? 251 ILE A CA  1 
ATOM   925  C  C   . ILE A 1 162 ? -12.920 -1.561  -2.779  1.00 32.59 ? 251 ILE A C   1 
ATOM   926  O  O   . ILE A 1 162 ? -13.472 -0.458  -2.595  1.00 31.53 ? 251 ILE A O   1 
ATOM   927  C  CB  . ILE A 1 162 ? -10.545 -1.550  -3.700  1.00 31.55 ? 251 ILE A CB  1 
ATOM   928  C  CG1 . ILE A 1 162 ? -9.187  -1.025  -3.229  1.00 33.76 ? 251 ILE A CG1 1 
ATOM   929  C  CG2 . ILE A 1 162 ? -11.163 -0.573  -4.685  1.00 32.77 ? 251 ILE A CG2 1 
ATOM   930  C  CD1 . ILE A 1 162 ? -8.014  -1.581  -3.971  1.00 36.34 ? 251 ILE A CD1 1 
ATOM   931  N  N   . MET A 1 163 ? -13.557 -2.624  -3.249  1.00 33.79 ? 252 MET A N   1 
ATOM   932  C  CA  . MET A 1 163 ? -14.923 -2.512  -3.701  1.00 35.70 ? 252 MET A CA  1 
ATOM   933  C  C   . MET A 1 163 ? -15.866 -2.315  -2.482  1.00 35.11 ? 252 MET A C   1 
ATOM   934  O  O   . MET A 1 163 ? -16.891 -1.646  -2.590  1.00 34.62 ? 252 MET A O   1 
ATOM   935  C  CB  . MET A 1 163 ? -15.271 -3.703  -4.612  1.00 36.43 ? 252 MET A CB  1 
ATOM   936  C  CG  . MET A 1 163 ? -14.921 -3.498  -6.146  1.00 41.60 ? 252 MET A CG  1 
ATOM   937  S  SD  . MET A 1 163 ? -13.144 -3.237  -6.748  1.00 49.02 ? 252 MET A SD  1 
ATOM   938  C  CE  . MET A 1 163 ? -13.159 -4.067  -8.413  1.00 48.36 ? 252 MET A CE  1 
ATOM   939  N  N   . ASN A 1 164 ? -15.461 -2.833  -1.315  1.00 34.61 ? 253 ASN A N   1 
ATOM   940  C  CA  . ASN A 1 164 ? -16.200 -2.659  -0.054  1.00 33.57 ? 253 ASN A CA  1 
ATOM   941  C  C   . ASN A 1 164 ? -15.782 -1.401  0.730   1.00 33.72 ? 253 ASN A C   1 
ATOM   942  O  O   . ASN A 1 164 ? -16.161 -1.242  1.906   1.00 33.60 ? 253 ASN A O   1 
ATOM   943  C  CB  . ASN A 1 164 ? -15.952 -3.871  0.868   1.00 33.44 ? 253 ASN A CB  1 
ATOM   944  C  CG  . ASN A 1 164 ? -16.299 -5.196  0.220   1.00 33.06 ? 253 ASN A CG  1 
ATOM   945  O  OD1 . ASN A 1 164 ? -17.185 -5.266  -0.615  1.00 26.50 ? 253 ASN A OD1 1 
ATOM   946  N  ND2 . ASN A 1 164 ? -15.590 -6.258  0.606   1.00 33.45 ? 253 ASN A ND2 1 
ATOM   947  N  N   . SER A 1 165 ? -14.948 -0.548  0.121   1.00 32.91 ? 254 SER A N   1 
ATOM   948  C  CA  . SER A 1 165 ? -14.308 0.570   0.831   1.00 32.31 ? 254 SER A CA  1 
ATOM   949  C  C   . SER A 1 165 ? -13.631 0.134   2.152   1.00 32.62 ? 254 SER A C   1 
ATOM   950  O  O   . SER A 1 165 ? -13.588 0.901   3.128   1.00 32.34 ? 254 SER A O   1 
ATOM   951  C  CB  . SER A 1 165 ? -15.306 1.702   1.121   1.00 32.20 ? 254 SER A CB  1 
ATOM   952  O  OG  . SER A 1 165 ? -16.055 2.086   -0.018  1.00 32.26 ? 254 SER A OG  1 
ATOM   953  N  N   . ASP A 1 166 ? -13.125 -1.103  2.172   1.00 33.01 ? 255 ASP A N   1 
ATOM   954  C  CA  . ASP A 1 166 ? -12.354 -1.649  3.305   1.00 32.32 ? 255 ASP A CA  1 
ATOM   955  C  C   . ASP A 1 166 ? -10.869 -1.243  3.303   1.00 30.44 ? 255 ASP A C   1 
ATOM   956  O  O   . ASP A 1 166 ? -9.951  -2.081  3.211   1.00 31.53 ? 255 ASP A O   1 
ATOM   957  C  CB  . ASP A 1 166 ? -12.478 -3.166  3.345   1.00 33.08 ? 255 ASP A CB  1 
ATOM   958  C  CG  . ASP A 1 166 ? -12.606 -3.697  4.758   1.00 34.94 ? 255 ASP A CG  1 
ATOM   959  O  OD1 . ASP A 1 166 ? -12.272 -2.960  5.717   1.00 32.13 ? 255 ASP A OD1 1 
ATOM   960  O  OD2 . ASP A 1 166 ? -13.027 -4.849  5.001   1.00 38.05 ? 255 ASP A OD2 1 
ATOM   961  N  N   . CYS A 1 167 ? -10.641 0.061   3.427   1.00 27.52 ? 256 CYS A N   1 
ATOM   962  C  CA  . CYS A 1 167 ? -9.310  0.628   3.306   1.00 24.64 ? 256 CYS A CA  1 
ATOM   963  C  C   . CYS A 1 167 ? -9.514  2.100   3.542   1.00 24.14 ? 256 CYS A C   1 
ATOM   964  O  O   . CYS A 1 167 ? -10.621 2.533   3.869   1.00 26.24 ? 256 CYS A O   1 
ATOM   965  C  CB  . CYS A 1 167 ? -8.751  0.387   1.904   1.00 24.56 ? 256 CYS A CB  1 
ATOM   966  S  SG  . CYS A 1 167 ? -9.872  0.878   0.559   1.00 26.99 ? 256 CYS A SG  1 
ATOM   967  N  N   . LEU A 1 168 ? -8.472  2.893   3.388   1.00 22.87 ? 257 LEU A N   1 
ATOM   968  C  CA  . LEU A 1 168 ? -8.654  4.313   3.512   1.00 22.32 ? 257 LEU A CA  1 
ATOM   969  C  C   . LEU A 1 168 ? -9.267  4.777   2.178   1.00 23.25 ? 257 LEU A C   1 
ATOM   970  O  O   . LEU A 1 168 ? -8.738  4.484   1.098   1.00 22.55 ? 257 LEU A O   1 
ATOM   971  C  CB  . LEU A 1 168 ? -7.325  4.985   3.806   1.00 21.14 ? 257 LEU A CB  1 
ATOM   972  C  CG  . LEU A 1 168 ? -7.243  6.507   3.870   1.00 23.51 ? 257 LEU A CG  1 
ATOM   973  C  CD1 . LEU A 1 168 ? -8.150  7.044   4.966   1.00 21.08 ? 257 LEU A CD1 1 
ATOM   974  C  CD2 . LEU A 1 168 ? -5.805  6.981   4.037   1.00 26.27 ? 257 LEU A CD2 1 
ATOM   975  N  N   . VAL A 1 169 ? -10.402 5.462   2.282   1.00 23.20 ? 258 VAL A N   1 
ATOM   976  C  CA  . VAL A 1 169 ? -11.137 5.978   1.155   1.00 22.77 ? 258 VAL A CA  1 
ATOM   977  C  C   . VAL A 1 169 ? -11.269 7.468   1.363   1.00 23.36 ? 258 VAL A C   1 
ATOM   978  O  O   . VAL A 1 169 ? -11.753 7.938   2.408   1.00 22.86 ? 258 VAL A O   1 
ATOM   979  C  CB  . VAL A 1 169 ? -12.516 5.324   1.039   1.00 23.57 ? 258 VAL A CB  1 
ATOM   980  C  CG1 . VAL A 1 169 ? -13.368 6.006   -0.038  1.00 22.63 ? 258 VAL A CG1 1 
ATOM   981  C  CG2 . VAL A 1 169 ? -12.357 3.851   0.743   1.00 24.39 ? 258 VAL A CG2 1 
ATOM   982  N  N   . PHE A 1 170 ? -10.843 8.217   0.358   1.00 22.23 ? 259 PHE A N   1 
ATOM   983  C  CA  . PHE A 1 170 ? -11.004 9.646   0.399   1.00 25.22 ? 259 PHE A CA  1 
ATOM   984  C  C   . PHE A 1 170 ? -11.147 10.128  -1.020  1.00 26.86 ? 259 PHE A C   1 
ATOM   985  O  O   . PHE A 1 170 ? -10.648 9.503   -1.955  1.00 26.80 ? 259 PHE A O   1 
ATOM   986  C  CB  . PHE A 1 170 ? -9.828  10.324  1.103   1.00 24.54 ? 259 PHE A CB  1 
ATOM   987  C  CG  . PHE A 1 170 ? -8.479  9.904   0.590   1.00 24.19 ? 259 PHE A CG  1 
ATOM   988  C  CD1 . PHE A 1 170 ? -7.758  10.740  -0.262  1.00 25.58 ? 259 PHE A CD1 1 
ATOM   989  C  CD2 . PHE A 1 170 ? -7.917  8.675   0.961   1.00 22.97 ? 259 PHE A CD2 1 
ATOM   990  C  CE1 . PHE A 1 170 ? -6.496  10.365  -0.721  1.00 20.18 ? 259 PHE A CE1 1 
ATOM   991  C  CE2 . PHE A 1 170 ? -6.691  8.287   0.493   1.00 21.58 ? 259 PHE A CE2 1 
ATOM   992  C  CZ  . PHE A 1 170 ? -5.973  9.142   -0.350  1.00 23.31 ? 259 PHE A CZ  1 
ATOM   993  N  N   . ASP A 1 171 ? -11.849 11.232  -1.185  1.00 29.72 ? 260 ASP A N   1 
ATOM   994  C  CA  . ASP A 1 171 ? -12.095 11.749  -2.523  1.00 32.06 ? 260 ASP A CA  1 
ATOM   995  C  C   . ASP A 1 171 ? -11.117 12.883  -2.868  1.00 32.05 ? 260 ASP A C   1 
ATOM   996  O  O   . ASP A 1 171 ? -10.265 13.237  -2.031  1.00 31.65 ? 260 ASP A O   1 
ATOM   997  C  CB  . ASP A 1 171 ? -13.565 12.134  -2.680  1.00 33.59 ? 260 ASP A CB  1 
ATOM   998  C  CG  . ASP A 1 171 ? -14.067 13.011  -1.557  1.00 38.38 ? 260 ASP A CG  1 
ATOM   999  O  OD1 . ASP A 1 171 ? -13.540 14.152  -1.430  1.00 42.96 ? 260 ASP A OD1 1 
ATOM   1000 O  OD2 . ASP A 1 171 ? -15.000 12.651  -0.780  1.00 40.64 ? 260 ASP A OD2 1 
ATOM   1001 N  N   . THR A 1 172 ? -11.216 13.430  -4.085  1.00 31.52 ? 261 THR A N   1 
ATOM   1002 C  CA  . THR A 1 172 ? -10.221 14.390  -4.556  1.00 32.64 ? 261 THR A CA  1 
ATOM   1003 C  C   . THR A 1 172 ? -10.111 15.640  -3.692  1.00 32.71 ? 261 THR A C   1 
ATOM   1004 O  O   . THR A 1 172 ? -8.996  16.059  -3.372  1.00 33.14 ? 261 THR A O   1 
ATOM   1005 C  CB  . THR A 1 172 ? -10.412 14.803  -6.057  1.00 32.93 ? 261 THR A CB  1 
ATOM   1006 O  OG1 . THR A 1 172 ? -11.545 14.140  -6.628  1.00 33.13 ? 261 THR A OG1 1 
ATOM   1007 C  CG2 . THR A 1 172 ? -9.242  14.287  -6.877  1.00 32.85 ? 261 THR A CG2 1 
ATOM   1008 N  N   . SER A 1 173 ? -11.246 16.230  -3.312  1.00 32.09 ? 262 SER A N   1 
ATOM   1009 C  CA  . SER A 1 173 ? -11.217 17.446  -2.504  1.00 32.14 ? 262 SER A CA  1 
ATOM   1010 C  C   . SER A 1 173 ? -10.383 17.217  -1.247  1.00 31.73 ? 262 SER A C   1 
ATOM   1011 O  O   . SER A 1 173 ? -9.486  18.014  -0.959  1.00 31.76 ? 262 SER A O   1 
ATOM   1012 C  CB  . SER A 1 173 ? -12.632 17.985  -2.200  1.00 32.37 ? 262 SER A CB  1 
ATOM   1013 O  OG  . SER A 1 173 ? -13.277 17.212  -1.194  1.00 33.12 ? 262 SER A OG  1 
ATOM   1014 N  N   . ILE A 1 174 ? -10.650 16.109  -0.547  1.00 31.38 ? 263 ILE A N   1 
ATOM   1015 C  CA  . ILE A 1 174 ? -9.807  15.620  0.561   1.00 31.82 ? 263 ILE A CA  1 
ATOM   1016 C  C   . ILE A 1 174 ? -8.336  15.385  0.146   1.00 31.06 ? 263 ILE A C   1 
ATOM   1017 O  O   . ILE A 1 174 ? -7.416  15.790  0.856   1.00 30.78 ? 263 ILE A O   1 
ATOM   1018 C  CB  . ILE A 1 174 ? -10.398 14.318  1.187   1.00 31.45 ? 263 ILE A CB  1 
ATOM   1019 C  CG1 . ILE A 1 174 ? -11.687 14.592  1.938   1.00 33.04 ? 263 ILE A CG1 1 
ATOM   1020 C  CG2 . ILE A 1 174 ? -9.416  13.645  2.181   1.00 34.94 ? 263 ILE A CG2 1 
ATOM   1021 C  CD1 . ILE A 1 174 ? -12.419 13.302  2.365   1.00 34.22 ? 263 ILE A CD1 1 
ATOM   1022 N  N   . ALA A 1 175 ? -8.114  14.716  -0.979  1.00 30.42 ? 264 ALA A N   1 
ATOM   1023 C  CA  . ALA A 1 175 ? -6.742  14.478  -1.433  1.00 30.91 ? 264 ALA A CA  1 
ATOM   1024 C  C   . ALA A 1 175 ? -5.984  15.810  -1.593  1.00 31.09 ? 264 ALA A C   1 
ATOM   1025 O  O   . ALA A 1 175 ? -4.892  15.974  -1.057  1.00 30.63 ? 264 ALA A O   1 
ATOM   1026 C  CB  . ALA A 1 175 ? -6.727  13.664  -2.722  1.00 30.37 ? 264 ALA A CB  1 
ATOM   1027 N  N   . GLN A 1 176 ? -6.607  16.766  -2.287  1.00 31.67 ? 265 GLN A N   1 
ATOM   1028 C  CA  . GLN A 1 176 ? -6.083  18.128  -2.472  1.00 32.40 ? 265 GLN A CA  1 
ATOM   1029 C  C   . GLN A 1 176 ? -5.727  18.796  -1.124  1.00 32.56 ? 265 GLN A C   1 
ATOM   1030 O  O   . GLN A 1 176 ? -4.708  19.486  -0.991  1.00 32.25 ? 265 GLN A O   1 
ATOM   1031 C  CB  . GLN A 1 176 ? -7.128  18.954  -3.243  1.00 32.43 ? 265 GLN A CB  1 
ATOM   1032 C  CG  . GLN A 1 176 ? -6.805  20.424  -3.453  1.00 33.75 ? 265 GLN A CG  1 
ATOM   1033 C  CD  . GLN A 1 176 ? -8.042  21.364  -3.393  1.00 35.32 ? 265 GLN A CD  1 
ATOM   1034 O  OE1 . GLN A 1 176 ? -8.037  22.426  -4.039  1.00 33.93 ? 265 GLN A OE1 1 
ATOM   1035 N  NE2 . GLN A 1 176 ? -9.079  20.983  -2.620  1.00 29.55 ? 265 GLN A NE2 1 
ATOM   1036 N  N   . LEU A 1 177 ? -6.584  18.560  -0.137  1.00 32.90 ? 266 LEU A N   1 
ATOM   1037 C  CA  . LEU A 1 177 ? -6.488  19.114  1.211   1.00 33.49 ? 266 LEU A CA  1 
ATOM   1038 C  C   . LEU A 1 177 ? -5.258  18.658  2.028   1.00 33.84 ? 266 LEU A C   1 
ATOM   1039 O  O   . LEU A 1 177 ? -4.731  19.436  2.838   1.00 34.88 ? 266 LEU A O   1 
ATOM   1040 C  CB  . LEU A 1 177 ? -7.766  18.726  1.961   1.00 34.24 ? 266 LEU A CB  1 
ATOM   1041 C  CG  . LEU A 1 177 ? -8.140  19.291  3.328   1.00 35.47 ? 266 LEU A CG  1 
ATOM   1042 C  CD1 . LEU A 1 177 ? -8.602  20.724  3.201   1.00 34.30 ? 266 LEU A CD1 1 
ATOM   1043 C  CD2 . LEU A 1 177 ? -9.237  18.405  3.952   1.00 37.27 ? 266 LEU A CD2 1 
ATOM   1044 N  N   . PHE A 1 178 ? -4.836  17.406  1.842   1.00 31.50 ? 267 PHE A N   1 
ATOM   1045 C  CA  . PHE A 1 178 ? -3.688  16.845  2.558   1.00 31.04 ? 267 PHE A CA  1 
ATOM   1046 C  C   . PHE A 1 178 ? -2.398  16.917  1.739   1.00 31.61 ? 267 PHE A C   1 
ATOM   1047 O  O   . PHE A 1 178 ? -1.296  16.764  2.284   1.00 31.63 ? 267 PHE A O   1 
ATOM   1048 C  CB  . PHE A 1 178 ? -3.966  15.389  2.963   1.00 28.84 ? 267 PHE A CB  1 
ATOM   1049 C  CG  . PHE A 1 178 ? -4.994  15.259  4.051   1.00 27.47 ? 267 PHE A CG  1 
ATOM   1050 C  CD1 . PHE A 1 178 ? -6.270  14.784  3.770   1.00 22.98 ? 267 PHE A CD1 1 
ATOM   1051 C  CD2 . PHE A 1 178 ? -4.698  15.650  5.356   1.00 25.55 ? 267 PHE A CD2 1 
ATOM   1052 C  CE1 . PHE A 1 178 ? -7.238  14.693  4.778   1.00 22.53 ? 267 PHE A CE1 1 
ATOM   1053 C  CE2 . PHE A 1 178 ? -5.647  15.542  6.372   1.00 25.52 ? 267 PHE A CE2 1 
ATOM   1054 C  CZ  . PHE A 1 178 ? -6.924  15.064  6.082   1.00 22.28 ? 267 PHE A CZ  1 
ATOM   1055 N  N   . ALA A 1 179 ? -2.556  17.172  0.439   1.00 31.54 ? 268 ALA A N   1 
ATOM   1056 C  CA  . ALA A 1 179 ? -1.464  17.124  -0.524  1.00 31.85 ? 268 ALA A CA  1 
ATOM   1057 C  C   . ALA A 1 179 ? -0.726  18.446  -0.714  1.00 32.53 ? 268 ALA A C   1 
ATOM   1058 O  O   . ALA A 1 179 ? -1.307  19.539  -0.561  1.00 32.07 ? 268 ALA A O   1 
ATOM   1059 C  CB  . ALA A 1 179 ? -1.972  16.616  -1.862  1.00 32.01 ? 268 ALA A CB  1 
ATOM   1060 N  N   . GLU A 1 180 ? 0.559   18.313  -1.064  1.00 33.36 ? 269 GLU A N   1 
ATOM   1061 C  CA  . GLU A 1 180 ? 1.470   19.423  -1.365  1.00 34.39 ? 269 GLU A CA  1 
ATOM   1062 C  C   . GLU A 1 180 ? 1.094   20.113  -2.667  1.00 33.88 ? 269 GLU A C   1 
ATOM   1063 O  O   . GLU A 1 180 ? 0.125   20.881  -2.711  1.00 34.96 ? 269 GLU A O   1 
ATOM   1064 C  CB  . GLU A 1 180 ? 2.919   18.916  -1.442  1.00 35.29 ? 269 GLU A CB  1 
ATOM   1065 C  CG  . GLU A 1 180 ? 3.793   19.245  -0.235  1.00 38.64 ? 269 GLU A CG  1 
ATOM   1066 C  CD  . GLU A 1 180 ? 3.208   20.314  0.671   1.00 41.53 ? 269 GLU A CD  1 
ATOM   1067 O  OE1 . GLU A 1 180 ? 3.661   21.473  0.580   1.00 42.87 ? 269 GLU A OE1 1 
ATOM   1068 O  OE2 . GLU A 1 180 ? 2.304   19.994  1.481   1.00 43.47 ? 269 GLU A OE2 1 
ATOM   1069 N  N   . ASN A 1 181 ? 1.872   19.852  -3.714  1.00 33.06 ? 270 ASN A N   1 
ATOM   1070 C  CA  . ASN A 1 181 ? 1.543   20.302  -5.060  1.00 32.28 ? 270 ASN A CA  1 
ATOM   1071 C  C   . ASN A 1 181 ? 1.307   19.064  -5.916  1.00 30.78 ? 270 ASN A C   1 
ATOM   1072 O  O   . ASN A 1 181 ? 2.202   18.606  -6.629  1.00 31.46 ? 270 ASN A O   1 
ATOM   1073 C  CB  . ASN A 1 181 ? 2.659   21.171  -5.653  1.00 31.91 ? 270 ASN A CB  1 
ATOM   1074 C  CG  . ASN A 1 181 ? 2.621   22.607  -5.145  1.00 34.59 ? 270 ASN A CG  1 
ATOM   1075 O  OD1 . ASN A 1 181 ? 3.286   22.939  -4.161  1.00 36.90 ? 270 ASN A OD1 1 
ATOM   1076 N  ND2 . ASN A 1 181 ? 1.851   23.469  -5.823  1.00 33.47 ? 270 ASN A ND2 1 
ATOM   1077 N  N   . GLY A 1 182 ? 0.103   18.513  -5.825  1.00 28.68 ? 271 GLY A N   1 
ATOM   1078 C  CA  . GLY A 1 182 ? -0.195  17.249  -6.463  1.00 27.45 ? 271 GLY A CA  1 
ATOM   1079 C  C   . GLY A 1 182 ? 0.633   16.079  -5.932  1.00 26.05 ? 271 GLY A C   1 
ATOM   1080 O  O   . GLY A 1 182 ? 0.702   15.046  -6.594  1.00 26.06 ? 271 GLY A O   1 
ATOM   1081 N  N   . ASN A 1 183 ? 1.255   16.234  -4.756  1.00 25.56 ? 272 ASN A N   1 
ATOM   1082 C  CA  . ASN A 1 183 ? 1.966   15.117  -4.079  1.00 24.92 ? 272 ASN A CA  1 
ATOM   1083 C  C   . ASN A 1 183 ? 1.403   14.778  -2.705  1.00 24.61 ? 272 ASN A C   1 
ATOM   1084 O  O   . ASN A 1 183 ? 1.308   15.649  -1.830  1.00 23.32 ? 272 ASN A O   1 
ATOM   1085 C  CB  . ASN A 1 183 ? 3.468   15.399  -3.943  1.00 24.97 ? 272 ASN A CB  1 
ATOM   1086 C  CG  . ASN A 1 183 ? 4.148   15.604  -5.278  1.00 24.44 ? 272 ASN A CG  1 
ATOM   1087 O  OD1 . ASN A 1 183 ? 3.699   15.081  -6.294  1.00 23.95 ? 272 ASN A OD1 1 
ATOM   1088 N  ND2 . ASN A 1 183 ? 5.229   16.381  -5.284  1.00 26.52 ? 272 ASN A ND2 1 
ATOM   1089 N  N   . LEU A 1 184 ? 1.056   13.507  -2.502  1.00 24.08 ? 273 LEU A N   1 
ATOM   1090 C  CA  . LEU A 1 184 ? 0.378   13.119  -1.279  1.00 24.09 ? 273 LEU A CA  1 
ATOM   1091 C  C   . LEU A 1 184 ? 1.217   12.197  -0.421  1.00 24.47 ? 273 LEU A C   1 
ATOM   1092 O  O   . LEU A 1 184 ? 1.550   11.079  -0.840  1.00 24.86 ? 273 LEU A O   1 
ATOM   1093 C  CB  . LEU A 1 184 ? -0.992  12.485  -1.575  1.00 23.00 ? 273 LEU A CB  1 
ATOM   1094 C  CG  . LEU A 1 184 ? -1.753  12.031  -0.309  1.00 26.47 ? 273 LEU A CG  1 
ATOM   1095 C  CD1 . LEU A 1 184 ? -2.300  13.234  0.480   1.00 23.46 ? 273 LEU A CD1 1 
ATOM   1096 C  CD2 . LEU A 1 184 ? -2.904  11.048  -0.630  1.00 25.57 ? 273 LEU A CD2 1 
ATOM   1097 N  N   . GLY A 1 185 ? 1.518   12.660  0.789   1.00 23.70 ? 274 GLY A N   1 
ATOM   1098 C  CA  . GLY A 1 185 ? 2.253   11.876  1.760   1.00 24.04 ? 274 GLY A CA  1 
ATOM   1099 C  C   . GLY A 1 185 ? 1.337   11.061  2.659   1.00 24.09 ? 274 GLY A C   1 
ATOM   1100 O  O   . GLY A 1 185 ? 0.510   11.620  3.381   1.00 24.40 ? 274 GLY A O   1 
ATOM   1101 N  N   . ILE A 1 186 ? 1.475   9.740   2.603   1.00 22.76 ? 275 ILE A N   1 
ATOM   1102 C  CA  . ILE A 1 186 ? 0.736   8.846   3.487   1.00 21.00 ? 275 ILE A CA  1 
ATOM   1103 C  C   . ILE A 1 186 ? 1.698   8.265   4.494   1.00 21.75 ? 275 ILE A C   1 
ATOM   1104 O  O   . ILE A 1 186 ? 2.688   7.639   4.126   1.00 21.18 ? 275 ILE A O   1 
ATOM   1105 C  CB  . ILE A 1 186 ? 0.115   7.728   2.630   1.00 21.71 ? 275 ILE A CB  1 
ATOM   1106 C  CG1 . ILE A 1 186 ? -0.674  8.381   1.478   1.00 20.44 ? 275 ILE A CG1 1 
ATOM   1107 C  CG2 . ILE A 1 186 ? -0.756  6.786   3.476   1.00 19.90 ? 275 ILE A CG2 1 
ATOM   1108 C  CD1 . ILE A 1 186 ? -1.317  7.407   0.515   1.00 21.46 ? 275 ILE A CD1 1 
ATOM   1109 N  N   . ASN A 1 187 ? 1.428   8.457   5.773   1.00 21.90 ? 276 ASN A N   1 
ATOM   1110 C  CA  . ASN A 1 187 ? 2.268   7.835   6.793   1.00 23.03 ? 276 ASN A CA  1 
ATOM   1111 C  C   . ASN A 1 187 ? 1.768   6.427   7.011   1.00 22.38 ? 276 ASN A C   1 
ATOM   1112 O  O   . ASN A 1 187 ? 0.591   6.234   7.334   1.00 23.07 ? 276 ASN A O   1 
ATOM   1113 C  CB  . ASN A 1 187 ? 2.163   8.576   8.125   1.00 23.64 ? 276 ASN A CB  1 
ATOM   1114 C  CG  . ASN A 1 187 ? 2.777   9.938   8.073   1.00 27.42 ? 276 ASN A CG  1 
ATOM   1115 O  OD1 . ASN A 1 187 ? 2.152   10.892  7.606   1.00 39.93 ? 276 ASN A OD1 1 
ATOM   1116 N  ND2 . ASN A 1 187 ? 3.999   10.052  8.552   1.00 30.57 ? 276 ASN A ND2 1 
ATOM   1117 N  N   . VAL A 1 188 ? 2.641   5.442   6.846   1.00 21.45 ? 277 VAL A N   1 
ATOM   1118 C  CA  . VAL A 1 188 ? 2.199   4.058   6.980   1.00 20.54 ? 277 VAL A CA  1 
ATOM   1119 C  C   . VAL A 1 188 ? 2.955   3.484   8.162   1.00 21.61 ? 277 VAL A C   1 
ATOM   1120 O  O   . VAL A 1 188 ? 4.184   3.561   8.211   1.00 22.32 ? 277 VAL A O   1 
ATOM   1121 C  CB  . VAL A 1 188 ? 2.479   3.203   5.723   1.00 19.04 ? 277 VAL A CB  1 
ATOM   1122 C  CG1 . VAL A 1 188 ? 1.889   1.785   5.875   1.00 19.74 ? 277 VAL A CG1 1 
ATOM   1123 C  CG2 . VAL A 1 188 ? 1.954   3.899   4.448   1.00 19.71 ? 277 VAL A CG2 1 
ATOM   1124 N  N   . THR A 1 189 ? 2.219   2.914   9.106   1.00 20.74 ? 278 THR A N   1 
ATOM   1125 C  CA  . THR A 1 189 ? 2.855   2.314   10.279  1.00 22.52 ? 278 THR A CA  1 
ATOM   1126 C  C   . THR A 1 189 ? 2.353   0.901   10.415  1.00 22.51 ? 278 THR A C   1 
ATOM   1127 O  O   . THR A 1 189 ? 1.138   0.691   10.456  1.00 22.95 ? 278 THR A O   1 
ATOM   1128 C  CB  . THR A 1 189 ? 2.470   3.057   11.552  1.00 20.98 ? 278 THR A CB  1 
ATOM   1129 O  OG1 . THR A 1 189 ? 2.720   4.450   11.376  1.00 24.24 ? 278 THR A OG1 1 
ATOM   1130 C  CG2 . THR A 1 189 ? 3.381   2.595   12.742  1.00 20.10 ? 278 THR A CG2 1 
ATOM   1131 N  N   . ILE A 1 190 ? 3.276   -0.051  10.533  1.00 21.31 ? 279 ILE A N   1 
ATOM   1132 C  CA  . ILE A 1 190 ? 2.886   -1.433  10.774  1.00 20.07 ? 279 ILE A CA  1 
ATOM   1133 C  C   . ILE A 1 190 ? 3.320   -1.824  12.203  1.00 19.89 ? 279 ILE A C   1 
ATOM   1134 O  O   . ILE A 1 190 ? 4.378   -1.403  12.669  1.00 18.37 ? 279 ILE A O   1 
ATOM   1135 C  CB  . ILE A 1 190 ? 3.451   -2.343  9.651   1.00 20.03 ? 279 ILE A CB  1 
ATOM   1136 C  CG1 . ILE A 1 190 ? 2.669   -2.054  8.340   1.00 23.32 ? 279 ILE A CG1 1 
ATOM   1137 C  CG2 . ILE A 1 190 ? 3.322   -3.804  10.010  1.00 17.31 ? 279 ILE A CG2 1 
ATOM   1138 C  CD1 . ILE A 1 190 ? 3.362   -2.458  7.101   1.00 28.50 ? 279 ILE A CD1 1 
ATOM   1139 N  N   . SER A 1 191 ? 2.455   -2.557  12.912  1.00 19.87 ? 280 SER A N   1 
ATOM   1140 C  CA  . SER A 1 191 ? 2.773   -3.069  14.249  1.00 21.93 ? 280 SER A CA  1 
ATOM   1141 C  C   . SER A 1 191 ? 2.315   -4.523  14.370  1.00 22.72 ? 280 SER A C   1 
ATOM   1142 O  O   . SER A 1 191 ? 1.405   -4.958  13.658  1.00 23.50 ? 280 SER A O   1 
ATOM   1143 C  CB  . SER A 1 191 ? 2.101   -2.194  15.309  1.00 21.95 ? 280 SER A CB  1 
ATOM   1144 O  OG  . SER A 1 191 ? 0.719   -2.035  15.037  1.00 27.10 ? 280 SER A OG  1 
ATOM   1145 N  N   . MET A 1 192 ? 2.980   -5.296  15.204  1.00 24.34 ? 281 MET A N   1 
ATOM   1146 C  CA  . MET A 1 192 ? 2.504   -6.624  15.573  1.00 27.61 ? 281 MET A CA  1 
ATOM   1147 C  C   . MET A 1 192 ? 1.405   -6.518  16.621  1.00 29.51 ? 281 MET A C   1 
ATOM   1148 O  O   . MET A 1 192 ? 1.490   -5.675  17.512  1.00 30.23 ? 281 MET A O   1 
ATOM   1149 C  CB  . MET A 1 192 ? 3.632   -7.446  16.221  1.00 28.14 ? 281 MET A CB  1 
ATOM   1150 C  CG  . MET A 1 192 ? 4.786   -7.727  15.315  1.00 26.95 ? 281 MET A CG  1 
ATOM   1151 S  SD  . MET A 1 192 ? 5.844   -8.913  16.053  1.00 21.76 ? 281 MET A SD  1 
ATOM   1152 C  CE  . MET A 1 192 ? 6.425   -8.056  17.535  1.00 26.16 ? 281 MET A CE  1 
ATOM   1153 N  N   . CYS A 1 193 ? 0.394   -7.385  16.513  1.00 32.19 ? 282 CYS A N   1 
ATOM   1154 C  CA  . CYS A 1 193 ? -0.508  -7.711  17.635  1.00 34.90 ? 282 CYS A CA  1 
ATOM   1155 C  C   . CYS A 1 193 ? -0.418  -9.214  17.981  1.00 36.31 ? 282 CYS A C   1 
ATOM   1156 O  O   . CYS A 1 193 ? -0.873  -9.711  19.031  1.00 37.68 ? 282 CYS A O   1 
ATOM   1157 C  CB  . CYS A 1 193 ? -1.957  -7.281  17.363  1.00 34.76 ? 282 CYS A CB  1 
ATOM   1158 S  SG  . CYS A 1 193 ? -2.457  -7.268  15.617  1.00 37.03 ? 282 CYS A SG  1 
ATOM   1159 O  OXT . CYS A 1 193 ? 0.169   -10.029 17.247  1.00 37.48 ? 282 CYS A OXT 1 
ATOM   1160 N  N   . LYS B 2 2   ? 11.401  9.673   9.811   1.00 37.58 ? 59  LYS B N   1 
ATOM   1161 C  CA  . LYS B 2 2   ? 11.040  8.405   9.113   1.00 36.88 ? 59  LYS B CA  1 
ATOM   1162 C  C   . LYS B 2 2   ? 11.620  8.375   7.697   1.00 35.27 ? 59  LYS B C   1 
ATOM   1163 O  O   . LYS B 2 2   ? 11.745  9.420   7.049   1.00 36.12 ? 59  LYS B O   1 
ATOM   1164 C  CB  . LYS B 2 2   ? 9.523   8.209   9.032   1.00 36.64 ? 59  LYS B CB  1 
ATOM   1165 C  CG  . LYS B 2 2   ? 8.757   8.370   10.308  1.00 39.45 ? 59  LYS B CG  1 
ATOM   1166 C  CD  . LYS B 2 2   ? 7.442   9.099   10.012  1.00 42.07 ? 59  LYS B CD  1 
ATOM   1167 C  CE  . LYS B 2 2   ? 6.526   9.154   11.225  1.00 44.24 ? 59  LYS B CE  1 
ATOM   1168 N  NZ  . LYS B 2 2   ? 6.351   10.555  11.709  1.00 53.10 ? 59  LYS B NZ  1 
ATOM   1169 N  N   . PRO B 2 3   ? 11.990  7.185   7.231   1.00 33.55 ? 60  PRO B N   1 
ATOM   1170 C  CA  . PRO B 2 3   ? 12.272  6.969   5.801   1.00 32.25 ? 60  PRO B CA  1 
ATOM   1171 C  C   . PRO B 2 3   ? 11.033  7.231   4.929   1.00 30.22 ? 60  PRO B C   1 
ATOM   1172 O  O   . PRO B 2 3   ? 9.911   6.964   5.347   1.00 28.09 ? 60  PRO B O   1 
ATOM   1173 C  CB  . PRO B 2 3   ? 12.666  5.482   5.722   1.00 32.44 ? 60  PRO B CB  1 
ATOM   1174 C  CG  . PRO B 2 3   ? 12.314  4.870   7.025   1.00 33.09 ? 60  PRO B CG  1 
ATOM   1175 C  CD  . PRO B 2 3   ? 12.208  5.972   8.043   1.00 33.51 ? 60  PRO B CD  1 
ATOM   1176 N  N   . ALA B 2 4   ? 11.262  7.769   3.735   1.00 28.15 ? 61  ALA B N   1 
ATOM   1177 C  CA  . ALA B 2 4   ? 10.201  8.127   2.823   1.00 26.14 ? 61  ALA B CA  1 
ATOM   1178 C  C   . ALA B 2 4   ? 10.557  7.599   1.463   1.00 25.47 ? 61  ALA B C   1 
ATOM   1179 O  O   . ALA B 2 4   ? 11.723  7.578   1.093   1.00 25.19 ? 61  ALA B O   1 
ATOM   1180 C  CB  . ALA B 2 4   ? 10.031  9.615   2.761   1.00 26.71 ? 61  ALA B CB  1 
ATOM   1181 N  N   . ALA B 2 5   ? 9.545   7.147   0.722   1.00 24.13 ? 62  ALA B N   1 
ATOM   1182 C  CA  . ALA B 2 5   ? 9.752   6.723   -0.644  1.00 22.34 ? 62  ALA B CA  1 
ATOM   1183 C  C   . ALA B 2 5   ? 8.948   7.678   -1.468  1.00 21.76 ? 62  ALA B C   1 
ATOM   1184 O  O   . ALA B 2 5   ? 7.782   7.960   -1.139  1.00 21.58 ? 62  ALA B O   1 
ATOM   1185 C  CB  . ALA B 2 5   ? 9.279   5.279   -0.851  1.00 21.54 ? 62  ALA B CB  1 
ATOM   1186 N  N   . VAL B 2 6   ? 9.585   8.194   -2.514  1.00 20.57 ? 63  VAL B N   1 
ATOM   1187 C  CA  . VAL B 2 6   ? 8.964   9.078   -3.475  1.00 20.50 ? 63  VAL B CA  1 
ATOM   1188 C  C   . VAL B 2 6   ? 8.546   8.214   -4.656  1.00 21.94 ? 63  VAL B C   1 
ATOM   1189 O  O   . VAL B 2 6   ? 9.400   7.751   -5.424  1.00 21.85 ? 63  VAL B O   1 
ATOM   1190 C  CB  . VAL B 2 6   ? 9.950   10.200  -3.926  1.00 20.26 ? 63  VAL B CB  1 
ATOM   1191 C  CG1 . VAL B 2 6   ? 9.293   11.163  -4.874  1.00 17.72 ? 63  VAL B CG1 1 
ATOM   1192 C  CG2 . VAL B 2 6   ? 10.496  10.938  -2.725  1.00 19.77 ? 63  VAL B CG2 1 
ATOM   1193 N  N   . VAL B 2 7   ? 7.230   8.035   -4.814  1.00 22.77 ? 64  VAL B N   1 
ATOM   1194 C  CA  . VAL B 2 7   ? 6.660   7.032   -5.712  1.00 23.91 ? 64  VAL B CA  1 
ATOM   1195 C  C   . VAL B 2 7   ? 5.943   7.688   -6.878  1.00 25.13 ? 64  VAL B C   1 
ATOM   1196 O  O   . VAL B 2 7   ? 5.061   8.533   -6.684  1.00 25.23 ? 64  VAL B O   1 
ATOM   1197 C  CB  . VAL B 2 7   ? 5.632   6.149   -4.925  1.00 24.68 ? 64  VAL B CB  1 
ATOM   1198 C  CG1 . VAL B 2 7   ? 4.948   5.080   -5.823  1.00 25.39 ? 64  VAL B CG1 1 
ATOM   1199 C  CG2 . VAL B 2 7   ? 6.312   5.496   -3.736  1.00 24.15 ? 64  VAL B CG2 1 
ATOM   1200 N  N   . ALA B 2 8   ? 6.299   7.259   -8.083  1.00 25.55 ? 65  ALA B N   1 
ATOM   1201 C  CA  . ALA B 2 8   ? 5.673   7.702   -9.309  1.00 26.45 ? 65  ALA B CA  1 
ATOM   1202 C  C   . ALA B 2 8   ? 4.506   6.788   -9.685  1.00 28.41 ? 65  ALA B C   1 
ATOM   1203 O  O   . ALA B 2 8   ? 4.502   5.624   -9.337  1.00 28.32 ? 65  ALA B O   1 
ATOM   1204 C  CB  . ALA B 2 8   ? 6.719   7.720   -10.442 1.00 27.14 ? 65  ALA B CB  1 
ATOM   1205 N  N   . PRO B 2 9   ? 3.537   7.308   -10.439 1.00 31.24 ? 66  PRO B N   1 
ATOM   1206 C  CA  . PRO B 2 9   ? 2.362   6.536   -10.864 1.00 33.10 ? 66  PRO B CA  1 
ATOM   1207 C  C   . PRO B 2 9   ? 2.556   5.549   -12.030 1.00 36.23 ? 66  PRO B C   1 
ATOM   1208 O  O   . PRO B 2 9   ? 3.176   5.887   -13.061 1.00 36.76 ? 66  PRO B O   1 
ATOM   1209 C  CB  . PRO B 2 9   ? 1.389   7.623   -11.300 1.00 32.01 ? 66  PRO B CB  1 
ATOM   1210 C  CG  . PRO B 2 9   ? 2.236   8.734   -11.737 1.00 31.42 ? 66  PRO B CG  1 
ATOM   1211 C  CD  . PRO B 2 9   ? 3.486   8.696   -10.938 1.00 30.97 ? 66  PRO B CD  1 
ATOM   1212 N  N   . ILE B 2 10  ? 2.002   4.344   -11.868 1.00 38.81 ? 67  ILE B N   1 
ATOM   1213 C  CA  . ILE B 2 10  ? 1.785   3.419   -12.995 1.00 42.10 ? 67  ILE B CA  1 
ATOM   1214 C  C   . ILE B 2 10  ? 0.543   3.790   -13.884 1.00 42.78 ? 67  ILE B C   1 
ATOM   1215 O  O   . ILE B 2 10  ? -0.630  3.883   -13.457 1.00 43.64 ? 67  ILE B O   1 
ATOM   1216 C  CB  . ILE B 2 10  ? 1.740   1.930   -12.514 1.00 41.76 ? 67  ILE B CB  1 
ATOM   1217 C  CG1 . ILE B 2 10  ? 2.715   1.695   -11.357 1.00 43.22 ? 67  ILE B CG1 1 
ATOM   1218 C  CG2 . ILE B 2 10  ? 2.041   0.976   -13.680 1.00 44.37 ? 67  ILE B CG2 1 
ATOM   1219 C  CD1 . ILE B 2 10  ? 2.645   0.305   -10.755 1.00 44.67 ? 67  ILE B CD1 1 
HETATM 1220 ZN ZN  . ZN  C 3 .   ? 4.156   -9.723  -11.839 1.00 23.67 ? 601 ZN  A ZN  1 
HETATM 1221 O  O   . HOH D 4 .   ? 6.582   -11.306 3.100   1.00 15.17 ? 602 HOH A O   1 
HETATM 1222 O  O   . HOH D 4 .   ? -8.265  5.066   12.800  1.00 25.33 ? 603 HOH A O   1 
HETATM 1223 O  O   . HOH D 4 .   ? -11.884 5.402   4.837   1.00 29.17 ? 604 HOH A O   1 
HETATM 1224 O  O   . HOH D 4 .   ? -7.716  25.226  4.787   1.00 36.21 ? 605 HOH A O   1 
HETATM 1225 O  O   . HOH D 4 .   ? -14.278 -5.778  2.679   1.00 24.40 ? 606 HOH A O   1 
HETATM 1226 O  O   . HOH D 4 .   ? 11.176  -4.522  11.493  1.00 19.63 ? 607 HOH A O   1 
HETATM 1227 O  O   . HOH D 4 .   ? 12.278  -7.194  8.372   1.00 18.73 ? 608 HOH A O   1 
HETATM 1228 O  O   . HOH D 4 .   ? 5.482   -0.322  14.909  1.00 30.93 ? 609 HOH A O   1 
HETATM 1229 O  O   . HOH D 4 .   ? -5.758  -4.949  4.197   1.00 39.10 ? 610 HOH A O   1 
HETATM 1230 O  O   . HOH D 4 .   ? 0.571   5.842   10.313  1.00 20.23 ? 611 HOH A O   1 
HETATM 1231 O  O   . HOH D 4 .   ? -3.613  -6.217  -12.559 1.00 30.06 ? 612 HOH A O   1 
HETATM 1232 O  O   . HOH D 4 .   ? -11.463 2.623   -12.694 1.00 22.18 ? 613 HOH A O   1 
HETATM 1233 O  O   . HOH D 4 .   ? 10.281  -3.039  16.111  1.00 39.70 ? 614 HOH A O   1 
HETATM 1234 O  O   . HOH D 4 .   ? -16.330 11.180  -12.909 1.00 28.43 ? 615 HOH A O   1 
HETATM 1235 O  O   . HOH D 4 .   ? -9.387  -9.011  -4.080  1.00 32.72 ? 616 HOH A O   1 
HETATM 1236 O  O   . HOH D 4 .   ? -15.153 8.181   -8.697  1.00 47.80 ? 617 HOH A O   1 
HETATM 1237 O  O   . HOH D 4 .   ? -7.678  -3.649  5.286   1.00 31.69 ? 618 HOH A O   1 
HETATM 1238 O  O   . HOH D 4 .   ? -9.162  21.843  11.111  1.00 5.67  ? 619 HOH A O   1 
HETATM 1239 O  O   . HOH D 4 .   ? 3.970   13.289  7.365   1.00 51.96 ? 620 HOH A O   1 
HETATM 1240 O  O   . HOH D 4 .   ? 6.515   1.804   -9.192  1.00 34.89 ? 621 HOH A O   1 
HETATM 1241 O  O   . HOH D 4 .   ? -0.177  0.040   13.529  1.00 30.38 ? 622 HOH A O   1 
HETATM 1242 O  O   . HOH D 4 .   ? -0.737  13.706  4.248   1.00 28.33 ? 623 HOH A O   1 
HETATM 1243 O  O   . HOH D 4 .   ? -3.069  21.598  -1.038  1.00 19.46 ? 624 HOH A O   1 
HETATM 1244 O  O   . HOH D 4 .   ? 9.865   -14.685 -11.851 1.00 34.31 ? 625 HOH A O   1 
HETATM 1245 O  O   . HOH D 4 .   ? -6.214  -2.361  -11.208 1.00 42.15 ? 626 HOH A O   1 
HETATM 1246 O  O   . HOH D 4 .   ? 14.849  1.614   3.389   1.00 33.23 ? 627 HOH A O   1 
HETATM 1247 O  O   . HOH D 4 .   ? 13.389  -9.349  4.623   1.00 50.01 ? 628 HOH A O   1 
HETATM 1248 O  O   . HOH D 4 .   ? 13.556  -3.324  7.835   1.00 49.55 ? 629 HOH A O   1 
HETATM 1249 O  O   . HOH D 4 .   ? 5.203   -15.658 3.719   1.00 43.32 ? 630 HOH A O   1 
HETATM 1250 O  O   . HOH D 4 .   ? 13.789  -6.149  1.405   1.00 43.54 ? 631 HOH A O   1 
HETATM 1251 O  O   . HOH D 4 .   ? -9.672  -4.319  6.568   1.00 28.35 ? 632 HOH A O   1 
HETATM 1252 O  O   . HOH D 4 .   ? -3.521  -7.788  -16.650 1.00 49.89 ? 633 HOH A O   1 
HETATM 1253 O  O   . HOH D 4 .   ? 11.783  0.718   12.404  1.00 38.90 ? 634 HOH A O   1 
HETATM 1254 O  O   . HOH D 4 .   ? -15.594 -6.596  -3.301  1.00 27.21 ? 635 HOH A O   1 
HETATM 1255 O  O   . HOH D 4 .   ? 5.848   -3.260  -12.140 1.00 31.29 ? 636 HOH A O   1 
HETATM 1256 O  O   . HOH D 4 .   ? -5.248  -6.962  13.135  1.00 37.43 ? 637 HOH A O   1 
HETATM 1257 O  O   . HOH D 4 .   ? 0.444   -21.668 -3.615  1.00 45.62 ? 638 HOH A O   1 
HETATM 1258 O  O   . HOH D 4 .   ? 2.038   24.239  -2.106  1.00 32.64 ? 639 HOH A O   1 
HETATM 1259 O  O   . HOH D 4 .   ? 10.875  -4.741  -6.892  1.00 40.16 ? 640 HOH A O   1 
HETATM 1260 O  O   . HOH D 4 .   ? 8.128   -17.787 -11.466 1.00 22.77 ? 641 HOH A O   1 
HETATM 1261 O  O   . HOH D 4 .   ? -5.515  11.605  -14.954 1.00 20.36 ? 642 HOH A O   1 
HETATM 1262 O  O   . HOH D 4 .   ? 4.980   12.938  -10.623 0.50 17.87 ? 643 HOH A O   1 
HETATM 1263 O  O   . HOH D 4 .   ? -3.753  -18.457 2.742   1.00 17.07 ? 644 HOH A O   1 
HETATM 1264 O  O   . HOH D 4 .   ? -17.974 -3.079  -4.771  1.00 17.20 ? 645 HOH A O   1 
HETATM 1265 O  O   . HOH D 4 .   ? 11.449  -7.645  5.755   1.00 25.58 ? 646 HOH A O   1 
HETATM 1266 O  O   . HOH D 4 .   ? 7.677   2.045   -6.176  1.00 25.01 ? 647 HOH A O   1 
HETATM 1267 O  O   . HOH D 4 .   ? 0.465   -5.669  -13.243 1.00 32.66 ? 648 HOH A O   1 
HETATM 1268 O  O   . HOH D 4 .   ? -12.850 9.089   5.138   0.50 33.05 ? 649 HOH A O   1 
HETATM 1269 O  O   . HOH D 4 .   ? -16.523 -7.178  -5.378  1.00 25.08 ? 650 HOH A O   1 
HETATM 1270 O  O   . HOH D 4 .   ? 6.126   17.391  -2.594  1.00 38.65 ? 651 HOH A O   1 
HETATM 1271 O  O   . HOH D 4 .   ? -8.980  26.235  5.987   1.00 26.40 ? 652 HOH A O   1 
HETATM 1272 O  O   . HOH D 4 .   ? 10.728  2.957   10.780  1.00 40.60 ? 653 HOH A O   1 
HETATM 1273 O  O   . HOH D 4 .   ? 5.693   16.717  -0.059  1.00 32.57 ? 654 HOH A O   1 
HETATM 1274 O  O   . HOH D 4 .   ? -5.464  25.980  5.862   1.00 26.98 ? 655 HOH A O   1 
HETATM 1275 O  O   . HOH D 4 .   ? -3.227  -9.235  -4.740  1.00 38.61 ? 656 HOH A O   1 
HETATM 1276 O  O   . HOH D 4 .   ? -6.582  -18.181 8.767   1.00 39.44 ? 657 HOH A O   1 
HETATM 1277 O  O   . HOH D 4 .   ? 3.361   -18.060 -14.105 1.00 21.36 ? 658 HOH A O   1 
HETATM 1278 O  O   . HOH D 4 .   ? 7.428   -14.532 -1.461  1.00 35.51 ? 659 HOH A O   1 
HETATM 1279 O  O   . HOH D 4 .   ? -6.231  -3.853  -7.117  1.00 51.99 ? 660 HOH A O   1 
HETATM 1280 O  O   . HOH D 4 .   ? 3.755   -21.744 -1.510  1.00 26.80 ? 661 HOH A O   1 
HETATM 1281 O  O   . HOH D 4 .   ? 1.088   18.804  -9.077  1.00 41.45 ? 662 HOH A O   1 
HETATM 1282 O  O   . HOH D 4 .   ? -7.253  -11.739 4.009   1.00 38.66 ? 663 HOH A O   1 
HETATM 1283 O  O   . HOH D 4 .   ? -4.046  -5.536  -6.915  1.00 50.02 ? 664 HOH A O   1 
HETATM 1284 O  O   . HOH D 4 .   ? -2.201  -24.093 -3.841  1.00 34.60 ? 665 HOH A O   1 
HETATM 1285 O  O   . HOH D 4 .   ? -5.368  -3.104  -9.563  1.00 41.64 ? 666 HOH A O   1 
HETATM 1286 O  O   . HOH D 4 .   ? -16.609 12.672  -9.465  1.00 38.35 ? 667 HOH A O   1 
HETATM 1287 O  O   . HOH D 4 .   ? 3.279   16.172  0.451   1.00 30.92 ? 668 HOH A O   1 
HETATM 1288 O  O   . HOH D 4 .   ? 10.665  -3.265  -13.467 1.00 62.21 ? 669 HOH A O   1 
HETATM 1289 O  O   . HOH D 4 .   ? -2.887  -5.850  -15.060 1.00 42.58 ? 670 HOH A O   1 
HETATM 1290 O  O   . HOH D 4 .   ? -5.445  -15.606 13.222  1.00 38.78 ? 671 HOH A O   1 
HETATM 1291 O  O   . HOH D 4 .   ? -6.280  18.117  -5.985  1.00 38.63 ? 672 HOH A O   1 
HETATM 1292 O  O   . HOH D 4 .   ? 0.059   2.261   14.795  1.00 40.40 ? 673 HOH A O   1 
HETATM 1293 O  O   . HOH D 4 .   ? -6.171  -10.547 6.635   1.00 32.08 ? 674 HOH A O   1 
HETATM 1294 O  O   . HOH D 4 .   ? -5.206  -16.308 2.645   1.00 36.14 ? 675 HOH A O   1 
HETATM 1295 O  O   . HOH D 4 .   ? 6.706   -0.368  -11.530 1.00 38.93 ? 676 HOH A O   1 
HETATM 1296 O  O   . HOH D 4 .   ? -3.932  16.953  14.070  1.00 37.98 ? 677 HOH A O   1 
HETATM 1297 O  O   . HOH D 4 .   ? -1.076  22.757  -3.535  1.00 25.40 ? 678 HOH A O   1 
HETATM 1298 O  O   . HOH D 4 .   ? -1.051  27.959  11.581  1.00 38.74 ? 679 HOH A O   1 
HETATM 1299 O  O   . HOH D 4 .   ? 1.213   15.266  1.680   1.00 32.91 ? 680 HOH A O   1 
HETATM 1300 O  O   . HOH D 4 .   ? -3.435  6.531   15.836  1.00 41.26 ? 681 HOH A O   1 
HETATM 1301 O  O   . HOH D 4 .   ? -17.164 10.297  -4.317  1.00 33.57 ? 682 HOH A O   1 
HETATM 1302 O  O   . HOH D 4 .   ? -3.074  -3.985  -13.663 1.00 36.50 ? 683 HOH A O   1 
HETATM 1303 O  O   . HOH D 4 .   ? 12.801  -4.990  7.605   1.00 60.90 ? 684 HOH A O   1 
HETATM 1304 O  O   . HOH D 4 .   ? -16.801 12.668  -4.320  1.00 38.54 ? 685 HOH A O   1 
HETATM 1305 O  O   . HOH D 4 .   ? 9.284   -11.986 2.762   1.00 52.72 ? 686 HOH A O   1 
HETATM 1306 O  O   . HOH D 4 .   ? -6.419  -7.740  -5.651  1.00 35.28 ? 687 HOH A O   1 
HETATM 1307 O  O   . HOH D 4 .   ? -13.212 10.851  3.551   1.00 50.18 ? 688 HOH A O   1 
HETATM 1308 O  O   . HOH D 4 .   ? 8.491   -4.245  -14.784 1.00 35.74 ? 689 HOH A O   1 
HETATM 1309 O  O   . HOH D 4 .   ? 11.869  -3.352  -4.364  1.00 28.58 ? 690 HOH A O   1 
HETATM 1310 O  O   . HOH D 4 .   ? 9.409   -5.756  -0.396  1.00 63.49 ? 691 HOH A O   1 
HETATM 1311 O  O   . HOH E 4 .   ? 4.139   3.122   -8.535  1.00 20.25 ? 71  HOH B O   1 
HETATM 1312 O  O   . HOH E 4 .   ? 12.416  6.789   -2.798  1.00 38.25 ? 72  HOH B O   1 
HETATM 1313 O  O   . HOH E 4 .   ? 3.552   3.362   -15.740 1.00 51.28 ? 73  HOH B O   1 
HETATM 1314 O  O   . HOH E 4 .   ? 13.934  7.225   10.404  1.00 46.53 ? 74  HOH B O   1 
HETATM 1315 O  O   . HOH E 4 .   ? 10.019  12.406  6.215   1.00 34.80 ? 75  HOH B O   1 
HETATM 1316 O  O   . HOH E 4 .   ? 13.150  12.220  5.625   1.00 37.40 ? 76  HOH B O   1 
HETATM 1317 O  O   . HOH E 4 .   ? 3.778   11.992  11.534  1.00 47.68 ? 77  HOH B O   1 
HETATM 1318 O  O   . HOH E 4 .   ? 14.311  9.835   2.440   1.00 26.06 ? 78  HOH B O   1 
HETATM 1319 O  O   . HOH E 4 .   ? 14.100  6.250   -0.056  1.00 31.89 ? 79  HOH B O   1 
HETATM 1320 O  O   . HOH E 4 .   ? 14.695  10.220  -0.283  1.00 38.26 ? 80  HOH B O   1 
# 
loop_
_pdbx_poly_seq_scheme.asym_id 
_pdbx_poly_seq_scheme.entity_id 
_pdbx_poly_seq_scheme.seq_id 
_pdbx_poly_seq_scheme.mon_id 
_pdbx_poly_seq_scheme.ndb_seq_num 
_pdbx_poly_seq_scheme.pdb_seq_num 
_pdbx_poly_seq_scheme.auth_seq_num 
_pdbx_poly_seq_scheme.pdb_mon_id 
_pdbx_poly_seq_scheme.auth_mon_id 
_pdbx_poly_seq_scheme.pdb_strand_id 
_pdbx_poly_seq_scheme.pdb_ins_code 
_pdbx_poly_seq_scheme.hetero 
A 1 1   VAL 1   90  ?   ?   ?   A . n 
A 1 2   ALA 2   91  ?   ?   ?   A . n 
A 1 3   ASN 3   92  ?   ?   ?   A . n 
A 1 4   SER 4   93  ?   ?   ?   A . n 
A 1 5   VAL 5   94  ?   ?   ?   A . n 
A 1 6   LEU 6   95  ?   ?   ?   A . n 
A 1 7   PHE 7   96  ?   ?   ?   A . n 
A 1 8   PRO 8   97  ?   ?   ?   A . n 
A 1 9   CYS 9   98  ?   ?   ?   A . n 
A 1 10  LYS 10  99  ?   ?   ?   A . n 
A 1 11  TYR 11  100 ?   ?   ?   A . n 
A 1 12  ALA 12  101 ?   ?   ?   A . n 
A 1 13  SER 13  102 ?   ?   ?   A . n 
A 1 14  SER 14  103 ?   ?   ?   A . n 
A 1 15  GLY 15  104 ?   ?   ?   A . n 
A 1 16  CYS 16  105 ?   ?   ?   A . n 
A 1 17  GLU 17  106 ?   ?   ?   A . n 
A 1 18  ILE 18  107 ?   ?   ?   A . n 
A 1 19  THR 19  108 ?   ?   ?   A . n 
A 1 20  LEU 20  109 ?   ?   ?   A . n 
A 1 21  PRO 21  110 ?   ?   ?   A . n 
A 1 22  HIS 22  111 ?   ?   ?   A . n 
A 1 23  THR 23  112 ?   ?   ?   A . n 
A 1 24  GLU 24  113 ?   ?   ?   A . n 
A 1 25  LYS 25  114 ?   ?   ?   A . n 
A 1 26  ALA 26  115 ?   ?   ?   A . n 
A 1 27  ASP 27  116 ?   ?   ?   A . n 
A 1 28  HIS 28  117 ?   ?   ?   A . n 
A 1 29  GLU 29  118 ?   ?   ?   A . n 
A 1 30  GLU 30  119 ?   ?   ?   A . n 
A 1 31  LEU 31  120 ?   ?   ?   A . n 
A 1 32  CYS 32  121 ?   ?   ?   A . n 
A 1 33  GLU 33  122 ?   ?   ?   A . n 
A 1 34  PHE 34  123 ?   ?   ?   A . n 
A 1 35  ARG 35  124 ?   ?   ?   A . n 
A 1 36  PRO 36  125 125 PRO PRO A . n 
A 1 37  TYR 37  126 126 TYR TYR A . n 
A 1 38  SER 38  127 127 SER SER A . n 
A 1 39  CYS 39  128 128 CYS CYS A . n 
A 1 40  PRO 40  129 129 PRO PRO A . n 
A 1 41  CYS 41  130 130 CYS CYS A . n 
A 1 42  PRO 42  131 131 PRO PRO A . n 
A 1 43  GLY 43  132 ?   ?   ?   A . n 
A 1 44  ALA 44  133 ?   ?   ?   A . n 
A 1 45  SER 45  134 134 SER SER A . n 
A 1 46  CYS 46  135 135 CYS CYS A . n 
A 1 47  LYS 47  136 136 LYS LYS A . n 
A 1 48  TRP 48  137 137 TRP TRP A . n 
A 1 49  GLN 49  138 138 GLN GLN A . n 
A 1 50  GLY 50  139 139 GLY GLY A . n 
A 1 51  SER 51  140 140 SER SER A . n 
A 1 52  LEU 52  141 141 LEU LEU A . n 
A 1 53  ASP 53  142 142 ASP ASP A . n 
A 1 54  ALA 54  143 143 ALA ALA A . n 
A 1 55  VAL 55  144 144 VAL VAL A . n 
A 1 56  MET 56  145 145 MET MET A . n 
A 1 57  PRO 57  146 146 PRO PRO A . n 
A 1 58  HIS 58  147 147 HIS HIS A . n 
A 1 59  LEU 59  148 148 LEU LEU A . n 
A 1 60  MET 60  149 149 MET MET A . n 
A 1 61  HIS 61  150 150 HIS HIS A . n 
A 1 62  GLN 62  151 151 GLN GLN A . n 
A 1 63  HIS 63  152 152 HIS HIS A . n 
A 1 64  LYS 64  153 153 LYS LYS A . n 
A 1 65  SER 65  154 154 SER SER A . n 
A 1 66  ILE 66  155 155 ILE ILE A . n 
A 1 67  THR 67  156 156 THR THR A . n 
A 1 68  THR 68  157 157 THR THR A . n 
A 1 69  LEU 69  158 158 LEU LEU A . n 
A 1 70  GLN 70  159 159 GLN GLN A . n 
A 1 71  GLY 71  160 160 GLY GLY A . n 
A 1 72  GLU 72  161 161 GLU GLU A . n 
A 1 73  ASP 73  162 162 ASP ASP A . n 
A 1 74  ILE 74  163 163 ILE ILE A . n 
A 1 75  VAL 75  164 164 VAL VAL A . n 
A 1 76  PHE 76  165 165 PHE PHE A . n 
A 1 77  LEU 77  166 166 LEU LEU A . n 
A 1 78  ALA 78  167 167 ALA ALA A . n 
A 1 79  THR 79  168 168 THR THR A . n 
A 1 80  ASP 80  169 169 ASP ASP A . n 
A 1 81  ILE 81  170 170 ILE ILE A . n 
A 1 82  ASN 82  171 171 ASN ASN A . n 
A 1 83  LEU 83  172 ?   ?   ?   A . n 
A 1 84  PRO 84  173 ?   ?   ?   A . n 
A 1 85  GLY 85  174 ?   ?   ?   A . n 
A 1 86  ALA 86  175 ?   ?   ?   A . n 
A 1 87  VAL 87  176 176 VAL VAL A . n 
A 1 88  ASP 88  177 177 ASP ASP A . n 
A 1 89  TRP 89  178 178 TRP TRP A . n 
A 1 90  VAL 90  179 179 VAL VAL A . n 
A 1 91  MET 91  180 180 MET MET A . n 
A 1 92  MET 92  181 181 MET MET A . n 
A 1 93  GLN 93  182 182 GLN GLN A . n 
A 1 94  SER 94  183 183 SER SER A . n 
A 1 95  CYS 95  184 184 CYS CYS A . n 
A 1 96  PHE 96  185 185 PHE PHE A . n 
A 1 97  GLY 97  186 186 GLY GLY A . n 
A 1 98  PHE 98  187 187 PHE PHE A . n 
A 1 99  HIS 99  188 188 HIS HIS A . n 
A 1 100 PHE 100 189 189 PHE PHE A . n 
A 1 101 MET 101 190 190 MET MET A . n 
A 1 102 LEU 102 191 191 LEU LEU A . n 
A 1 103 VAL 103 192 192 VAL VAL A . n 
A 1 104 LEU 104 193 193 LEU LEU A . n 
A 1 105 GLU 105 194 194 GLU GLU A . n 
A 1 106 LYS 106 195 195 LYS LYS A . n 
A 1 107 GLN 107 196 196 GLN GLN A . n 
A 1 108 GLU 108 197 ?   ?   ?   A . n 
A 1 109 LYS 109 198 ?   ?   ?   A . n 
A 1 110 TYR 110 199 ?   ?   ?   A . n 
A 1 111 ASP 111 200 ?   ?   ?   A . n 
A 1 112 GLY 112 201 ?   ?   ?   A . n 
A 1 113 HIS 113 202 ?   ?   ?   A . n 
A 1 114 GLN 114 203 203 GLN GLN A . n 
A 1 115 GLN 115 204 204 GLN GLN A . n 
A 1 116 PHE 116 205 205 PHE PHE A . n 
A 1 117 PHE 117 206 206 PHE PHE A . n 
A 1 118 ALA 118 207 207 ALA ALA A . n 
A 1 119 ILE 119 208 208 ILE ILE A . n 
A 1 120 VAL 120 209 209 VAL VAL A . n 
A 1 121 GLN 121 210 210 GLN GLN A . n 
A 1 122 LEU 122 211 211 LEU LEU A . n 
A 1 123 ILE 123 212 212 ILE ILE A . n 
A 1 124 GLY 124 213 213 GLY GLY A . n 
A 1 125 THR 125 214 214 THR THR A . n 
A 1 126 ARG 126 215 215 ARG ARG A . n 
A 1 127 LYS 127 216 216 LYS LYS A . n 
A 1 128 GLN 128 217 217 GLN GLN A . n 
A 1 129 ALA 129 218 218 ALA ALA A . n 
A 1 130 GLU 130 219 219 GLU GLU A . n 
A 1 131 ASN 131 220 220 ASN ASN A . n 
A 1 132 PHE 132 221 221 PHE PHE A . n 
A 1 133 ALA 133 222 222 ALA ALA A . n 
A 1 134 TYR 134 223 223 TYR TYR A . n 
A 1 135 ARG 135 224 224 ARG ARG A . n 
A 1 136 LEU 136 225 225 LEU LEU A . n 
A 1 137 GLU 137 226 226 GLU GLU A . n 
A 1 138 LEU 138 227 227 LEU LEU A . n 
A 1 139 ASN 139 228 228 ASN ASN A . n 
A 1 140 GLY 140 229 229 GLY GLY A . n 
A 1 141 HIS 141 230 230 HIS HIS A . n 
A 1 142 ARG 142 231 231 ARG ARG A . n 
A 1 143 ARG 143 232 232 ARG ARG A . n 
A 1 144 ARG 144 233 233 ARG ARG A . n 
A 1 145 LEU 145 234 234 LEU LEU A . n 
A 1 146 THR 146 235 235 THR THR A . n 
A 1 147 TRP 147 236 236 TRP TRP A . n 
A 1 148 GLU 148 237 237 GLU GLU A . n 
A 1 149 ALA 149 238 238 ALA ALA A . n 
A 1 150 THR 150 239 239 THR THR A . n 
A 1 151 PRO 151 240 240 PRO PRO A . n 
A 1 152 ARG 152 241 241 ARG ARG A . n 
A 1 153 SER 153 242 242 SER SER A . n 
A 1 154 ILE 154 243 243 ILE ILE A . n 
A 1 155 HIS 155 244 244 HIS HIS A . n 
A 1 156 GLU 156 245 245 GLU GLU A . n 
A 1 157 GLY 157 246 246 GLY GLY A . n 
A 1 158 ILE 158 247 247 ILE ILE A . n 
A 1 159 ALA 159 248 248 ALA ALA A . n 
A 1 160 THR 160 249 249 THR THR A . n 
A 1 161 ALA 161 250 250 ALA ALA A . n 
A 1 162 ILE 162 251 251 ILE ILE A . n 
A 1 163 MET 163 252 252 MET MET A . n 
A 1 164 ASN 164 253 253 ASN ASN A . n 
A 1 165 SER 165 254 254 SER SER A . n 
A 1 166 ASP 166 255 255 ASP ASP A . n 
A 1 167 CYS 167 256 256 CYS CYS A . n 
A 1 168 LEU 168 257 257 LEU LEU A . n 
A 1 169 VAL 169 258 258 VAL VAL A . n 
A 1 170 PHE 170 259 259 PHE PHE A . n 
A 1 171 ASP 171 260 260 ASP ASP A . n 
A 1 172 THR 172 261 261 THR THR A . n 
A 1 173 SER 173 262 262 SER SER A . n 
A 1 174 ILE 174 263 263 ILE ILE A . n 
A 1 175 ALA 175 264 264 ALA ALA A . n 
A 1 176 GLN 176 265 265 GLN GLN A . n 
A 1 177 LEU 177 266 266 LEU LEU A . n 
A 1 178 PHE 178 267 267 PHE PHE A . n 
A 1 179 ALA 179 268 268 ALA ALA A . n 
A 1 180 GLU 180 269 269 GLU GLU A . n 
A 1 181 ASN 181 270 270 ASN ASN A . n 
A 1 182 GLY 182 271 271 GLY GLY A . n 
A 1 183 ASN 183 272 272 ASN ASN A . n 
A 1 184 LEU 184 273 273 LEU LEU A . n 
A 1 185 GLY 185 274 274 GLY GLY A . n 
A 1 186 ILE 186 275 275 ILE ILE A . n 
A 1 187 ASN 187 276 276 ASN ASN A . n 
A 1 188 VAL 188 277 277 VAL VAL A . n 
A 1 189 THR 189 278 278 THR THR A . n 
A 1 190 ILE 190 279 279 ILE ILE A . n 
A 1 191 SER 191 280 280 SER SER A . n 
A 1 192 MET 192 281 281 MET MET A . n 
A 1 193 CYS 193 282 282 CYS CYS A . n 
B 2 1   GLU 1   58  ?   ?   ?   B . n 
B 2 2   LYS 2   59  59  LYS LYS B . n 
B 2 3   PRO 3   60  60  PRO PRO B . n 
B 2 4   ALA 4   61  61  ALA ALA B . n 
B 2 5   ALA 5   62  62  ALA ALA B . n 
B 2 6   VAL 6   63  63  VAL VAL B . n 
B 2 7   VAL 7   64  64  VAL VAL B . n 
B 2 8   ALA 8   65  65  ALA ALA B . n 
B 2 9   PRO 9   66  66  PRO PRO B . n 
B 2 10  ILE 10  67  67  ILE ILE B . n 
B 2 11  THR 11  68  ?   ?   ?   B . n 
B 2 12  THR 12  69  ?   ?   ?   B . n 
B 2 13  GLY 13  70  ?   ?   ?   B . n 
# 
loop_
_pdbx_nonpoly_scheme.asym_id 
_pdbx_nonpoly_scheme.entity_id 
_pdbx_nonpoly_scheme.mon_id 
_pdbx_nonpoly_scheme.ndb_seq_num 
_pdbx_nonpoly_scheme.pdb_seq_num 
_pdbx_nonpoly_scheme.auth_seq_num 
_pdbx_nonpoly_scheme.pdb_mon_id 
_pdbx_nonpoly_scheme.auth_mon_id 
_pdbx_nonpoly_scheme.pdb_strand_id 
_pdbx_nonpoly_scheme.pdb_ins_code 
C 3 ZN  1  601 601 ZN  ZN  A . 
D 4 HOH 1  602 1   HOH HOH A . 
D 4 HOH 2  603 2   HOH HOH A . 
D 4 HOH 3  604 3   HOH HOH A . 
D 4 HOH 4  605 4   HOH HOH A . 
D 4 HOH 5  606 5   HOH HOH A . 
D 4 HOH 6  607 6   HOH HOH A . 
D 4 HOH 7  608 7   HOH HOH A . 
D 4 HOH 8  609 8   HOH HOH A . 
D 4 HOH 9  610 9   HOH HOH A . 
D 4 HOH 10 611 11  HOH HOH A . 
D 4 HOH 11 612 12  HOH HOH A . 
D 4 HOH 12 613 13  HOH HOH A . 
D 4 HOH 13 614 14  HOH HOH A . 
D 4 HOH 14 615 16  HOH HOH A . 
D 4 HOH 15 616 17  HOH HOH A . 
D 4 HOH 16 617 18  HOH HOH A . 
D 4 HOH 17 618 19  HOH HOH A . 
D 4 HOH 18 619 20  HOH HOH A . 
D 4 HOH 19 620 21  HOH HOH A . 
D 4 HOH 20 621 22  HOH HOH A . 
D 4 HOH 21 622 23  HOH HOH A . 
D 4 HOH 22 623 24  HOH HOH A . 
D 4 HOH 23 624 25  HOH HOH A . 
D 4 HOH 24 625 27  HOH HOH A . 
D 4 HOH 25 626 29  HOH HOH A . 
D 4 HOH 26 627 30  HOH HOH A . 
D 4 HOH 27 628 31  HOH HOH A . 
D 4 HOH 28 629 33  HOH HOH A . 
D 4 HOH 29 630 34  HOH HOH A . 
D 4 HOH 30 631 35  HOH HOH A . 
D 4 HOH 31 632 36  HOH HOH A . 
D 4 HOH 32 633 37  HOH HOH A . 
D 4 HOH 33 634 39  HOH HOH A . 
D 4 HOH 34 635 40  HOH HOH A . 
D 4 HOH 35 636 41  HOH HOH A . 
D 4 HOH 36 637 42  HOH HOH A . 
D 4 HOH 37 638 43  HOH HOH A . 
D 4 HOH 38 639 45  HOH HOH A . 
D 4 HOH 39 640 46  HOH HOH A . 
D 4 HOH 40 641 47  HOH HOH A . 
D 4 HOH 41 642 48  HOH HOH A . 
D 4 HOH 42 643 49  HOH HOH A . 
D 4 HOH 43 644 50  HOH HOH A . 
D 4 HOH 44 645 51  HOH HOH A . 
D 4 HOH 45 646 52  HOH HOH A . 
D 4 HOH 46 647 53  HOH HOH A . 
D 4 HOH 47 648 54  HOH HOH A . 
D 4 HOH 48 649 55  HOH HOH A . 
D 4 HOH 49 650 56  HOH HOH A . 
D 4 HOH 50 651 57  HOH HOH A . 
D 4 HOH 51 652 58  HOH HOH A . 
D 4 HOH 52 653 59  HOH HOH A . 
D 4 HOH 53 654 60  HOH HOH A . 
D 4 HOH 54 655 62  HOH HOH A . 
D 4 HOH 55 656 63  HOH HOH A . 
D 4 HOH 56 657 64  HOH HOH A . 
D 4 HOH 57 658 65  HOH HOH A . 
D 4 HOH 58 659 66  HOH HOH A . 
D 4 HOH 59 660 67  HOH HOH A . 
D 4 HOH 60 661 68  HOH HOH A . 
D 4 HOH 61 662 69  HOH HOH A . 
D 4 HOH 62 663 70  HOH HOH A . 
D 4 HOH 63 664 71  HOH HOH A . 
D 4 HOH 64 665 72  HOH HOH A . 
D 4 HOH 65 666 73  HOH HOH A . 
D 4 HOH 66 667 74  HOH HOH A . 
D 4 HOH 67 668 75  HOH HOH A . 
D 4 HOH 68 669 76  HOH HOH A . 
D 4 HOH 69 670 77  HOH HOH A . 
D 4 HOH 70 671 78  HOH HOH A . 
D 4 HOH 71 672 79  HOH HOH A . 
D 4 HOH 72 673 80  HOH HOH A . 
D 4 HOH 73 674 81  HOH HOH A . 
D 4 HOH 74 675 82  HOH HOH A . 
D 4 HOH 75 676 83  HOH HOH A . 
D 4 HOH 76 677 84  HOH HOH A . 
D 4 HOH 77 678 85  HOH HOH A . 
D 4 HOH 78 679 88  HOH HOH A . 
D 4 HOH 79 680 89  HOH HOH A . 
D 4 HOH 80 681 90  HOH HOH A . 
D 4 HOH 81 682 91  HOH HOH A . 
D 4 HOH 82 683 92  HOH HOH A . 
D 4 HOH 83 684 93  HOH HOH A . 
D 4 HOH 84 685 94  HOH HOH A . 
D 4 HOH 85 686 95  HOH HOH A . 
D 4 HOH 86 687 96  HOH HOH A . 
D 4 HOH 87 688 97  HOH HOH A . 
D 4 HOH 88 689 98  HOH HOH A . 
D 4 HOH 89 690 99  HOH HOH A . 
D 4 HOH 90 691 100 HOH HOH A . 
E 4 HOH 1  71  10  HOH HOH B . 
E 4 HOH 2  72  15  HOH HOH B . 
E 4 HOH 3  73  26  HOH HOH B . 
E 4 HOH 4  74  28  HOH HOH B . 
E 4 HOH 5  75  32  HOH HOH B . 
E 4 HOH 6  76  38  HOH HOH B . 
E 4 HOH 7  77  44  HOH HOH B . 
E 4 HOH 8  78  61  HOH HOH B . 
E 4 HOH 9  79  86  HOH HOH B . 
E 4 HOH 10 80  87  HOH HOH B . 
# 
_pdbx_struct_assembly.id                   1 
_pdbx_struct_assembly.details              author_defined_assembly 
_pdbx_struct_assembly.method_details       ? 
_pdbx_struct_assembly.oligomeric_details   tetrameric 
_pdbx_struct_assembly.oligomeric_count     4 
# 
_pdbx_struct_assembly_gen.assembly_id       1 
_pdbx_struct_assembly_gen.oper_expression   1,2 
_pdbx_struct_assembly_gen.asym_id_list      A,B,C,D,E 
# 
loop_
_pdbx_struct_oper_list.id 
_pdbx_struct_oper_list.type 
_pdbx_struct_oper_list.name 
_pdbx_struct_oper_list.symmetry_operation 
_pdbx_struct_oper_list.matrix[1][1] 
_pdbx_struct_oper_list.matrix[1][2] 
_pdbx_struct_oper_list.matrix[1][3] 
_pdbx_struct_oper_list.vector[1] 
_pdbx_struct_oper_list.matrix[2][1] 
_pdbx_struct_oper_list.matrix[2][2] 
_pdbx_struct_oper_list.matrix[2][3] 
_pdbx_struct_oper_list.vector[2] 
_pdbx_struct_oper_list.matrix[3][1] 
_pdbx_struct_oper_list.matrix[3][2] 
_pdbx_struct_oper_list.matrix[3][3] 
_pdbx_struct_oper_list.vector[3] 
1 'identity operation'         1_555 x,y,z         1.0000000000  0.0000000000  0.0000000000 0.0000000000   0.0000000000  1.0000000000  0.0000000000  0.0000000000  0.0000000000 0.0000000000  1.0000000000 0.0000000000  
2 'crystal symmetry operation' 3_655 -x+1,y,-z+1/2 -0.3918828934 -0.0665516722 0.9176048566 -21.6891534206 -0.0665516722 -0.9927166577 -0.1004216736 16.8709460578 0.9176048566 -0.1004216736 0.3845995510 15.5974925282 
# 
loop_
_pdbx_struct_conn_angle.id 
_pdbx_struct_conn_angle.ptnr1_label_atom_id 
_pdbx_struct_conn_angle.ptnr1_label_alt_id 
_pdbx_struct_conn_angle.ptnr1_label_asym_id 
_pdbx_struct_conn_angle.ptnr1_label_comp_id 
_pdbx_struct_conn_angle.ptnr1_label_seq_id 
_pdbx_struct_conn_angle.ptnr1_auth_atom_id 
_pdbx_struct_conn_angle.ptnr1_auth_asym_id 
_pdbx_struct_conn_angle.ptnr1_auth_comp_id 
_pdbx_struct_conn_angle.ptnr1_auth_seq_id 
_pdbx_struct_conn_angle.ptnr1_PDB_ins_code 
_pdbx_struct_conn_angle.ptnr1_symmetry 
_pdbx_struct_conn_angle.ptnr2_label_atom_id 
_pdbx_struct_conn_angle.ptnr2_label_alt_id 
_pdbx_struct_conn_angle.ptnr2_label_asym_id 
_pdbx_struct_conn_angle.ptnr2_label_comp_id 
_pdbx_struct_conn_angle.ptnr2_label_seq_id 
_pdbx_struct_conn_angle.ptnr2_auth_atom_id 
_pdbx_struct_conn_angle.ptnr2_auth_asym_id 
_pdbx_struct_conn_angle.ptnr2_auth_comp_id 
_pdbx_struct_conn_angle.ptnr2_auth_seq_id 
_pdbx_struct_conn_angle.ptnr2_PDB_ins_code 
_pdbx_struct_conn_angle.ptnr2_symmetry 
_pdbx_struct_conn_angle.ptnr3_label_atom_id 
_pdbx_struct_conn_angle.ptnr3_label_alt_id 
_pdbx_struct_conn_angle.ptnr3_label_asym_id 
_pdbx_struct_conn_angle.ptnr3_label_comp_id 
_pdbx_struct_conn_angle.ptnr3_label_seq_id 
_pdbx_struct_conn_angle.ptnr3_auth_atom_id 
_pdbx_struct_conn_angle.ptnr3_auth_asym_id 
_pdbx_struct_conn_angle.ptnr3_auth_comp_id 
_pdbx_struct_conn_angle.ptnr3_auth_seq_id 
_pdbx_struct_conn_angle.ptnr3_PDB_ins_code 
_pdbx_struct_conn_angle.ptnr3_symmetry 
_pdbx_struct_conn_angle.value 
_pdbx_struct_conn_angle.value_esd 
1 SG  ? A CYS 39 ? A CYS 128 ? 1_555 ZN ? C ZN . ? A ZN 601 ? 1_555 SG  ? A CYS 46 ? A CYS 135 ? 1_555 111.1 ? 
2 SG  ? A CYS 39 ? A CYS 128 ? 1_555 ZN ? C ZN . ? A ZN 601 ? 1_555 NE2 ? A HIS 58 ? A HIS 147 ? 1_555 109.6 ? 
3 SG  ? A CYS 46 ? A CYS 135 ? 1_555 ZN ? C ZN . ? A ZN 601 ? 1_555 NE2 ? A HIS 58 ? A HIS 147 ? 1_555 113.0 ? 
4 SG  ? A CYS 39 ? A CYS 128 ? 1_555 ZN ? C ZN . ? A ZN 601 ? 1_555 NE2 ? A HIS 63 ? A HIS 152 ? 1_555 100.7 ? 
5 SG  ? A CYS 46 ? A CYS 135 ? 1_555 ZN ? C ZN . ? A ZN 601 ? 1_555 NE2 ? A HIS 63 ? A HIS 152 ? 1_555 120.0 ? 
6 NE2 ? A HIS 58 ? A HIS 147 ? 1_555 ZN ? C ZN . ? A ZN 601 ? 1_555 NE2 ? A HIS 63 ? A HIS 152 ? 1_555 101.4 ? 
# 
loop_
_pdbx_audit_revision_history.ordinal 
_pdbx_audit_revision_history.data_content_type 
_pdbx_audit_revision_history.major_revision 
_pdbx_audit_revision_history.minor_revision 
_pdbx_audit_revision_history.revision_date 
1 'Structure model' 1 0 2005-08-09 
2 'Structure model' 1 1 2008-04-30 
3 'Structure model' 1 2 2011-07-13 
4 'Structure model' 1 3 2023-08-23 
# 
_pdbx_audit_revision_details.ordinal             1 
_pdbx_audit_revision_details.revision_ordinal    1 
_pdbx_audit_revision_details.data_content_type   'Structure model' 
_pdbx_audit_revision_details.provider            repository 
_pdbx_audit_revision_details.type                'Initial release' 
_pdbx_audit_revision_details.description         ? 
_pdbx_audit_revision_details.details             ? 
# 
loop_
_pdbx_audit_revision_group.ordinal 
_pdbx_audit_revision_group.revision_ordinal 
_pdbx_audit_revision_group.data_content_type 
_pdbx_audit_revision_group.group 
1 2 'Structure model' 'Version format compliance' 
2 3 'Structure model' Advisory                    
3 3 'Structure model' 'Version format compliance' 
4 4 'Structure model' 'Data collection'           
5 4 'Structure model' 'Database references'       
6 4 'Structure model' 'Derived calculations'      
7 4 'Structure model' 'Refinement description'    
# 
loop_
_pdbx_audit_revision_category.ordinal 
_pdbx_audit_revision_category.revision_ordinal 
_pdbx_audit_revision_category.data_content_type 
_pdbx_audit_revision_category.category 
1 4 'Structure model' chem_comp_atom                
2 4 'Structure model' chem_comp_bond                
3 4 'Structure model' database_2                    
4 4 'Structure model' pdbx_initial_refinement_model 
5 4 'Structure model' struct_site                   
# 
loop_
_pdbx_audit_revision_item.ordinal 
_pdbx_audit_revision_item.revision_ordinal 
_pdbx_audit_revision_item.data_content_type 
_pdbx_audit_revision_item.item 
1 4 'Structure model' '_database_2.pdbx_DOI'                
2 4 'Structure model' '_database_2.pdbx_database_accession' 
3 4 'Structure model' '_struct_site.pdbx_auth_asym_id'      
4 4 'Structure model' '_struct_site.pdbx_auth_comp_id'      
5 4 'Structure model' '_struct_site.pdbx_auth_seq_id'       
# 
_pdbx_refine_tls.id               1 
_pdbx_refine_tls.details          ? 
_pdbx_refine_tls.method           refined 
_pdbx_refine_tls.origin_x         -0.1912 
_pdbx_refine_tls.origin_y         0.1096 
_pdbx_refine_tls.origin_z         0.1643 
_pdbx_refine_tls.T[1][1]          0.0543 
_pdbx_refine_tls.T[2][2]          0.1217 
_pdbx_refine_tls.T[3][3]          0.0450 
_pdbx_refine_tls.T[1][2]          -0.0082 
_pdbx_refine_tls.T[1][3]          -0.0490 
_pdbx_refine_tls.T[2][3]          0.0168 
_pdbx_refine_tls.L[1][1]          6.8602 
_pdbx_refine_tls.L[2][2]          4.9253 
_pdbx_refine_tls.L[3][3]          5.4717 
_pdbx_refine_tls.L[1][2]          -2.6762 
_pdbx_refine_tls.L[1][3]          -3.1203 
_pdbx_refine_tls.L[2][3]          1.0010 
_pdbx_refine_tls.S[1][1]          0.2123 
_pdbx_refine_tls.S[1][2]          0.5059 
_pdbx_refine_tls.S[1][3]          0.2482 
_pdbx_refine_tls.S[2][1]          -0.2806 
_pdbx_refine_tls.S[2][2]          0.0070 
_pdbx_refine_tls.S[2][3]          -0.1365 
_pdbx_refine_tls.S[3][1]          0.1419 
_pdbx_refine_tls.S[3][2]          -0.3123 
_pdbx_refine_tls.S[3][3]          -0.2193 
_pdbx_refine_tls.pdbx_refine_id   'X-RAY DIFFRACTION' 
# 
loop_
_pdbx_refine_tls_group.id 
_pdbx_refine_tls_group.refine_tls_id 
_pdbx_refine_tls_group.beg_auth_asym_id 
_pdbx_refine_tls_group.beg_auth_seq_id 
_pdbx_refine_tls_group.beg_label_asym_id 
_pdbx_refine_tls_group.beg_label_seq_id 
_pdbx_refine_tls_group.end_auth_asym_id 
_pdbx_refine_tls_group.end_auth_seq_id 
_pdbx_refine_tls_group.end_label_asym_id 
_pdbx_refine_tls_group.end_label_seq_id 
_pdbx_refine_tls_group.selection 
_pdbx_refine_tls_group.pdbx_refine_id 
_pdbx_refine_tls_group.selection_details 
1 1 A 125 A 36 A 282 A 193 ? 'X-RAY DIFFRACTION' ? 
2 1 A 601 C ?  A 601 C ?   ? 'X-RAY DIFFRACTION' ? 
3 1 B 59  B 2  B 67  B 10  ? 'X-RAY DIFFRACTION' ? 
4 1 A 602 D ?  A 691 D ?   ? 'X-RAY DIFFRACTION' ? 
# 
loop_
_software.name 
_software.classification 
_software.version 
_software.citation_id 
_software.pdbx_ordinal 
REFMAC    refinement       5.1.24 ? 1 
DENZO     'data reduction' .      ? 2 
SCALEPACK 'data scaling'   .      ? 3 
MOLREP    phasing          .      ? 4 
# 
loop_
_pdbx_validate_close_contact.id 
_pdbx_validate_close_contact.PDB_model_num 
_pdbx_validate_close_contact.auth_atom_id_1 
_pdbx_validate_close_contact.auth_asym_id_1 
_pdbx_validate_close_contact.auth_comp_id_1 
_pdbx_validate_close_contact.auth_seq_id_1 
_pdbx_validate_close_contact.PDB_ins_code_1 
_pdbx_validate_close_contact.label_alt_id_1 
_pdbx_validate_close_contact.auth_atom_id_2 
_pdbx_validate_close_contact.auth_asym_id_2 
_pdbx_validate_close_contact.auth_comp_id_2 
_pdbx_validate_close_contact.auth_seq_id_2 
_pdbx_validate_close_contact.PDB_ins_code_2 
_pdbx_validate_close_contact.label_alt_id_2 
_pdbx_validate_close_contact.dist 
1 1 O A HOH 629 ? ? O A HOH 684 ? ? 1.84 
2 1 O A HOH 626 ? ? O A HOH 666 ? ? 1.99 
3 1 O A HOH 605 ? ? O A HOH 652 ? ? 2.01 
# 
_pdbx_validate_rmsd_angle.id                         1 
_pdbx_validate_rmsd_angle.PDB_model_num              1 
_pdbx_validate_rmsd_angle.auth_atom_id_1             CB 
_pdbx_validate_rmsd_angle.auth_asym_id_1             A 
_pdbx_validate_rmsd_angle.auth_comp_id_1             ASP 
_pdbx_validate_rmsd_angle.auth_seq_id_1              177 
_pdbx_validate_rmsd_angle.PDB_ins_code_1             ? 
_pdbx_validate_rmsd_angle.label_alt_id_1             ? 
_pdbx_validate_rmsd_angle.auth_atom_id_2             CG 
_pdbx_validate_rmsd_angle.auth_asym_id_2             A 
_pdbx_validate_rmsd_angle.auth_comp_id_2             ASP 
_pdbx_validate_rmsd_angle.auth_seq_id_2              177 
_pdbx_validate_rmsd_angle.PDB_ins_code_2             ? 
_pdbx_validate_rmsd_angle.label_alt_id_2             ? 
_pdbx_validate_rmsd_angle.auth_atom_id_3             OD2 
_pdbx_validate_rmsd_angle.auth_asym_id_3             A 
_pdbx_validate_rmsd_angle.auth_comp_id_3             ASP 
_pdbx_validate_rmsd_angle.auth_seq_id_3              177 
_pdbx_validate_rmsd_angle.PDB_ins_code_3             ? 
_pdbx_validate_rmsd_angle.label_alt_id_3             ? 
_pdbx_validate_rmsd_angle.angle_value                124.28 
_pdbx_validate_rmsd_angle.angle_target_value         118.30 
_pdbx_validate_rmsd_angle.angle_deviation            5.98 
_pdbx_validate_rmsd_angle.angle_standard_deviation   0.90 
_pdbx_validate_rmsd_angle.linker_flag                N 
# 
loop_
_pdbx_validate_torsion.id 
_pdbx_validate_torsion.PDB_model_num 
_pdbx_validate_torsion.auth_comp_id 
_pdbx_validate_torsion.auth_asym_id 
_pdbx_validate_torsion.auth_seq_id 
_pdbx_validate_torsion.PDB_ins_code 
_pdbx_validate_torsion.label_alt_id 
_pdbx_validate_torsion.phi 
_pdbx_validate_torsion.psi 
1 1 ILE A 170 ? ? -68.93  5.51    
2 1 HIS A 230 ? ? -58.59  102.16  
3 1 CYS A 256 ? ? -178.85 -174.82 
4 1 GLU A 269 ? ? -69.40  -104.92 
# 
loop_
_pdbx_unobs_or_zero_occ_residues.id 
_pdbx_unobs_or_zero_occ_residues.PDB_model_num 
_pdbx_unobs_or_zero_occ_residues.polymer_flag 
_pdbx_unobs_or_zero_occ_residues.occupancy_flag 
_pdbx_unobs_or_zero_occ_residues.auth_asym_id 
_pdbx_unobs_or_zero_occ_residues.auth_comp_id 
_pdbx_unobs_or_zero_occ_residues.auth_seq_id 
_pdbx_unobs_or_zero_occ_residues.PDB_ins_code 
_pdbx_unobs_or_zero_occ_residues.label_asym_id 
_pdbx_unobs_or_zero_occ_residues.label_comp_id 
_pdbx_unobs_or_zero_occ_residues.label_seq_id 
1  1 Y 1 A VAL 90  ? A VAL 1   
2  1 Y 1 A ALA 91  ? A ALA 2   
3  1 Y 1 A ASN 92  ? A ASN 3   
4  1 Y 1 A SER 93  ? A SER 4   
5  1 Y 1 A VAL 94  ? A VAL 5   
6  1 Y 1 A LEU 95  ? A LEU 6   
7  1 Y 1 A PHE 96  ? A PHE 7   
8  1 Y 1 A PRO 97  ? A PRO 8   
9  1 Y 1 A CYS 98  ? A CYS 9   
10 1 Y 1 A LYS 99  ? A LYS 10  
11 1 Y 1 A TYR 100 ? A TYR 11  
12 1 Y 1 A ALA 101 ? A ALA 12  
13 1 Y 1 A SER 102 ? A SER 13  
14 1 Y 1 A SER 103 ? A SER 14  
15 1 Y 1 A GLY 104 ? A GLY 15  
16 1 Y 1 A CYS 105 ? A CYS 16  
17 1 Y 1 A GLU 106 ? A GLU 17  
18 1 Y 1 A ILE 107 ? A ILE 18  
19 1 Y 1 A THR 108 ? A THR 19  
20 1 Y 1 A LEU 109 ? A LEU 20  
21 1 Y 1 A PRO 110 ? A PRO 21  
22 1 Y 1 A HIS 111 ? A HIS 22  
23 1 Y 1 A THR 112 ? A THR 23  
24 1 Y 1 A GLU 113 ? A GLU 24  
25 1 Y 1 A LYS 114 ? A LYS 25  
26 1 Y 1 A ALA 115 ? A ALA 26  
27 1 Y 1 A ASP 116 ? A ASP 27  
28 1 Y 1 A HIS 117 ? A HIS 28  
29 1 Y 1 A GLU 118 ? A GLU 29  
30 1 Y 1 A GLU 119 ? A GLU 30  
31 1 Y 1 A LEU 120 ? A LEU 31  
32 1 Y 1 A CYS 121 ? A CYS 32  
33 1 Y 1 A GLU 122 ? A GLU 33  
34 1 Y 1 A PHE 123 ? A PHE 34  
35 1 Y 1 A ARG 124 ? A ARG 35  
36 1 Y 1 A GLY 132 ? A GLY 43  
37 1 Y 1 A ALA 133 ? A ALA 44  
38 1 Y 1 A LEU 172 ? A LEU 83  
39 1 Y 1 A PRO 173 ? A PRO 84  
40 1 Y 1 A GLY 174 ? A GLY 85  
41 1 Y 1 A ALA 175 ? A ALA 86  
42 1 Y 1 A GLU 197 ? A GLU 108 
43 1 Y 1 A LYS 198 ? A LYS 109 
44 1 Y 1 A TYR 199 ? A TYR 110 
45 1 Y 1 A ASP 200 ? A ASP 111 
46 1 Y 1 A GLY 201 ? A GLY 112 
47 1 Y 1 A HIS 202 ? A HIS 113 
48 1 Y 1 B GLU 58  ? B GLU 1   
49 1 Y 1 B THR 68  ? B THR 11  
50 1 Y 1 B THR 69  ? B THR 12  
51 1 Y 1 B GLY 70  ? B GLY 13  
# 
loop_
_chem_comp_atom.comp_id 
_chem_comp_atom.atom_id 
_chem_comp_atom.type_symbol 
_chem_comp_atom.pdbx_aromatic_flag 
_chem_comp_atom.pdbx_stereo_config 
_chem_comp_atom.pdbx_ordinal 
ALA N    N  N N 1   
ALA CA   C  N S 2   
ALA C    C  N N 3   
ALA O    O  N N 4   
ALA CB   C  N N 5   
ALA OXT  O  N N 6   
ALA H    H  N N 7   
ALA H2   H  N N 8   
ALA HA   H  N N 9   
ALA HB1  H  N N 10  
ALA HB2  H  N N 11  
ALA HB3  H  N N 12  
ALA HXT  H  N N 13  
ARG N    N  N N 14  
ARG CA   C  N S 15  
ARG C    C  N N 16  
ARG O    O  N N 17  
ARG CB   C  N N 18  
ARG CG   C  N N 19  
ARG CD   C  N N 20  
ARG NE   N  N N 21  
ARG CZ   C  N N 22  
ARG NH1  N  N N 23  
ARG NH2  N  N N 24  
ARG OXT  O  N N 25  
ARG H    H  N N 26  
ARG H2   H  N N 27  
ARG HA   H  N N 28  
ARG HB2  H  N N 29  
ARG HB3  H  N N 30  
ARG HG2  H  N N 31  
ARG HG3  H  N N 32  
ARG HD2  H  N N 33  
ARG HD3  H  N N 34  
ARG HE   H  N N 35  
ARG HH11 H  N N 36  
ARG HH12 H  N N 37  
ARG HH21 H  N N 38  
ARG HH22 H  N N 39  
ARG HXT  H  N N 40  
ASN N    N  N N 41  
ASN CA   C  N S 42  
ASN C    C  N N 43  
ASN O    O  N N 44  
ASN CB   C  N N 45  
ASN CG   C  N N 46  
ASN OD1  O  N N 47  
ASN ND2  N  N N 48  
ASN OXT  O  N N 49  
ASN H    H  N N 50  
ASN H2   H  N N 51  
ASN HA   H  N N 52  
ASN HB2  H  N N 53  
ASN HB3  H  N N 54  
ASN HD21 H  N N 55  
ASN HD22 H  N N 56  
ASN HXT  H  N N 57  
ASP N    N  N N 58  
ASP CA   C  N S 59  
ASP C    C  N N 60  
ASP O    O  N N 61  
ASP CB   C  N N 62  
ASP CG   C  N N 63  
ASP OD1  O  N N 64  
ASP OD2  O  N N 65  
ASP OXT  O  N N 66  
ASP H    H  N N 67  
ASP H2   H  N N 68  
ASP HA   H  N N 69  
ASP HB2  H  N N 70  
ASP HB3  H  N N 71  
ASP HD2  H  N N 72  
ASP HXT  H  N N 73  
CYS N    N  N N 74  
CYS CA   C  N R 75  
CYS C    C  N N 76  
CYS O    O  N N 77  
CYS CB   C  N N 78  
CYS SG   S  N N 79  
CYS OXT  O  N N 80  
CYS H    H  N N 81  
CYS H2   H  N N 82  
CYS HA   H  N N 83  
CYS HB2  H  N N 84  
CYS HB3  H  N N 85  
CYS HG   H  N N 86  
CYS HXT  H  N N 87  
GLN N    N  N N 88  
GLN CA   C  N S 89  
GLN C    C  N N 90  
GLN O    O  N N 91  
GLN CB   C  N N 92  
GLN CG   C  N N 93  
GLN CD   C  N N 94  
GLN OE1  O  N N 95  
GLN NE2  N  N N 96  
GLN OXT  O  N N 97  
GLN H    H  N N 98  
GLN H2   H  N N 99  
GLN HA   H  N N 100 
GLN HB2  H  N N 101 
GLN HB3  H  N N 102 
GLN HG2  H  N N 103 
GLN HG3  H  N N 104 
GLN HE21 H  N N 105 
GLN HE22 H  N N 106 
GLN HXT  H  N N 107 
GLU N    N  N N 108 
GLU CA   C  N S 109 
GLU C    C  N N 110 
GLU O    O  N N 111 
GLU CB   C  N N 112 
GLU CG   C  N N 113 
GLU CD   C  N N 114 
GLU OE1  O  N N 115 
GLU OE2  O  N N 116 
GLU OXT  O  N N 117 
GLU H    H  N N 118 
GLU H2   H  N N 119 
GLU HA   H  N N 120 
GLU HB2  H  N N 121 
GLU HB3  H  N N 122 
GLU HG2  H  N N 123 
GLU HG3  H  N N 124 
GLU HE2  H  N N 125 
GLU HXT  H  N N 126 
GLY N    N  N N 127 
GLY CA   C  N N 128 
GLY C    C  N N 129 
GLY O    O  N N 130 
GLY OXT  O  N N 131 
GLY H    H  N N 132 
GLY H2   H  N N 133 
GLY HA2  H  N N 134 
GLY HA3  H  N N 135 
GLY HXT  H  N N 136 
HIS N    N  N N 137 
HIS CA   C  N S 138 
HIS C    C  N N 139 
HIS O    O  N N 140 
HIS CB   C  N N 141 
HIS CG   C  Y N 142 
HIS ND1  N  Y N 143 
HIS CD2  C  Y N 144 
HIS CE1  C  Y N 145 
HIS NE2  N  Y N 146 
HIS OXT  O  N N 147 
HIS H    H  N N 148 
HIS H2   H  N N 149 
HIS HA   H  N N 150 
HIS HB2  H  N N 151 
HIS HB3  H  N N 152 
HIS HD1  H  N N 153 
HIS HD2  H  N N 154 
HIS HE1  H  N N 155 
HIS HE2  H  N N 156 
HIS HXT  H  N N 157 
HOH O    O  N N 158 
HOH H1   H  N N 159 
HOH H2   H  N N 160 
ILE N    N  N N 161 
ILE CA   C  N S 162 
ILE C    C  N N 163 
ILE O    O  N N 164 
ILE CB   C  N S 165 
ILE CG1  C  N N 166 
ILE CG2  C  N N 167 
ILE CD1  C  N N 168 
ILE OXT  O  N N 169 
ILE H    H  N N 170 
ILE H2   H  N N 171 
ILE HA   H  N N 172 
ILE HB   H  N N 173 
ILE HG12 H  N N 174 
ILE HG13 H  N N 175 
ILE HG21 H  N N 176 
ILE HG22 H  N N 177 
ILE HG23 H  N N 178 
ILE HD11 H  N N 179 
ILE HD12 H  N N 180 
ILE HD13 H  N N 181 
ILE HXT  H  N N 182 
LEU N    N  N N 183 
LEU CA   C  N S 184 
LEU C    C  N N 185 
LEU O    O  N N 186 
LEU CB   C  N N 187 
LEU CG   C  N N 188 
LEU CD1  C  N N 189 
LEU CD2  C  N N 190 
LEU OXT  O  N N 191 
LEU H    H  N N 192 
LEU H2   H  N N 193 
LEU HA   H  N N 194 
LEU HB2  H  N N 195 
LEU HB3  H  N N 196 
LEU HG   H  N N 197 
LEU HD11 H  N N 198 
LEU HD12 H  N N 199 
LEU HD13 H  N N 200 
LEU HD21 H  N N 201 
LEU HD22 H  N N 202 
LEU HD23 H  N N 203 
LEU HXT  H  N N 204 
LYS N    N  N N 205 
LYS CA   C  N S 206 
LYS C    C  N N 207 
LYS O    O  N N 208 
LYS CB   C  N N 209 
LYS CG   C  N N 210 
LYS CD   C  N N 211 
LYS CE   C  N N 212 
LYS NZ   N  N N 213 
LYS OXT  O  N N 214 
LYS H    H  N N 215 
LYS H2   H  N N 216 
LYS HA   H  N N 217 
LYS HB2  H  N N 218 
LYS HB3  H  N N 219 
LYS HG2  H  N N 220 
LYS HG3  H  N N 221 
LYS HD2  H  N N 222 
LYS HD3  H  N N 223 
LYS HE2  H  N N 224 
LYS HE3  H  N N 225 
LYS HZ1  H  N N 226 
LYS HZ2  H  N N 227 
LYS HZ3  H  N N 228 
LYS HXT  H  N N 229 
MET N    N  N N 230 
MET CA   C  N S 231 
MET C    C  N N 232 
MET O    O  N N 233 
MET CB   C  N N 234 
MET CG   C  N N 235 
MET SD   S  N N 236 
MET CE   C  N N 237 
MET OXT  O  N N 238 
MET H    H  N N 239 
MET H2   H  N N 240 
MET HA   H  N N 241 
MET HB2  H  N N 242 
MET HB3  H  N N 243 
MET HG2  H  N N 244 
MET HG3  H  N N 245 
MET HE1  H  N N 246 
MET HE2  H  N N 247 
MET HE3  H  N N 248 
MET HXT  H  N N 249 
PHE N    N  N N 250 
PHE CA   C  N S 251 
PHE C    C  N N 252 
PHE O    O  N N 253 
PHE CB   C  N N 254 
PHE CG   C  Y N 255 
PHE CD1  C  Y N 256 
PHE CD2  C  Y N 257 
PHE CE1  C  Y N 258 
PHE CE2  C  Y N 259 
PHE CZ   C  Y N 260 
PHE OXT  O  N N 261 
PHE H    H  N N 262 
PHE H2   H  N N 263 
PHE HA   H  N N 264 
PHE HB2  H  N N 265 
PHE HB3  H  N N 266 
PHE HD1  H  N N 267 
PHE HD2  H  N N 268 
PHE HE1  H  N N 269 
PHE HE2  H  N N 270 
PHE HZ   H  N N 271 
PHE HXT  H  N N 272 
PRO N    N  N N 273 
PRO CA   C  N S 274 
PRO C    C  N N 275 
PRO O    O  N N 276 
PRO CB   C  N N 277 
PRO CG   C  N N 278 
PRO CD   C  N N 279 
PRO OXT  O  N N 280 
PRO H    H  N N 281 
PRO HA   H  N N 282 
PRO HB2  H  N N 283 
PRO HB3  H  N N 284 
PRO HG2  H  N N 285 
PRO HG3  H  N N 286 
PRO HD2  H  N N 287 
PRO HD3  H  N N 288 
PRO HXT  H  N N 289 
SER N    N  N N 290 
SER CA   C  N S 291 
SER C    C  N N 292 
SER O    O  N N 293 
SER CB   C  N N 294 
SER OG   O  N N 295 
SER OXT  O  N N 296 
SER H    H  N N 297 
SER H2   H  N N 298 
SER HA   H  N N 299 
SER HB2  H  N N 300 
SER HB3  H  N N 301 
SER HG   H  N N 302 
SER HXT  H  N N 303 
THR N    N  N N 304 
THR CA   C  N S 305 
THR C    C  N N 306 
THR O    O  N N 307 
THR CB   C  N R 308 
THR OG1  O  N N 309 
THR CG2  C  N N 310 
THR OXT  O  N N 311 
THR H    H  N N 312 
THR H2   H  N N 313 
THR HA   H  N N 314 
THR HB   H  N N 315 
THR HG1  H  N N 316 
THR HG21 H  N N 317 
THR HG22 H  N N 318 
THR HG23 H  N N 319 
THR HXT  H  N N 320 
TRP N    N  N N 321 
TRP CA   C  N S 322 
TRP C    C  N N 323 
TRP O    O  N N 324 
TRP CB   C  N N 325 
TRP CG   C  Y N 326 
TRP CD1  C  Y N 327 
TRP CD2  C  Y N 328 
TRP NE1  N  Y N 329 
TRP CE2  C  Y N 330 
TRP CE3  C  Y N 331 
TRP CZ2  C  Y N 332 
TRP CZ3  C  Y N 333 
TRP CH2  C  Y N 334 
TRP OXT  O  N N 335 
TRP H    H  N N 336 
TRP H2   H  N N 337 
TRP HA   H  N N 338 
TRP HB2  H  N N 339 
TRP HB3  H  N N 340 
TRP HD1  H  N N 341 
TRP HE1  H  N N 342 
TRP HE3  H  N N 343 
TRP HZ2  H  N N 344 
TRP HZ3  H  N N 345 
TRP HH2  H  N N 346 
TRP HXT  H  N N 347 
TYR N    N  N N 348 
TYR CA   C  N S 349 
TYR C    C  N N 350 
TYR O    O  N N 351 
TYR CB   C  N N 352 
TYR CG   C  Y N 353 
TYR CD1  C  Y N 354 
TYR CD2  C  Y N 355 
TYR CE1  C  Y N 356 
TYR CE2  C  Y N 357 
TYR CZ   C  Y N 358 
TYR OH   O  N N 359 
TYR OXT  O  N N 360 
TYR H    H  N N 361 
TYR H2   H  N N 362 
TYR HA   H  N N 363 
TYR HB2  H  N N 364 
TYR HB3  H  N N 365 
TYR HD1  H  N N 366 
TYR HD2  H  N N 367 
TYR HE1  H  N N 368 
TYR HE2  H  N N 369 
TYR HH   H  N N 370 
TYR HXT  H  N N 371 
VAL N    N  N N 372 
VAL CA   C  N S 373 
VAL C    C  N N 374 
VAL O    O  N N 375 
VAL CB   C  N N 376 
VAL CG1  C  N N 377 
VAL CG2  C  N N 378 
VAL OXT  O  N N 379 
VAL H    H  N N 380 
VAL H2   H  N N 381 
VAL HA   H  N N 382 
VAL HB   H  N N 383 
VAL HG11 H  N N 384 
VAL HG12 H  N N 385 
VAL HG13 H  N N 386 
VAL HG21 H  N N 387 
VAL HG22 H  N N 388 
VAL HG23 H  N N 389 
VAL HXT  H  N N 390 
ZN  ZN   ZN N N 391 
# 
loop_
_chem_comp_bond.comp_id 
_chem_comp_bond.atom_id_1 
_chem_comp_bond.atom_id_2 
_chem_comp_bond.value_order 
_chem_comp_bond.pdbx_aromatic_flag 
_chem_comp_bond.pdbx_stereo_config 
_chem_comp_bond.pdbx_ordinal 
ALA N   CA   sing N N 1   
ALA N   H    sing N N 2   
ALA N   H2   sing N N 3   
ALA CA  C    sing N N 4   
ALA CA  CB   sing N N 5   
ALA CA  HA   sing N N 6   
ALA C   O    doub N N 7   
ALA C   OXT  sing N N 8   
ALA CB  HB1  sing N N 9   
ALA CB  HB2  sing N N 10  
ALA CB  HB3  sing N N 11  
ALA OXT HXT  sing N N 12  
ARG N   CA   sing N N 13  
ARG N   H    sing N N 14  
ARG N   H2   sing N N 15  
ARG CA  C    sing N N 16  
ARG CA  CB   sing N N 17  
ARG CA  HA   sing N N 18  
ARG C   O    doub N N 19  
ARG C   OXT  sing N N 20  
ARG CB  CG   sing N N 21  
ARG CB  HB2  sing N N 22  
ARG CB  HB3  sing N N 23  
ARG CG  CD   sing N N 24  
ARG CG  HG2  sing N N 25  
ARG CG  HG3  sing N N 26  
ARG CD  NE   sing N N 27  
ARG CD  HD2  sing N N 28  
ARG CD  HD3  sing N N 29  
ARG NE  CZ   sing N N 30  
ARG NE  HE   sing N N 31  
ARG CZ  NH1  sing N N 32  
ARG CZ  NH2  doub N N 33  
ARG NH1 HH11 sing N N 34  
ARG NH1 HH12 sing N N 35  
ARG NH2 HH21 sing N N 36  
ARG NH2 HH22 sing N N 37  
ARG OXT HXT  sing N N 38  
ASN N   CA   sing N N 39  
ASN N   H    sing N N 40  
ASN N   H2   sing N N 41  
ASN CA  C    sing N N 42  
ASN CA  CB   sing N N 43  
ASN CA  HA   sing N N 44  
ASN C   O    doub N N 45  
ASN C   OXT  sing N N 46  
ASN CB  CG   sing N N 47  
ASN CB  HB2  sing N N 48  
ASN CB  HB3  sing N N 49  
ASN CG  OD1  doub N N 50  
ASN CG  ND2  sing N N 51  
ASN ND2 HD21 sing N N 52  
ASN ND2 HD22 sing N N 53  
ASN OXT HXT  sing N N 54  
ASP N   CA   sing N N 55  
ASP N   H    sing N N 56  
ASP N   H2   sing N N 57  
ASP CA  C    sing N N 58  
ASP CA  CB   sing N N 59  
ASP CA  HA   sing N N 60  
ASP C   O    doub N N 61  
ASP C   OXT  sing N N 62  
ASP CB  CG   sing N N 63  
ASP CB  HB2  sing N N 64  
ASP CB  HB3  sing N N 65  
ASP CG  OD1  doub N N 66  
ASP CG  OD2  sing N N 67  
ASP OD2 HD2  sing N N 68  
ASP OXT HXT  sing N N 69  
CYS N   CA   sing N N 70  
CYS N   H    sing N N 71  
CYS N   H2   sing N N 72  
CYS CA  C    sing N N 73  
CYS CA  CB   sing N N 74  
CYS CA  HA   sing N N 75  
CYS C   O    doub N N 76  
CYS C   OXT  sing N N 77  
CYS CB  SG   sing N N 78  
CYS CB  HB2  sing N N 79  
CYS CB  HB3  sing N N 80  
CYS SG  HG   sing N N 81  
CYS OXT HXT  sing N N 82  
GLN N   CA   sing N N 83  
GLN N   H    sing N N 84  
GLN N   H2   sing N N 85  
GLN CA  C    sing N N 86  
GLN CA  CB   sing N N 87  
GLN CA  HA   sing N N 88  
GLN C   O    doub N N 89  
GLN C   OXT  sing N N 90  
GLN CB  CG   sing N N 91  
GLN CB  HB2  sing N N 92  
GLN CB  HB3  sing N N 93  
GLN CG  CD   sing N N 94  
GLN CG  HG2  sing N N 95  
GLN CG  HG3  sing N N 96  
GLN CD  OE1  doub N N 97  
GLN CD  NE2  sing N N 98  
GLN NE2 HE21 sing N N 99  
GLN NE2 HE22 sing N N 100 
GLN OXT HXT  sing N N 101 
GLU N   CA   sing N N 102 
GLU N   H    sing N N 103 
GLU N   H2   sing N N 104 
GLU CA  C    sing N N 105 
GLU CA  CB   sing N N 106 
GLU CA  HA   sing N N 107 
GLU C   O    doub N N 108 
GLU C   OXT  sing N N 109 
GLU CB  CG   sing N N 110 
GLU CB  HB2  sing N N 111 
GLU CB  HB3  sing N N 112 
GLU CG  CD   sing N N 113 
GLU CG  HG2  sing N N 114 
GLU CG  HG3  sing N N 115 
GLU CD  OE1  doub N N 116 
GLU CD  OE2  sing N N 117 
GLU OE2 HE2  sing N N 118 
GLU OXT HXT  sing N N 119 
GLY N   CA   sing N N 120 
GLY N   H    sing N N 121 
GLY N   H2   sing N N 122 
GLY CA  C    sing N N 123 
GLY CA  HA2  sing N N 124 
GLY CA  HA3  sing N N 125 
GLY C   O    doub N N 126 
GLY C   OXT  sing N N 127 
GLY OXT HXT  sing N N 128 
HIS N   CA   sing N N 129 
HIS N   H    sing N N 130 
HIS N   H2   sing N N 131 
HIS CA  C    sing N N 132 
HIS CA  CB   sing N N 133 
HIS CA  HA   sing N N 134 
HIS C   O    doub N N 135 
HIS C   OXT  sing N N 136 
HIS CB  CG   sing N N 137 
HIS CB  HB2  sing N N 138 
HIS CB  HB3  sing N N 139 
HIS CG  ND1  sing Y N 140 
HIS CG  CD2  doub Y N 141 
HIS ND1 CE1  doub Y N 142 
HIS ND1 HD1  sing N N 143 
HIS CD2 NE2  sing Y N 144 
HIS CD2 HD2  sing N N 145 
HIS CE1 NE2  sing Y N 146 
HIS CE1 HE1  sing N N 147 
HIS NE2 HE2  sing N N 148 
HIS OXT HXT  sing N N 149 
HOH O   H1   sing N N 150 
HOH O   H2   sing N N 151 
ILE N   CA   sing N N 152 
ILE N   H    sing N N 153 
ILE N   H2   sing N N 154 
ILE CA  C    sing N N 155 
ILE CA  CB   sing N N 156 
ILE CA  HA   sing N N 157 
ILE C   O    doub N N 158 
ILE C   OXT  sing N N 159 
ILE CB  CG1  sing N N 160 
ILE CB  CG2  sing N N 161 
ILE CB  HB   sing N N 162 
ILE CG1 CD1  sing N N 163 
ILE CG1 HG12 sing N N 164 
ILE CG1 HG13 sing N N 165 
ILE CG2 HG21 sing N N 166 
ILE CG2 HG22 sing N N 167 
ILE CG2 HG23 sing N N 168 
ILE CD1 HD11 sing N N 169 
ILE CD1 HD12 sing N N 170 
ILE CD1 HD13 sing N N 171 
ILE OXT HXT  sing N N 172 
LEU N   CA   sing N N 173 
LEU N   H    sing N N 174 
LEU N   H2   sing N N 175 
LEU CA  C    sing N N 176 
LEU CA  CB   sing N N 177 
LEU CA  HA   sing N N 178 
LEU C   O    doub N N 179 
LEU C   OXT  sing N N 180 
LEU CB  CG   sing N N 181 
LEU CB  HB2  sing N N 182 
LEU CB  HB3  sing N N 183 
LEU CG  CD1  sing N N 184 
LEU CG  CD2  sing N N 185 
LEU CG  HG   sing N N 186 
LEU CD1 HD11 sing N N 187 
LEU CD1 HD12 sing N N 188 
LEU CD1 HD13 sing N N 189 
LEU CD2 HD21 sing N N 190 
LEU CD2 HD22 sing N N 191 
LEU CD2 HD23 sing N N 192 
LEU OXT HXT  sing N N 193 
LYS N   CA   sing N N 194 
LYS N   H    sing N N 195 
LYS N   H2   sing N N 196 
LYS CA  C    sing N N 197 
LYS CA  CB   sing N N 198 
LYS CA  HA   sing N N 199 
LYS C   O    doub N N 200 
LYS C   OXT  sing N N 201 
LYS CB  CG   sing N N 202 
LYS CB  HB2  sing N N 203 
LYS CB  HB3  sing N N 204 
LYS CG  CD   sing N N 205 
LYS CG  HG2  sing N N 206 
LYS CG  HG3  sing N N 207 
LYS CD  CE   sing N N 208 
LYS CD  HD2  sing N N 209 
LYS CD  HD3  sing N N 210 
LYS CE  NZ   sing N N 211 
LYS CE  HE2  sing N N 212 
LYS CE  HE3  sing N N 213 
LYS NZ  HZ1  sing N N 214 
LYS NZ  HZ2  sing N N 215 
LYS NZ  HZ3  sing N N 216 
LYS OXT HXT  sing N N 217 
MET N   CA   sing N N 218 
MET N   H    sing N N 219 
MET N   H2   sing N N 220 
MET CA  C    sing N N 221 
MET CA  CB   sing N N 222 
MET CA  HA   sing N N 223 
MET C   O    doub N N 224 
MET C   OXT  sing N N 225 
MET CB  CG   sing N N 226 
MET CB  HB2  sing N N 227 
MET CB  HB3  sing N N 228 
MET CG  SD   sing N N 229 
MET CG  HG2  sing N N 230 
MET CG  HG3  sing N N 231 
MET SD  CE   sing N N 232 
MET CE  HE1  sing N N 233 
MET CE  HE2  sing N N 234 
MET CE  HE3  sing N N 235 
MET OXT HXT  sing N N 236 
PHE N   CA   sing N N 237 
PHE N   H    sing N N 238 
PHE N   H2   sing N N 239 
PHE CA  C    sing N N 240 
PHE CA  CB   sing N N 241 
PHE CA  HA   sing N N 242 
PHE C   O    doub N N 243 
PHE C   OXT  sing N N 244 
PHE CB  CG   sing N N 245 
PHE CB  HB2  sing N N 246 
PHE CB  HB3  sing N N 247 
PHE CG  CD1  doub Y N 248 
PHE CG  CD2  sing Y N 249 
PHE CD1 CE1  sing Y N 250 
PHE CD1 HD1  sing N N 251 
PHE CD2 CE2  doub Y N 252 
PHE CD2 HD2  sing N N 253 
PHE CE1 CZ   doub Y N 254 
PHE CE1 HE1  sing N N 255 
PHE CE2 CZ   sing Y N 256 
PHE CE2 HE2  sing N N 257 
PHE CZ  HZ   sing N N 258 
PHE OXT HXT  sing N N 259 
PRO N   CA   sing N N 260 
PRO N   CD   sing N N 261 
PRO N   H    sing N N 262 
PRO CA  C    sing N N 263 
PRO CA  CB   sing N N 264 
PRO CA  HA   sing N N 265 
PRO C   O    doub N N 266 
PRO C   OXT  sing N N 267 
PRO CB  CG   sing N N 268 
PRO CB  HB2  sing N N 269 
PRO CB  HB3  sing N N 270 
PRO CG  CD   sing N N 271 
PRO CG  HG2  sing N N 272 
PRO CG  HG3  sing N N 273 
PRO CD  HD2  sing N N 274 
PRO CD  HD3  sing N N 275 
PRO OXT HXT  sing N N 276 
SER N   CA   sing N N 277 
SER N   H    sing N N 278 
SER N   H2   sing N N 279 
SER CA  C    sing N N 280 
SER CA  CB   sing N N 281 
SER CA  HA   sing N N 282 
SER C   O    doub N N 283 
SER C   OXT  sing N N 284 
SER CB  OG   sing N N 285 
SER CB  HB2  sing N N 286 
SER CB  HB3  sing N N 287 
SER OG  HG   sing N N 288 
SER OXT HXT  sing N N 289 
THR N   CA   sing N N 290 
THR N   H    sing N N 291 
THR N   H2   sing N N 292 
THR CA  C    sing N N 293 
THR CA  CB   sing N N 294 
THR CA  HA   sing N N 295 
THR C   O    doub N N 296 
THR C   OXT  sing N N 297 
THR CB  OG1  sing N N 298 
THR CB  CG2  sing N N 299 
THR CB  HB   sing N N 300 
THR OG1 HG1  sing N N 301 
THR CG2 HG21 sing N N 302 
THR CG2 HG22 sing N N 303 
THR CG2 HG23 sing N N 304 
THR OXT HXT  sing N N 305 
TRP N   CA   sing N N 306 
TRP N   H    sing N N 307 
TRP N   H2   sing N N 308 
TRP CA  C    sing N N 309 
TRP CA  CB   sing N N 310 
TRP CA  HA   sing N N 311 
TRP C   O    doub N N 312 
TRP C   OXT  sing N N 313 
TRP CB  CG   sing N N 314 
TRP CB  HB2  sing N N 315 
TRP CB  HB3  sing N N 316 
TRP CG  CD1  doub Y N 317 
TRP CG  CD2  sing Y N 318 
TRP CD1 NE1  sing Y N 319 
TRP CD1 HD1  sing N N 320 
TRP CD2 CE2  doub Y N 321 
TRP CD2 CE3  sing Y N 322 
TRP NE1 CE2  sing Y N 323 
TRP NE1 HE1  sing N N 324 
TRP CE2 CZ2  sing Y N 325 
TRP CE3 CZ3  doub Y N 326 
TRP CE3 HE3  sing N N 327 
TRP CZ2 CH2  doub Y N 328 
TRP CZ2 HZ2  sing N N 329 
TRP CZ3 CH2  sing Y N 330 
TRP CZ3 HZ3  sing N N 331 
TRP CH2 HH2  sing N N 332 
TRP OXT HXT  sing N N 333 
TYR N   CA   sing N N 334 
TYR N   H    sing N N 335 
TYR N   H2   sing N N 336 
TYR CA  C    sing N N 337 
TYR CA  CB   sing N N 338 
TYR CA  HA   sing N N 339 
TYR C   O    doub N N 340 
TYR C   OXT  sing N N 341 
TYR CB  CG   sing N N 342 
TYR CB  HB2  sing N N 343 
TYR CB  HB3  sing N N 344 
TYR CG  CD1  doub Y N 345 
TYR CG  CD2  sing Y N 346 
TYR CD1 CE1  sing Y N 347 
TYR CD1 HD1  sing N N 348 
TYR CD2 CE2  doub Y N 349 
TYR CD2 HD2  sing N N 350 
TYR CE1 CZ   doub Y N 351 
TYR CE1 HE1  sing N N 352 
TYR CE2 CZ   sing Y N 353 
TYR CE2 HE2  sing N N 354 
TYR CZ  OH   sing N N 355 
TYR OH  HH   sing N N 356 
TYR OXT HXT  sing N N 357 
VAL N   CA   sing N N 358 
VAL N   H    sing N N 359 
VAL N   H2   sing N N 360 
VAL CA  C    sing N N 361 
VAL CA  CB   sing N N 362 
VAL CA  HA   sing N N 363 
VAL C   O    doub N N 364 
VAL C   OXT  sing N N 365 
VAL CB  CG1  sing N N 366 
VAL CB  CG2  sing N N 367 
VAL CB  HB   sing N N 368 
VAL CG1 HG11 sing N N 369 
VAL CG1 HG12 sing N N 370 
VAL CG1 HG13 sing N N 371 
VAL CG2 HG21 sing N N 372 
VAL CG2 HG22 sing N N 373 
VAL CG2 HG23 sing N N 374 
VAL OXT HXT  sing N N 375 
# 
loop_
_pdbx_entity_nonpoly.entity_id 
_pdbx_entity_nonpoly.name 
_pdbx_entity_nonpoly.comp_id 
3 'ZINC ION' ZN  
4 water      HOH 
# 
_pdbx_initial_refinement_model.id               1 
_pdbx_initial_refinement_model.entity_id_list   ? 
_pdbx_initial_refinement_model.type             'experimental model' 
_pdbx_initial_refinement_model.source_name      PDB 
_pdbx_initial_refinement_model.accession_code   1K2F 
_pdbx_initial_refinement_model.details          'pdb entry 1k2f chain A' 
# 
